data_5HWF
# 
_entry.id   5HWF 
# 
_audit_conform.dict_name       mmcif_pdbx.dic 
_audit_conform.dict_version    5.379 
_audit_conform.dict_location   http://mmcif.pdb.org/dictionaries/ascii/mmcif_pdbx.dic 
# 
loop_
_database_2.database_id 
_database_2.database_code 
_database_2.pdbx_database_accession 
_database_2.pdbx_DOI 
PDB   5HWF         pdb_00005hwf 10.2210/pdb5hwf/pdb 
WWPDB D_1000217853 ?            ?                   
# 
loop_
_pdbx_database_related.db_name 
_pdbx_database_related.details 
_pdbx_database_related.db_id 
_pdbx_database_related.content_type 
PDB '4NCP is wild type enzyme.'      4NCP unspecified 
PDB '5EGL is an enzyme with ligands' 5EGL unspecified 
PDB '5EGJ is a mutant'               5EGJ unspecified 
PDB '5EGK is a mutant'               5EGK unspecified 
# 
_pdbx_database_status.status_code                     REL 
_pdbx_database_status.status_code_sf                  REL 
_pdbx_database_status.status_code_mr                  ? 
_pdbx_database_status.entry_id                        5HWF 
_pdbx_database_status.recvd_initial_deposition_date   2016-01-29 
_pdbx_database_status.SG_entry                        N 
_pdbx_database_status.deposit_site                    RCSB 
_pdbx_database_status.process_site                    RCSB 
_pdbx_database_status.status_code_cs                  ? 
_pdbx_database_status.methods_development_category    ? 
_pdbx_database_status.pdb_format_compatible           Y 
_pdbx_database_status.status_code_nmr_data            ? 
# 
loop_
_audit_author.name 
_audit_author.pdbx_ordinal 
'Khandokar, Y.B.'  1 
'Srivastava, P.S.' 2 
'Forwood, J.K.'    3 
# 
_citation.abstract                  ? 
_citation.abstract_id_CAS           ? 
_citation.book_id_ISBN              ? 
_citation.book_publisher            ? 
_citation.book_publisher_city       ? 
_citation.book_title                ? 
_citation.coordinate_linkage        ? 
_citation.country                   ? 
_citation.database_id_Medline       ? 
_citation.details                   ? 
_citation.id                        primary 
_citation.journal_abbrev            'To Be Published' 
_citation.journal_id_ASTM           ? 
_citation.journal_id_CSD            0353 
_citation.journal_id_ISSN           ? 
_citation.journal_full              ? 
_citation.journal_issue             ? 
_citation.journal_volume            ? 
_citation.language                  ? 
_citation.page_first                ? 
_citation.page_last                 ? 
_citation.title                     
'The structural and biochemical characterization of acyl-coa hydrolase from Staphylococcus aureus' 
_citation.year                      ? 
_citation.database_id_CSD           ? 
_citation.pdbx_database_id_DOI      ? 
_citation.pdbx_database_id_PubMed   ? 
_citation.unpublished_flag          ? 
# 
loop_
_citation_author.citation_id 
_citation_author.name 
_citation_author.ordinal 
_citation_author.identifier_ORCID 
primary 'Khandokar, Y.B.'  1 ? 
primary 'Srivastava, P.S.' 2 ? 
primary 'Forwood, J.K.'    3 ? 
# 
_cell.angle_alpha                  90.00 
_cell.angle_alpha_esd              ? 
_cell.angle_beta                   90.00 
_cell.angle_beta_esd               ? 
_cell.angle_gamma                  120.00 
_cell.angle_gamma_esd              ? 
_cell.entry_id                     5HWF 
_cell.details                      ? 
_cell.formula_units_Z              ? 
_cell.length_a                     127.310 
_cell.length_a_esd                 ? 
_cell.length_b                     127.310 
_cell.length_b_esd                 ? 
_cell.length_c                     55.610 
_cell.length_c_esd                 ? 
_cell.volume                       ? 
_cell.volume_esd                   ? 
_cell.Z_PDB                        12 
_cell.reciprocal_angle_alpha       ? 
_cell.reciprocal_angle_beta        ? 
_cell.reciprocal_angle_gamma       ? 
_cell.reciprocal_angle_alpha_esd   ? 
_cell.reciprocal_angle_beta_esd    ? 
_cell.reciprocal_angle_gamma_esd   ? 
_cell.reciprocal_length_a          ? 
_cell.reciprocal_length_b          ? 
_cell.reciprocal_length_c          ? 
_cell.reciprocal_length_a_esd      ? 
_cell.reciprocal_length_b_esd      ? 
_cell.reciprocal_length_c_esd      ? 
_cell.pdbx_unique_axis             ? 
# 
_symmetry.entry_id                         5HWF 
_symmetry.cell_setting                     ? 
_symmetry.Int_Tables_number                182 
_symmetry.space_group_name_Hall            ? 
_symmetry.space_group_name_H-M             'P 63 2 2' 
_symmetry.pdbx_full_space_group_name_H-M   ? 
# 
_entity.id                         1 
_entity.type                       polymer 
_entity.src_method                 man 
_entity.pdbx_description           Thioesterase 
_entity.formula_weight             20221.857 
_entity.pdbx_number_of_molecules   1 
_entity.pdbx_ec                    ? 
_entity.pdbx_mutation              N28A 
_entity.pdbx_fragment              ? 
_entity.details                    ? 
# 
_entity_poly.entity_id                      1 
_entity_poly.type                           'polypeptide(L)' 
_entity_poly.nstd_linkage                   no 
_entity_poly.nstd_monomer                   no 
_entity_poly.pdbx_seq_one_letter_code       
;SNAMTNQDRPMKSMSESKCYKNRQVFPQDTAHHHTMFGGTLMANIDEIAAITAMKHAGAQVVTASTDSVDFLKPIKTGDI
LQYVAMVSYAGTSSMEVVVQIRIDDVFNNKHDLAALSYLTFVALDDEGKPKHVPGVYPEDDVEKWFYDTAPQRVERRKAR
RIESKQTIEYLAQAQHIRD
;
_entity_poly.pdbx_seq_one_letter_code_can   
;SNAMTNQDRPMKSMSESKCYKNRQVFPQDTAHHHTMFGGTLMANIDEIAAITAMKHAGAQVVTASTDSVDFLKPIKTGDI
LQYVAMVSYAGTSSMEVVVQIRIDDVFNNKHDLAALSYLTFVALDDEGKPKHVPGVYPEDDVEKWFYDTAPQRVERRKAR
RIESKQTIEYLAQAQHIRD
;
_entity_poly.pdbx_strand_id                 A 
_entity_poly.pdbx_target_identifier         ? 
# 
loop_
_entity_poly_seq.entity_id 
_entity_poly_seq.num 
_entity_poly_seq.mon_id 
_entity_poly_seq.hetero 
1 1   SER n 
1 2   ASN n 
1 3   ALA n 
1 4   MET n 
1 5   THR n 
1 6   ASN n 
1 7   GLN n 
1 8   ASP n 
1 9   ARG n 
1 10  PRO n 
1 11  MET n 
1 12  LYS n 
1 13  SER n 
1 14  MET n 
1 15  SER n 
1 16  GLU n 
1 17  SER n 
1 18  LYS n 
1 19  CYS n 
1 20  TYR n 
1 21  LYS n 
1 22  ASN n 
1 23  ARG n 
1 24  GLN n 
1 25  VAL n 
1 26  PHE n 
1 27  PRO n 
1 28  GLN n 
1 29  ASP n 
1 30  THR n 
1 31  ALA n 
1 32  HIS n 
1 33  HIS n 
1 34  HIS n 
1 35  THR n 
1 36  MET n 
1 37  PHE n 
1 38  GLY n 
1 39  GLY n 
1 40  THR n 
1 41  LEU n 
1 42  MET n 
1 43  ALA n 
1 44  ASN n 
1 45  ILE n 
1 46  ASP n 
1 47  GLU n 
1 48  ILE n 
1 49  ALA n 
1 50  ALA n 
1 51  ILE n 
1 52  THR n 
1 53  ALA n 
1 54  MET n 
1 55  LYS n 
1 56  HIS n 
1 57  ALA n 
1 58  GLY n 
1 59  ALA n 
1 60  GLN n 
1 61  VAL n 
1 62  VAL n 
1 63  THR n 
1 64  ALA n 
1 65  SER n 
1 66  THR n 
1 67  ASP n 
1 68  SER n 
1 69  VAL n 
1 70  ASP n 
1 71  PHE n 
1 72  LEU n 
1 73  LYS n 
1 74  PRO n 
1 75  ILE n 
1 76  LYS n 
1 77  THR n 
1 78  GLY n 
1 79  ASP n 
1 80  ILE n 
1 81  LEU n 
1 82  GLN n 
1 83  TYR n 
1 84  VAL n 
1 85  ALA n 
1 86  MET n 
1 87  VAL n 
1 88  SER n 
1 89  TYR n 
1 90  ALA n 
1 91  GLY n 
1 92  THR n 
1 93  SER n 
1 94  SER n 
1 95  MET n 
1 96  GLU n 
1 97  VAL n 
1 98  VAL n 
1 99  VAL n 
1 100 GLN n 
1 101 ILE n 
1 102 ARG n 
1 103 ILE n 
1 104 ASP n 
1 105 ASP n 
1 106 VAL n 
1 107 PHE n 
1 108 ASN n 
1 109 ASN n 
1 110 LYS n 
1 111 HIS n 
1 112 ASP n 
1 113 LEU n 
1 114 ALA n 
1 115 ALA n 
1 116 LEU n 
1 117 SER n 
1 118 TYR n 
1 119 LEU n 
1 120 THR n 
1 121 PHE n 
1 122 VAL n 
1 123 ALA n 
1 124 LEU n 
1 125 ASP n 
1 126 ASP n 
1 127 GLU n 
1 128 GLY n 
1 129 LYS n 
1 130 PRO n 
1 131 LYS n 
1 132 HIS n 
1 133 VAL n 
1 134 PRO n 
1 135 GLY n 
1 136 VAL n 
1 137 TYR n 
1 138 PRO n 
1 139 GLU n 
1 140 ASP n 
1 141 ASP n 
1 142 VAL n 
1 143 GLU n 
1 144 LYS n 
1 145 TRP n 
1 146 PHE n 
1 147 TYR n 
1 148 ASP n 
1 149 THR n 
1 150 ALA n 
1 151 PRO n 
1 152 GLN n 
1 153 ARG n 
1 154 VAL n 
1 155 GLU n 
1 156 ARG n 
1 157 ARG n 
1 158 LYS n 
1 159 ALA n 
1 160 ARG n 
1 161 ARG n 
1 162 ILE n 
1 163 GLU n 
1 164 SER n 
1 165 LYS n 
1 166 GLN n 
1 167 THR n 
1 168 ILE n 
1 169 GLU n 
1 170 TYR n 
1 171 LEU n 
1 172 ALA n 
1 173 GLN n 
1 174 ALA n 
1 175 GLN n 
1 176 HIS n 
1 177 ILE n 
1 178 ARG n 
1 179 ASP n 
# 
_entity_src_gen.entity_id                          1 
_entity_src_gen.pdbx_src_id                        1 
_entity_src_gen.pdbx_alt_source_flag               sample 
_entity_src_gen.pdbx_seq_type                      'Biological sequence' 
_entity_src_gen.pdbx_beg_seq_num                   1 
_entity_src_gen.pdbx_end_seq_num                   179 
_entity_src_gen.gene_src_common_name               ? 
_entity_src_gen.gene_src_genus                     ? 
_entity_src_gen.pdbx_gene_src_gene                 SAV1878 
_entity_src_gen.gene_src_species                   ? 
_entity_src_gen.gene_src_strain                    'Mu50 / ATCC 700699' 
_entity_src_gen.gene_src_tissue                    ? 
_entity_src_gen.gene_src_tissue_fraction           ? 
_entity_src_gen.gene_src_details                   ? 
_entity_src_gen.pdbx_gene_src_fragment             ? 
_entity_src_gen.pdbx_gene_src_scientific_name      'Staphylococcus aureus (strain Mu50 / ATCC 700699)' 
_entity_src_gen.pdbx_gene_src_ncbi_taxonomy_id     158878 
_entity_src_gen.pdbx_gene_src_variant              ? 
_entity_src_gen.pdbx_gene_src_cell_line            ? 
_entity_src_gen.pdbx_gene_src_atcc                 ? 
_entity_src_gen.pdbx_gene_src_organ                ? 
_entity_src_gen.pdbx_gene_src_organelle            ? 
_entity_src_gen.pdbx_gene_src_cell                 ? 
_entity_src_gen.pdbx_gene_src_cellular_location    ? 
_entity_src_gen.host_org_common_name               ? 
_entity_src_gen.pdbx_host_org_scientific_name      'Escherichia coli' 
_entity_src_gen.pdbx_host_org_ncbi_taxonomy_id     469008 
_entity_src_gen.host_org_genus                     ? 
_entity_src_gen.pdbx_host_org_gene                 ? 
_entity_src_gen.pdbx_host_org_organ                ? 
_entity_src_gen.host_org_species                   ? 
_entity_src_gen.pdbx_host_org_tissue               ? 
_entity_src_gen.pdbx_host_org_tissue_fraction      ? 
_entity_src_gen.pdbx_host_org_strain               'BL21(DE3)' 
_entity_src_gen.pdbx_host_org_variant              ? 
_entity_src_gen.pdbx_host_org_cell_line            ? 
_entity_src_gen.pdbx_host_org_atcc                 ? 
_entity_src_gen.pdbx_host_org_culture_collection   ? 
_entity_src_gen.pdbx_host_org_cell                 ? 
_entity_src_gen.pdbx_host_org_organelle            ? 
_entity_src_gen.pdbx_host_org_cellular_location    ? 
_entity_src_gen.pdbx_host_org_vector_type          plasmid 
_entity_src_gen.pdbx_host_org_vector               ? 
_entity_src_gen.host_org_details                   ? 
_entity_src_gen.expression_system_id               ? 
_entity_src_gen.plasmid_name                       pMCSG21 
_entity_src_gen.plasmid_details                    ? 
_entity_src_gen.pdbx_description                   ? 
# 
_struct_ref.id                         1 
_struct_ref.db_name                    UNP 
_struct_ref.db_code                    A0A0H3K033_STAAM 
_struct_ref.pdbx_db_accession          A0A0H3K033 
_struct_ref.pdbx_db_isoform            ? 
_struct_ref.entity_id                  1 
_struct_ref.pdbx_seq_one_letter_code   
;MTNQDRPMKSMSESKCYKNRQVFPQDTNHHHTMFGGTLMANIDEIAAITAMKHAGAQVVTASTDSVDFLKPIKTGDILQY
VAMVSYAGTSSMEVVVQIRIDDVFNNKHDLAALSYLTFVALDDEGKPKHVPGVYPEDDVEKWFYDTAPQRVERRKARRIE
SKQTIEYLAQAQHIRD
;
_struct_ref.pdbx_align_begin           1 
# 
_struct_ref_seq.align_id                      1 
_struct_ref_seq.ref_id                        1 
_struct_ref_seq.pdbx_PDB_id_code              5HWF 
_struct_ref_seq.pdbx_strand_id                A 
_struct_ref_seq.seq_align_beg                 4 
_struct_ref_seq.pdbx_seq_align_beg_ins_code   ? 
_struct_ref_seq.seq_align_end                 179 
_struct_ref_seq.pdbx_seq_align_end_ins_code   ? 
_struct_ref_seq.pdbx_db_accession             A0A0H3K033 
_struct_ref_seq.db_align_beg                  1 
_struct_ref_seq.pdbx_db_align_beg_ins_code    ? 
_struct_ref_seq.db_align_end                  176 
_struct_ref_seq.pdbx_db_align_end_ins_code    ? 
_struct_ref_seq.pdbx_auth_seq_align_beg       1 
_struct_ref_seq.pdbx_auth_seq_align_end       176 
# 
loop_
_struct_ref_seq_dif.align_id 
_struct_ref_seq_dif.pdbx_pdb_id_code 
_struct_ref_seq_dif.mon_id 
_struct_ref_seq_dif.pdbx_pdb_strand_id 
_struct_ref_seq_dif.seq_num 
_struct_ref_seq_dif.pdbx_pdb_ins_code 
_struct_ref_seq_dif.pdbx_seq_db_name 
_struct_ref_seq_dif.pdbx_seq_db_accession_code 
_struct_ref_seq_dif.db_mon_id 
_struct_ref_seq_dif.pdbx_seq_db_seq_num 
_struct_ref_seq_dif.details 
_struct_ref_seq_dif.pdbx_auth_seq_num 
_struct_ref_seq_dif.pdbx_ordinal 
1 5HWF SER A 1  ? UNP A0A0H3K033 ?   ?  'expression tag'      -2 1 
1 5HWF ASN A 2  ? UNP A0A0H3K033 ?   ?  'expression tag'      -1 2 
1 5HWF ALA A 3  ? UNP A0A0H3K033 ?   ?  'expression tag'      0  3 
1 5HWF ALA A 31 ? UNP A0A0H3K033 ASN 28 'engineered mutation' 28 4 
# 
loop_
_chem_comp.id 
_chem_comp.type 
_chem_comp.mon_nstd_flag 
_chem_comp.name 
_chem_comp.pdbx_synonyms 
_chem_comp.formula 
_chem_comp.formula_weight 
ALA 'L-peptide linking' y ALANINE         ? 'C3 H7 N O2'     89.093  
ARG 'L-peptide linking' y ARGININE        ? 'C6 H15 N4 O2 1' 175.209 
ASN 'L-peptide linking' y ASPARAGINE      ? 'C4 H8 N2 O3'    132.118 
ASP 'L-peptide linking' y 'ASPARTIC ACID' ? 'C4 H7 N O4'     133.103 
CYS 'L-peptide linking' y CYSTEINE        ? 'C3 H7 N O2 S'   121.158 
GLN 'L-peptide linking' y GLUTAMINE       ? 'C5 H10 N2 O3'   146.144 
GLU 'L-peptide linking' y 'GLUTAMIC ACID' ? 'C5 H9 N O4'     147.129 
GLY 'peptide linking'   y GLYCINE         ? 'C2 H5 N O2'     75.067  
HIS 'L-peptide linking' y HISTIDINE       ? 'C6 H10 N3 O2 1' 156.162 
ILE 'L-peptide linking' y ISOLEUCINE      ? 'C6 H13 N O2'    131.173 
LEU 'L-peptide linking' y LEUCINE         ? 'C6 H13 N O2'    131.173 
LYS 'L-peptide linking' y LYSINE          ? 'C6 H15 N2 O2 1' 147.195 
MET 'L-peptide linking' y METHIONINE      ? 'C5 H11 N O2 S'  149.211 
PHE 'L-peptide linking' y PHENYLALANINE   ? 'C9 H11 N O2'    165.189 
PRO 'L-peptide linking' y PROLINE         ? 'C5 H9 N O2'     115.130 
SER 'L-peptide linking' y SERINE          ? 'C3 H7 N O3'     105.093 
THR 'L-peptide linking' y THREONINE       ? 'C4 H9 N O3'     119.119 
TRP 'L-peptide linking' y TRYPTOPHAN      ? 'C11 H12 N2 O2'  204.225 
TYR 'L-peptide linking' y TYROSINE        ? 'C9 H11 N O3'    181.189 
VAL 'L-peptide linking' y VALINE          ? 'C5 H11 N O2'    117.146 
# 
_exptl.absorpt_coefficient_mu     ? 
_exptl.absorpt_correction_T_max   ? 
_exptl.absorpt_correction_T_min   ? 
_exptl.absorpt_correction_type    ? 
_exptl.absorpt_process_details    ? 
_exptl.entry_id                   5HWF 
_exptl.crystals_number            1 
_exptl.details                    ? 
_exptl.method                     'X-RAY DIFFRACTION' 
_exptl.method_details             ? 
# 
_exptl_crystal.colour                      ? 
_exptl_crystal.density_diffrn              ? 
_exptl_crystal.density_Matthews            3.21 
_exptl_crystal.density_method              ? 
_exptl_crystal.density_percent_sol         61.68 
_exptl_crystal.description                 ? 
_exptl_crystal.F_000                       ? 
_exptl_crystal.id                          1 
_exptl_crystal.preparation                 ? 
_exptl_crystal.size_max                    ? 
_exptl_crystal.size_mid                    ? 
_exptl_crystal.size_min                    ? 
_exptl_crystal.size_rad                    ? 
_exptl_crystal.colour_lustre               ? 
_exptl_crystal.colour_modifier             ? 
_exptl_crystal.colour_primary              ? 
_exptl_crystal.density_meas                ? 
_exptl_crystal.density_meas_esd            ? 
_exptl_crystal.density_meas_gt             ? 
_exptl_crystal.density_meas_lt             ? 
_exptl_crystal.density_meas_temp           ? 
_exptl_crystal.density_meas_temp_esd       ? 
_exptl_crystal.density_meas_temp_gt        ? 
_exptl_crystal.density_meas_temp_lt        ? 
_exptl_crystal.pdbx_crystal_image_url      ? 
_exptl_crystal.pdbx_crystal_image_format   ? 
_exptl_crystal.pdbx_mosaicity              ? 
_exptl_crystal.pdbx_mosaicity_esd          ? 
# 
_exptl_crystal_grow.apparatus       ? 
_exptl_crystal_grow.atmosphere      ? 
_exptl_crystal_grow.crystal_id      1 
_exptl_crystal_grow.details         ? 
_exptl_crystal_grow.method          'VAPOR DIFFUSION, HANGING DROP' 
_exptl_crystal_grow.method_ref      ? 
_exptl_crystal_grow.pH              7.5 
_exptl_crystal_grow.pressure        ? 
_exptl_crystal_grow.pressure_esd    ? 
_exptl_crystal_grow.seeding         ? 
_exptl_crystal_grow.seeding_ref     ? 
_exptl_crystal_grow.temp            296 
_exptl_crystal_grow.temp_details    ? 
_exptl_crystal_grow.temp_esd        ? 
_exptl_crystal_grow.time            ? 
_exptl_crystal_grow.pdbx_details    '0.1M Sodium HEPES pH7.5, 0.8 M sodium phosphate monobasic' 
_exptl_crystal_grow.pdbx_pH_range   ? 
# 
_diffrn.ambient_environment    ? 
_diffrn.ambient_temp           100 
_diffrn.ambient_temp_details   ? 
_diffrn.ambient_temp_esd       ? 
_diffrn.crystal_id             1 
_diffrn.crystal_support        ? 
_diffrn.crystal_treatment      ? 
_diffrn.details                ? 
_diffrn.id                     1 
_diffrn.ambient_pressure       ? 
_diffrn.ambient_pressure_esd   ? 
_diffrn.ambient_pressure_gt    ? 
_diffrn.ambient_pressure_lt    ? 
_diffrn.ambient_temp_gt        ? 
_diffrn.ambient_temp_lt        ? 
# 
_diffrn_detector.details                      ? 
_diffrn_detector.detector                     CCD 
_diffrn_detector.diffrn_id                    1 
_diffrn_detector.type                         'ADSC QUANTUM 315r' 
_diffrn_detector.area_resol_mean              ? 
_diffrn_detector.dtime                        ? 
_diffrn_detector.pdbx_frames_total            ? 
_diffrn_detector.pdbx_collection_time_total   ? 
_diffrn_detector.pdbx_collection_date         2015-03-29 
# 
_diffrn_radiation.collimation                      ? 
_diffrn_radiation.diffrn_id                        1 
_diffrn_radiation.filter_edge                      ? 
_diffrn_radiation.inhomogeneity                    ? 
_diffrn_radiation.monochromator                    ? 
_diffrn_radiation.polarisn_norm                    ? 
_diffrn_radiation.polarisn_ratio                   ? 
_diffrn_radiation.probe                            ? 
_diffrn_radiation.type                             ? 
_diffrn_radiation.xray_symbol                      ? 
_diffrn_radiation.wavelength_id                    1 
_diffrn_radiation.pdbx_monochromatic_or_laue_m_l   M 
_diffrn_radiation.pdbx_wavelength_list             ? 
_diffrn_radiation.pdbx_wavelength                  ? 
_diffrn_radiation.pdbx_diffrn_protocol             'SINGLE WAVELENGTH' 
_diffrn_radiation.pdbx_analyzer                    ? 
_diffrn_radiation.pdbx_scattering_type             x-ray 
# 
_diffrn_radiation_wavelength.id           1 
_diffrn_radiation_wavelength.wavelength   0.9537 
_diffrn_radiation_wavelength.wt           1.0 
# 
_diffrn_source.current                     ? 
_diffrn_source.details                     ? 
_diffrn_source.diffrn_id                   1 
_diffrn_source.power                       ? 
_diffrn_source.size                        ? 
_diffrn_source.source                      SYNCHROTRON 
_diffrn_source.target                      ? 
_diffrn_source.type                        'AUSTRALIAN SYNCHROTRON BEAMLINE MX2' 
_diffrn_source.voltage                     ? 
_diffrn_source.take-off_angle              ? 
_diffrn_source.pdbx_wavelength_list        0.9537 
_diffrn_source.pdbx_wavelength             ? 
_diffrn_source.pdbx_synchrotron_beamline   MX2 
_diffrn_source.pdbx_synchrotron_site       'Australian Synchrotron' 
# 
_reflns.B_iso_Wilson_estimate            ? 
_reflns.entry_id                         5HWF 
_reflns.data_reduction_details           ? 
_reflns.data_reduction_method            ? 
_reflns.d_resolution_high                2.50 
_reflns.d_resolution_low                 31.83 
_reflns.details                          ? 
_reflns.limit_h_max                      ? 
_reflns.limit_h_min                      ? 
_reflns.limit_k_max                      ? 
_reflns.limit_k_min                      ? 
_reflns.limit_l_max                      ? 
_reflns.limit_l_min                      ? 
_reflns.number_all                       ? 
_reflns.number_obs                       9615 
_reflns.observed_criterion               ? 
_reflns.observed_criterion_F_max         ? 
_reflns.observed_criterion_F_min         ? 
_reflns.observed_criterion_I_max         ? 
_reflns.observed_criterion_I_min         ? 
_reflns.observed_criterion_sigma_F       ? 
_reflns.observed_criterion_sigma_I       ? 
_reflns.percent_possible_obs             99.9 
_reflns.R_free_details                   ? 
_reflns.Rmerge_F_all                     ? 
_reflns.Rmerge_F_obs                     ? 
_reflns.Friedel_coverage                 ? 
_reflns.number_gt                        ? 
_reflns.threshold_expression             ? 
_reflns.pdbx_redundancy                  15.9 
_reflns.pdbx_Rmerge_I_obs                ? 
_reflns.pdbx_Rmerge_I_all                ? 
_reflns.pdbx_Rsym_value                  ? 
_reflns.pdbx_netI_over_av_sigmaI         ? 
_reflns.pdbx_netI_over_sigmaI            8.7 
_reflns.pdbx_res_netI_over_av_sigmaI_2   ? 
_reflns.pdbx_res_netI_over_sigmaI_2      ? 
_reflns.pdbx_chi_squared                 ? 
_reflns.pdbx_scaling_rejects             ? 
_reflns.pdbx_d_res_high_opt              ? 
_reflns.pdbx_d_res_low_opt               ? 
_reflns.pdbx_d_res_opt_method            ? 
_reflns.phase_calculation_details        ? 
_reflns.pdbx_Rrim_I_all                  ? 
_reflns.pdbx_Rpim_I_all                  ? 
_reflns.pdbx_d_opt                       ? 
_reflns.pdbx_number_measured_all         ? 
_reflns.pdbx_diffrn_id                   1 
_reflns.pdbx_ordinal                     1 
_reflns.pdbx_CC_half                     ? 
_reflns.pdbx_R_split                     ? 
# 
_reflns_shell.d_res_high                  2.50 
_reflns_shell.d_res_low                   2.60 
_reflns_shell.meanI_over_sigI_all         ? 
_reflns_shell.meanI_over_sigI_obs         ? 
_reflns_shell.number_measured_all         ? 
_reflns_shell.number_measured_obs         ? 
_reflns_shell.number_possible             ? 
_reflns_shell.number_unique_all           ? 
_reflns_shell.number_unique_obs           ? 
_reflns_shell.percent_possible_all        ? 
_reflns_shell.percent_possible_obs        ? 
_reflns_shell.Rmerge_F_all                ? 
_reflns_shell.Rmerge_F_obs                ? 
_reflns_shell.Rmerge_I_all                ? 
_reflns_shell.Rmerge_I_obs                0.192 
_reflns_shell.meanI_over_sigI_gt          ? 
_reflns_shell.meanI_over_uI_all           ? 
_reflns_shell.meanI_over_uI_gt            ? 
_reflns_shell.number_measured_gt          ? 
_reflns_shell.number_unique_gt            ? 
_reflns_shell.percent_possible_gt         ? 
_reflns_shell.Rmerge_F_gt                 ? 
_reflns_shell.Rmerge_I_gt                 ? 
_reflns_shell.pdbx_redundancy             ? 
_reflns_shell.pdbx_Rsym_value             ? 
_reflns_shell.pdbx_chi_squared            ? 
_reflns_shell.pdbx_netI_over_sigmaI_all   ? 
_reflns_shell.pdbx_netI_over_sigmaI_obs   ? 
_reflns_shell.pdbx_Rrim_I_all             ? 
_reflns_shell.pdbx_Rpim_I_all             ? 
_reflns_shell.pdbx_rejects                ? 
_reflns_shell.pdbx_ordinal                1 
_reflns_shell.pdbx_diffrn_id              1 
_reflns_shell.pdbx_CC_half                ? 
_reflns_shell.pdbx_R_split                ? 
# 
_refine.aniso_B[1][1]                            -2.30 
_refine.aniso_B[1][2]                            -1.15 
_refine.aniso_B[1][3]                            -0.00 
_refine.aniso_B[2][2]                            -2.30 
_refine.aniso_B[2][3]                            0.00 
_refine.aniso_B[3][3]                            7.47 
_refine.B_iso_max                                ? 
_refine.B_iso_mean                               54.635 
_refine.B_iso_min                                ? 
_refine.correlation_coeff_Fo_to_Fc               0.924 
_refine.correlation_coeff_Fo_to_Fc_free          0.903 
_refine.details                                  'HYDROGENS HAVE BEEN ADDED IN THE RIDING POSITIONS' 
_refine.diff_density_max                         ? 
_refine.diff_density_max_esd                     ? 
_refine.diff_density_min                         ? 
_refine.diff_density_min_esd                     ? 
_refine.diff_density_rms                         ? 
_refine.diff_density_rms_esd                     ? 
_refine.entry_id                                 5HWF 
_refine.pdbx_refine_id                           'X-RAY DIFFRACTION' 
_refine.ls_abs_structure_details                 ? 
_refine.ls_abs_structure_Flack                   ? 
_refine.ls_abs_structure_Flack_esd               ? 
_refine.ls_abs_structure_Rogers                  ? 
_refine.ls_abs_structure_Rogers_esd              ? 
_refine.ls_d_res_high                            2.50 
_refine.ls_d_res_low                             30.66 
_refine.ls_extinction_coef                       ? 
_refine.ls_extinction_coef_esd                   ? 
_refine.ls_extinction_expression                 ? 
_refine.ls_extinction_method                     ? 
_refine.ls_goodness_of_fit_all                   ? 
_refine.ls_goodness_of_fit_all_esd               ? 
_refine.ls_goodness_of_fit_obs                   ? 
_refine.ls_goodness_of_fit_obs_esd               ? 
_refine.ls_hydrogen_treatment                    ? 
_refine.ls_matrix_type                           ? 
_refine.ls_number_constraints                    ? 
_refine.ls_number_parameters                     ? 
_refine.ls_number_reflns_all                     ? 
_refine.ls_number_reflns_obs                     9131 
_refine.ls_number_reflns_R_free                  484 
_refine.ls_number_reflns_R_work                  ? 
_refine.ls_number_restraints                     ? 
_refine.ls_percent_reflns_obs                    99.79 
_refine.ls_percent_reflns_R_free                 5.0 
_refine.ls_R_factor_all                          ? 
_refine.ls_R_factor_obs                          0.24321 
_refine.ls_R_factor_R_free                       0.27584 
_refine.ls_R_factor_R_free_error                 ? 
_refine.ls_R_factor_R_free_error_details         ? 
_refine.ls_R_factor_R_work                       0.24152 
_refine.ls_R_Fsqd_factor_obs                     ? 
_refine.ls_R_I_factor_obs                        ? 
_refine.ls_redundancy_reflns_all                 ? 
_refine.ls_redundancy_reflns_obs                 ? 
_refine.ls_restrained_S_all                      ? 
_refine.ls_restrained_S_obs                      ? 
_refine.ls_shift_over_esd_max                    ? 
_refine.ls_shift_over_esd_mean                   ? 
_refine.ls_structure_factor_coef                 ? 
_refine.ls_weighting_details                     ? 
_refine.ls_weighting_scheme                      ? 
_refine.ls_wR_factor_all                         ? 
_refine.ls_wR_factor_obs                         ? 
_refine.ls_wR_factor_R_free                      ? 
_refine.ls_wR_factor_R_work                      ? 
_refine.occupancy_max                            ? 
_refine.occupancy_min                            ? 
_refine.solvent_model_details                    ? 
_refine.solvent_model_param_bsol                 ? 
_refine.solvent_model_param_ksol                 ? 
_refine.ls_R_factor_gt                           ? 
_refine.ls_goodness_of_fit_gt                    ? 
_refine.ls_goodness_of_fit_ref                   ? 
_refine.ls_shift_over_su_max                     ? 
_refine.ls_shift_over_su_max_lt                  ? 
_refine.ls_shift_over_su_mean                    ? 
_refine.ls_shift_over_su_mean_lt                 ? 
_refine.pdbx_ls_sigma_I                          ? 
_refine.pdbx_ls_sigma_F                          ? 
_refine.pdbx_ls_sigma_Fsqd                       ? 
_refine.pdbx_data_cutoff_high_absF               ? 
_refine.pdbx_data_cutoff_high_rms_absF           ? 
_refine.pdbx_data_cutoff_low_absF                ? 
_refine.pdbx_isotropic_thermal_model             ? 
_refine.pdbx_ls_cross_valid_method               THROUGHOUT 
_refine.pdbx_method_to_determine_struct          'MOLECULAR REPLACEMENT' 
_refine.pdbx_starting_model                      4NCP 
_refine.pdbx_stereochemistry_target_values       ? 
_refine.pdbx_R_Free_selection_details            RANDOM 
_refine.pdbx_stereochem_target_val_spec_case     ? 
_refine.pdbx_overall_ESU_R                       0.234 
_refine.pdbx_overall_ESU_R_Free                  0.267 
_refine.pdbx_solvent_vdw_probe_radii             1.20 
_refine.pdbx_solvent_ion_probe_radii             0.80 
_refine.pdbx_solvent_shrinkage_radii             0.80 
_refine.pdbx_real_space_R                        ? 
_refine.pdbx_density_correlation                 ? 
_refine.pdbx_pd_number_of_powder_patterns        ? 
_refine.pdbx_pd_number_of_points                 ? 
_refine.pdbx_pd_meas_number_of_points            ? 
_refine.pdbx_pd_proc_ls_prof_R_factor            ? 
_refine.pdbx_pd_proc_ls_prof_wR_factor           ? 
_refine.pdbx_pd_Marquardt_correlation_coeff      ? 
_refine.pdbx_pd_Fsqrd_R_factor                   ? 
_refine.pdbx_pd_ls_matrix_band_width             ? 
_refine.pdbx_overall_phase_error                 ? 
_refine.pdbx_overall_SU_R_free_Cruickshank_DPI   ? 
_refine.pdbx_overall_SU_R_free_Blow_DPI          ? 
_refine.pdbx_overall_SU_R_Blow_DPI               ? 
_refine.pdbx_TLS_residual_ADP_flag               ? 
_refine.pdbx_diffrn_id                           1 
_refine.overall_SU_B                             0.006 
_refine.overall_SU_ML                            0.000 
_refine.overall_SU_R_Cruickshank_DPI             ? 
_refine.overall_SU_R_free                        ? 
_refine.overall_FOM_free_R_set                   ? 
_refine.overall_FOM_work_R_set                   ? 
_refine.pdbx_average_fsc_overall                 ? 
_refine.pdbx_average_fsc_work                    ? 
_refine.pdbx_average_fsc_free                    ? 
# 
_refine_hist.pdbx_refine_id                   'X-RAY DIFFRACTION' 
_refine_hist.cycle_id                         1 
_refine_hist.pdbx_number_atoms_protein        1319 
_refine_hist.pdbx_number_atoms_nucleic_acid   0 
_refine_hist.pdbx_number_atoms_ligand         0 
_refine_hist.number_atoms_solvent             0 
_refine_hist.number_atoms_total               1319 
_refine_hist.d_res_high                       2.50 
_refine_hist.d_res_low                        30.66 
# 
_refine_ls_shell.pdbx_refine_id                   'X-RAY DIFFRACTION' 
_refine_ls_shell.d_res_high                       2.500 
_refine_ls_shell.d_res_low                        2.565 
_refine_ls_shell.number_reflns_all                ? 
_refine_ls_shell.number_reflns_obs                ? 
_refine_ls_shell.number_reflns_R_free             37 
_refine_ls_shell.number_reflns_R_work             650 
_refine_ls_shell.percent_reflns_obs               100.00 
_refine_ls_shell.percent_reflns_R_free            ? 
_refine_ls_shell.R_factor_all                     ? 
_refine_ls_shell.R_factor_obs                     ? 
_refine_ls_shell.R_factor_R_free                  0.364 
_refine_ls_shell.R_factor_R_free_error            ? 
_refine_ls_shell.R_factor_R_work                  0.329 
_refine_ls_shell.redundancy_reflns_all            ? 
_refine_ls_shell.redundancy_reflns_obs            ? 
_refine_ls_shell.wR_factor_all                    ? 
_refine_ls_shell.wR_factor_obs                    ? 
_refine_ls_shell.wR_factor_R_free                 ? 
_refine_ls_shell.wR_factor_R_work                 ? 
_refine_ls_shell.pdbx_total_number_of_bins_used   20 
_refine_ls_shell.pdbx_phase_error                 ? 
_refine_ls_shell.pdbx_fsc_work                    ? 
_refine_ls_shell.pdbx_fsc_free                    ? 
# 
_struct.entry_id                     5HWF 
_struct.title                        
'The structural and biochemical characterization of acyl-coa hydrolase mutant Asn28Ala from Staphylococcus aureus.' 
_struct.pdbx_model_details           ? 
_struct.pdbx_formula_weight          ? 
_struct.pdbx_formula_weight_method   ? 
_struct.pdbx_model_type_details      ? 
_struct.pdbx_CASP_flag               ? 
# 
_struct_keywords.entry_id        5HWF 
_struct_keywords.text            'Acyl CoA thioesterase, Staphylococcus aureus, Coenzyme A, Hotdog thioesterase, HYDROLASE' 
_struct_keywords.pdbx_keywords   HYDROLASE 
# 
_struct_asym.id                            A 
_struct_asym.pdbx_blank_PDB_chainid_flag   N 
_struct_asym.pdbx_modified                 N 
_struct_asym.entity_id                     1 
_struct_asym.details                       ? 
# 
loop_
_struct_conf.conf_type_id 
_struct_conf.id 
_struct_conf.pdbx_PDB_helix_id 
_struct_conf.beg_label_comp_id 
_struct_conf.beg_label_asym_id 
_struct_conf.beg_label_seq_id 
_struct_conf.pdbx_beg_PDB_ins_code 
_struct_conf.end_label_comp_id 
_struct_conf.end_label_asym_id 
_struct_conf.end_label_seq_id 
_struct_conf.pdbx_end_PDB_ins_code 
_struct_conf.beg_auth_comp_id 
_struct_conf.beg_auth_asym_id 
_struct_conf.beg_auth_seq_id 
_struct_conf.end_auth_comp_id 
_struct_conf.end_auth_asym_id 
_struct_conf.end_auth_seq_id 
_struct_conf.pdbx_PDB_helix_class 
_struct_conf.details 
_struct_conf.pdbx_PDB_helix_length 
HELX_P HELX_P1 AA1 MET A 14  ? LYS A 18  ? MET A 11  LYS A 15  1 ? 5  
HELX_P HELX_P2 AA2 PHE A 26  ? GLN A 28  ? PHE A 23  GLN A 25  5 ? 3  
HELX_P HELX_P3 AA3 PHE A 37  ? GLY A 58  ? PHE A 34  GLY A 55  1 ? 22 
HELX_P HELX_P4 AA4 ASP A 140 ? GLN A 173 ? ASP A 137 GLN A 170 1 ? 34 
# 
_struct_conf_type.id          HELX_P 
_struct_conf_type.criteria    ? 
_struct_conf_type.reference   ? 
# 
loop_
_struct_sheet.id 
_struct_sheet.type 
_struct_sheet.number_strands 
_struct_sheet.details 
AA1 ? 2 ? 
AA2 ? 5 ? 
AA3 ? 2 ? 
# 
loop_
_struct_sheet_order.sheet_id 
_struct_sheet_order.range_id_1 
_struct_sheet_order.range_id_2 
_struct_sheet_order.offset 
_struct_sheet_order.sense 
AA1 1 2 ? parallel      
AA2 1 2 ? anti-parallel 
AA2 2 3 ? anti-parallel 
AA2 3 4 ? anti-parallel 
AA2 4 5 ? anti-parallel 
AA3 1 2 ? anti-parallel 
# 
loop_
_struct_sheet_range.sheet_id 
_struct_sheet_range.id 
_struct_sheet_range.beg_label_comp_id 
_struct_sheet_range.beg_label_asym_id 
_struct_sheet_range.beg_label_seq_id 
_struct_sheet_range.pdbx_beg_PDB_ins_code 
_struct_sheet_range.end_label_comp_id 
_struct_sheet_range.end_label_asym_id 
_struct_sheet_range.end_label_seq_id 
_struct_sheet_range.pdbx_end_PDB_ins_code 
_struct_sheet_range.beg_auth_comp_id 
_struct_sheet_range.beg_auth_asym_id 
_struct_sheet_range.beg_auth_seq_id 
_struct_sheet_range.end_auth_comp_id 
_struct_sheet_range.end_auth_asym_id 
_struct_sheet_range.end_auth_seq_id 
AA1 1 MET A 11  ? SER A 13  ? MET A 8   SER A 10  
AA1 2 GLY A 135 ? TYR A 137 ? GLY A 132 TYR A 134 
AA2 1 CYS A 19  ? GLN A 24  ? CYS A 16  GLN A 21  
AA2 2 ILE A 80  ? ALA A 90  ? ILE A 77  ALA A 87  
AA2 3 SER A 94  ? ILE A 103 ? SER A 91  ILE A 100 
AA2 4 LEU A 113 ? LEU A 124 ? LEU A 110 LEU A 121 
AA2 5 GLN A 60  ? PHE A 71  ? GLN A 57  PHE A 68  
AA3 1 THR A 30  ? HIS A 32  ? THR A 27  HIS A 29  
AA3 2 THR A 35  ? MET A 36  ? THR A 32  MET A 33  
# 
loop_
_pdbx_struct_sheet_hbond.sheet_id 
_pdbx_struct_sheet_hbond.range_id_1 
_pdbx_struct_sheet_hbond.range_id_2 
_pdbx_struct_sheet_hbond.range_1_label_atom_id 
_pdbx_struct_sheet_hbond.range_1_label_comp_id 
_pdbx_struct_sheet_hbond.range_1_label_asym_id 
_pdbx_struct_sheet_hbond.range_1_label_seq_id 
_pdbx_struct_sheet_hbond.range_1_PDB_ins_code 
_pdbx_struct_sheet_hbond.range_1_auth_atom_id 
_pdbx_struct_sheet_hbond.range_1_auth_comp_id 
_pdbx_struct_sheet_hbond.range_1_auth_asym_id 
_pdbx_struct_sheet_hbond.range_1_auth_seq_id 
_pdbx_struct_sheet_hbond.range_2_label_atom_id 
_pdbx_struct_sheet_hbond.range_2_label_comp_id 
_pdbx_struct_sheet_hbond.range_2_label_asym_id 
_pdbx_struct_sheet_hbond.range_2_label_seq_id 
_pdbx_struct_sheet_hbond.range_2_PDB_ins_code 
_pdbx_struct_sheet_hbond.range_2_auth_atom_id 
_pdbx_struct_sheet_hbond.range_2_auth_comp_id 
_pdbx_struct_sheet_hbond.range_2_auth_asym_id 
_pdbx_struct_sheet_hbond.range_2_auth_seq_id 
AA1 1 2 N LYS A 12  ? N LYS A 9   O GLY A 135 ? O GLY A 132 
AA2 1 2 N LYS A 21  ? N LYS A 18  O TYR A 83  ? O TYR A 80  
AA2 2 3 N TYR A 89  ? N TYR A 86  O GLU A 96  ? O GLU A 93  
AA2 3 4 N ILE A 101 ? N ILE A 98  O ALA A 114 ? O ALA A 111 
AA2 4 5 O LEU A 116 ? O LEU A 113 N ASP A 70  ? N ASP A 67  
AA3 1 2 N HIS A 32  ? N HIS A 29  O THR A 35  ? O THR A 32  
# 
_atom_sites.entry_id                    5HWF 
_atom_sites.fract_transf_matrix[1][1]   0.00186100 
_atom_sites.fract_transf_matrix[1][2]   -0.00840766 
_atom_sites.fract_transf_matrix[1][3]   -0.00284872 
_atom_sites.fract_transf_matrix[2][1]   -0.00675445 
_atom_sites.fract_transf_matrix[2][2]   -0.00566103 
_atom_sites.fract_transf_matrix[2][3]   -0.00214358 
_atom_sites.fract_transf_matrix[3][1]   0.00047849 
_atom_sites.fract_transf_matrix[3][2]   0.00586337 
_atom_sites.fract_transf_matrix[3][3]   -0.01699248 
_atom_sites.fract_transf_vector[1]      -0.167143 
_atom_sites.fract_transf_vector[2]      -0.473481 
_atom_sites.fract_transf_vector[3]      -0.201557 
# 
loop_
_atom_type.symbol 
C 
N 
O 
S 
# 
loop_
_atom_site.group_PDB 
_atom_site.id 
_atom_site.type_symbol 
_atom_site.label_atom_id 
_atom_site.label_alt_id 
_atom_site.label_comp_id 
_atom_site.label_asym_id 
_atom_site.label_entity_id 
_atom_site.label_seq_id 
_atom_site.pdbx_PDB_ins_code 
_atom_site.Cartn_x 
_atom_site.Cartn_y 
_atom_site.Cartn_z 
_atom_site.occupancy 
_atom_site.B_iso_or_equiv 
_atom_site.pdbx_formal_charge 
_atom_site.auth_seq_id 
_atom_site.auth_comp_id 
_atom_site.auth_asym_id 
_atom_site.auth_atom_id 
_atom_site.pdbx_PDB_model_num 
ATOM 1    N N   . ASP A 1 8   ? -1.542  -10.976 -25.065 1.00 87.96  ? 5   ASP A N   1 
ATOM 2    C CA  . ASP A 1 8   ? -1.524  -10.415 -23.716 1.00 86.53  ? 5   ASP A CA  1 
ATOM 3    C C   . ASP A 1 8   ? -0.312  -9.526  -23.452 1.00 81.32  ? 5   ASP A C   1 
ATOM 4    O O   . ASP A 1 8   ? 0.665   -9.536  -24.195 1.00 91.15  ? 5   ASP A O   1 
ATOM 5    C CB  . ASP A 1 8   ? -1.560  -11.525 -22.667 1.00 88.40  ? 5   ASP A CB  1 
ATOM 6    C CG  . ASP A 1 8   ? -2.930  -11.714 -22.065 1.00 94.26  ? 5   ASP A CG  1 
ATOM 7    O OD1 . ASP A 1 8   ? -3.756  -10.779 -22.143 1.00 98.99  ? 5   ASP A OD1 1 
ATOM 8    O OD2 . ASP A 1 8   ? -3.170  -12.790 -21.483 1.00 100.08 ? 5   ASP A OD2 1 
ATOM 9    N N   . ARG A 1 9   ? -0.386  -8.774  -22.362 1.00 78.87  ? 6   ARG A N   1 
ATOM 10   C CA  . ARG A 1 9   ? 0.633   -7.801  -21.987 1.00 72.34  ? 6   ARG A CA  1 
ATOM 11   C C   . ARG A 1 9   ? 1.869   -8.457  -21.371 1.00 75.50  ? 6   ARG A C   1 
ATOM 12   O O   . ARG A 1 9   ? 1.848   -9.652  -21.066 1.00 77.92  ? 6   ARG A O   1 
ATOM 13   C CB  . ARG A 1 9   ? 0.025   -6.797  -21.005 1.00 61.00  ? 6   ARG A CB  1 
ATOM 14   C CG  . ARG A 1 9   ? -0.584  -7.434  -19.772 1.00 57.66  ? 6   ARG A CG  1 
ATOM 15   C CD  . ARG A 1 9   ? -1.157  -6.364  -18.856 1.00 54.99  ? 6   ARG A CD  1 
ATOM 16   N NE  . ARG A 1 9   ? -1.866  -6.909  -17.701 1.00 53.55  ? 6   ARG A NE  1 
ATOM 17   C CZ  . ARG A 1 9   ? -2.388  -6.163  -16.732 1.00 59.38  ? 6   ARG A CZ  1 
ATOM 18   N NH1 . ARG A 1 9   ? -2.269  -4.841  -16.772 1.00 51.08  ? 6   ARG A NH1 1 
ATOM 19   N NH2 . ARG A 1 9   ? -3.008  -6.737  -15.710 1.00 61.06  ? 6   ARG A NH2 1 
ATOM 20   N N   . PRO A 1 10  ? 2.963   -7.680  -21.210 1.00 72.38  ? 7   PRO A N   1 
ATOM 21   C CA  . PRO A 1 10  ? 4.117   -8.134  -20.426 1.00 67.61  ? 7   PRO A CA  1 
ATOM 22   C C   . PRO A 1 10  ? 3.802   -8.277  -18.936 1.00 63.24  ? 7   PRO A C   1 
ATOM 23   O O   . PRO A 1 10  ? 2.973   -7.544  -18.390 1.00 54.46  ? 7   PRO A O   1 
ATOM 24   C CB  . PRO A 1 10  ? 5.162   -7.036  -20.661 1.00 63.78  ? 7   PRO A CB  1 
ATOM 25   C CG  . PRO A 1 10  ? 4.394   -5.872  -21.191 1.00 67.14  ? 7   PRO A CG  1 
ATOM 26   C CD  . PRO A 1 10  ? 3.281   -6.464  -21.978 1.00 70.09  ? 7   PRO A CD  1 
ATOM 27   N N   . MET A 1 11  ? 4.468   -9.238  -18.301 1.00 57.80  ? 8   MET A N   1 
ATOM 28   C CA  . MET A 1 11  ? 4.192   -9.619  -16.922 1.00 58.66  ? 8   MET A CA  1 
ATOM 29   C C   . MET A 1 11  ? 5.449   -9.456  -16.085 1.00 61.17  ? 8   MET A C   1 
ATOM 30   O O   . MET A 1 11  ? 6.548   -9.853  -16.508 1.00 61.77  ? 8   MET A O   1 
ATOM 31   C CB  . MET A 1 11  ? 3.708   -11.082 -16.824 1.00 65.35  ? 8   MET A CB  1 
ATOM 32   C CG  . MET A 1 11  ? 2.534   -11.490 -17.722 1.00 61.00  ? 8   MET A CG  1 
ATOM 33   S SD  . MET A 1 11  ? 0.968   -10.819 -17.125 1.00 79.84  ? 8   MET A SD  1 
ATOM 34   C CE  . MET A 1 11  ? 0.863   -11.512 -15.472 1.00 54.29  ? 8   MET A CE  1 
ATOM 35   N N   . LYS A 1 12  ? 5.284   -8.893  -14.891 1.00 57.81  ? 9   LYS A N   1 
ATOM 36   C CA  . LYS A 1 12  ? 6.376   -8.806  -13.940 1.00 48.04  ? 9   LYS A CA  1 
ATOM 37   C C   . LYS A 1 12  ? 6.075   -9.655  -12.724 1.00 58.61  ? 9   LYS A C   1 
ATOM 38   O O   . LYS A 1 12  ? 4.918   -9.785  -12.315 1.00 58.08  ? 9   LYS A O   1 
ATOM 39   C CB  . LYS A 1 12  ? 6.608   -7.367  -13.511 1.00 45.86  ? 9   LYS A CB  1 
ATOM 40   C CG  . LYS A 1 12  ? 7.700   -6.677  -14.261 1.00 52.66  ? 9   LYS A CG  1 
ATOM 41   C CD  . LYS A 1 12  ? 7.554   -5.179  -14.162 1.00 50.02  ? 9   LYS A CD  1 
ATOM 42   C CE  . LYS A 1 12  ? 8.890   -4.484  -14.351 1.00 52.04  ? 9   LYS A CE  1 
ATOM 43   N NZ  . LYS A 1 12  ? 8.742   -2.996  -14.357 1.00 54.12  ? 9   LYS A NZ  1 
ATOM 44   N N   . SER A 1 13  ? 7.121   -10.222 -12.140 1.00 57.10  ? 10  SER A N   1 
ATOM 45   C CA  . SER A 1 13  ? 6.975   -10.942 -10.889 1.00 57.29  ? 10  SER A CA  1 
ATOM 46   C C   . SER A 1 13  ? 6.730   -9.966  -9.751  1.00 55.74  ? 10  SER A C   1 
ATOM 47   O O   . SER A 1 13  ? 7.299   -8.881  -9.731  1.00 57.53  ? 10  SER A O   1 
ATOM 48   C CB  . SER A 1 13  ? 8.217   -11.776 -10.589 1.00 56.37  ? 10  SER A CB  1 
ATOM 49   O OG  . SER A 1 13  ? 8.121   -12.332 -9.289  1.00 61.25  ? 10  SER A OG  1 
ATOM 50   N N   . MET A 1 14  ? 5.897   -10.364 -8.799  1.00 43.08  ? 11  MET A N   1 
ATOM 51   C CA  . MET A 1 14  ? 5.651   -9.557  -7.615  1.00 42.62  ? 11  MET A CA  1 
ATOM 52   C C   . MET A 1 14  ? 6.952   -9.300  -6.849  1.00 41.08  ? 11  MET A C   1 
ATOM 53   O O   . MET A 1 14  ? 7.051   -8.323  -6.105  1.00 48.88  ? 11  MET A O   1 
ATOM 54   C CB  . MET A 1 14  ? 4.616   -10.233 -6.705  1.00 46.86  ? 11  MET A CB  1 
ATOM 55   C CG  . MET A 1 14  ? 3.225   -10.263 -7.295  1.00 51.87  ? 11  MET A CG  1 
ATOM 56   S SD  . MET A 1 14  ? 2.030   -11.156 -6.300  1.00 54.22  ? 11  MET A SD  1 
ATOM 57   C CE  . MET A 1 14  ? 2.132   -10.247 -4.757  1.00 47.61  ? 11  MET A CE  1 
ATOM 58   N N   . SER A 1 15  ? 7.924   -10.159 -7.050  1.00 43.17  ? 12  SER A N   1 
ATOM 59   C CA  . SER A 1 15  ? 9.222   -10.018 -6.461  1.00 49.21  ? 12  SER A CA  1 
ATOM 60   C C   . SER A 1 15  ? 10.024  -8.885  -7.083  1.00 47.98  ? 12  SER A C   1 
ATOM 61   O O   . SER A 1 15  ? 10.887  -8.334  -6.463  1.00 53.44  ? 12  SER A O   1 
ATOM 62   C CB  . SER A 1 15  ? 9.981   -11.319 -6.533  1.00 54.32  ? 12  SER A CB  1 
ATOM 63   O OG  . SER A 1 15  ? 9.616   -12.170 -5.485  1.00 58.41  ? 12  SER A OG  1 
ATOM 64   N N   . GLU A 1 16  ? 9.760   -8.571  -8.327  1.00 49.77  ? 13  GLU A N   1 
ATOM 65   C CA  . GLU A 1 16  ? 10.487  -7.517  -9.003  1.00 56.27  ? 13  GLU A CA  1 
ATOM 66   C C   . GLU A 1 16  ? 10.279  -6.148  -8.383  1.00 47.99  ? 13  GLU A C   1 
ATOM 67   O O   . GLU A 1 16  ? 11.199  -5.376  -8.276  1.00 50.48  ? 13  GLU A O   1 
ATOM 68   C CB  . GLU A 1 16  ? 10.153  -7.481  -10.500 1.00 59.94  ? 13  GLU A CB  1 
ATOM 69   C CG  . GLU A 1 16  ? 10.958  -8.455  -11.339 1.00 73.47  ? 13  GLU A CG  1 
ATOM 70   C CD  . GLU A 1 16  ? 10.548  -8.520  -12.807 1.00 88.53  ? 13  GLU A CD  1 
ATOM 71   O OE1 . GLU A 1 16  ? 10.859  -7.582  -13.543 1.00 92.31  ? 13  GLU A OE1 1 
ATOM 72   O OE2 . GLU A 1 16  ? 9.945   -9.518  -13.242 1.00 89.22  ? 13  GLU A OE2 1 
ATOM 73   N N   . SER A 1 17  ? 9.052   -5.853  -7.996  1.00 44.72  ? 14  SER A N   1 
ATOM 74   C CA  . SER A 1 17  ? 8.719   -4.571  -7.422  1.00 38.43  ? 14  SER A CA  1 
ATOM 75   C C   . SER A 1 17  ? 8.661   -4.546  -5.914  1.00 42.08  ? 14  SER A C   1 
ATOM 76   O O   . SER A 1 17  ? 8.418   -3.540  -5.347  1.00 48.70  ? 14  SER A O   1 
ATOM 77   C CB  . SER A 1 17  ? 7.419   -4.072  -8.016  1.00 50.43  ? 14  SER A CB  1 
ATOM 78   O OG  . SER A 1 17  ? 6.343   -4.863  -7.572  1.00 56.53  ? 14  SER A OG  1 
ATOM 79   N N   . LYS A 1 18  ? 8.898   -5.672  -5.286  1.00 42.98  ? 15  LYS A N   1 
ATOM 80   C CA  . LYS A 1 18  ? 8.891   -5.820  -3.827  1.00 42.13  ? 15  LYS A CA  1 
ATOM 81   C C   . LYS A 1 18  ? 9.905   -4.855  -3.206  1.00 44.09  ? 15  LYS A C   1 
ATOM 82   O O   . LYS A 1 18  ? 11.086  -4.919  -3.539  1.00 48.95  ? 15  LYS A O   1 
ATOM 83   C CB  . LYS A 1 18  ? 9.207   -7.272  -3.455  1.00 38.39  ? 15  LYS A CB  1 
ATOM 84   C CG  . LYS A 1 18  ? 8.957   -7.713  -2.006  1.00 35.97  ? 15  LYS A CG  1 
ATOM 85   C CD  . LYS A 1 18  ? 8.823   -9.238  -2.021  1.00 58.63  ? 15  LYS A CD  1 
ATOM 86   C CE  . LYS A 1 18  ? 8.958   -9.899  -0.660  1.00 68.32  ? 15  LYS A CE  1 
ATOM 87   N NZ  . LYS A 1 18  ? 8.736   -11.380 -0.824  1.00 66.26  ? 15  LYS A NZ  1 
ATOM 88   N N   . CYS A 1 19  ? 9.431   -3.948  -2.348  1.00 38.70  ? 16  CYS A N   1 
ATOM 89   C CA  . CYS A 1 19  ? 10.289  -2.948  -1.703  1.00 37.22  ? 16  CYS A CA  1 
ATOM 90   C C   . CYS A 1 19  ? 10.289  -2.981  -0.188  1.00 35.97  ? 16  CYS A C   1 
ATOM 91   O O   . CYS A 1 19  ? 9.234   -3.060  0.450   1.00 31.47  ? 16  CYS A O   1 
ATOM 92   C CB  . CYS A 1 19  ? 9.904   -1.520  -2.108  1.00 43.47  ? 16  CYS A CB  1 
ATOM 93   S SG  . CYS A 1 19  ? 10.929  -0.743  -3.330  1.00 91.22  ? 16  CYS A SG  1 
ATOM 94   N N   . TYR A 1 20  ? 11.491  -2.843  0.369   1.00 36.83  ? 17  TYR A N   1 
ATOM 95   C CA  . TYR A 1 20  ? 11.683  -2.767  1.807   1.00 35.09  ? 17  TYR A CA  1 
ATOM 96   C C   . TYR A 1 20  ? 11.992  -1.350  2.254   1.00 38.09  ? 17  TYR A C   1 
ATOM 97   O O   . TYR A 1 20  ? 12.526  -0.528  1.511   1.00 43.92  ? 17  TYR A O   1 
ATOM 98   C CB  . TYR A 1 20  ? 12.796  -3.717  2.246   1.00 35.58  ? 17  TYR A CB  1 
ATOM 99   C CG  . TYR A 1 20  ? 12.405  -5.160  2.055   1.00 41.04  ? 17  TYR A CG  1 
ATOM 100  C CD1 . TYR A 1 20  ? 12.553  -5.783  0.815   1.00 39.81  ? 17  TYR A CD1 1 
ATOM 101  C CD2 . TYR A 1 20  ? 11.866  -5.894  3.098   1.00 40.06  ? 17  TYR A CD2 1 
ATOM 102  C CE1 . TYR A 1 20  ? 12.180  -7.097  0.628   1.00 40.60  ? 17  TYR A CE1 1 
ATOM 103  C CE2 . TYR A 1 20  ? 11.492  -7.214  2.921   1.00 43.50  ? 17  TYR A CE2 1 
ATOM 104  C CZ  . TYR A 1 20  ? 11.647  -7.812  1.685   1.00 47.72  ? 17  TYR A CZ  1 
ATOM 105  O OH  . TYR A 1 20  ? 11.265  -9.128  1.511   1.00 61.24  ? 17  TYR A OH  1 
ATOM 106  N N   . LYS A 1 21  ? 11.624  -1.070  3.488   1.00 39.28  ? 18  LYS A N   1 
ATOM 107  C CA  . LYS A 1 21  ? 11.914  0.209   4.105   1.00 33.55  ? 18  LYS A CA  1 
ATOM 108  C C   . LYS A 1 21  ? 12.040  -0.086  5.579   1.00 39.41  ? 18  LYS A C   1 
ATOM 109  O O   . LYS A 1 21  ? 11.158  -0.736  6.158   1.00 25.80  ? 18  LYS A O   1 
ATOM 110  C CB  . LYS A 1 21  ? 10.804  1.224   3.820   1.00 35.41  ? 18  LYS A CB  1 
ATOM 111  C CG  . LYS A 1 21  ? 10.893  2.518   4.573   1.00 38.36  ? 18  LYS A CG  1 
ATOM 112  C CD  . LYS A 1 21  ? 10.078  3.567   3.836   1.00 44.07  ? 18  LYS A CD  1 
ATOM 113  C CE  . LYS A 1 21  ? 9.122   4.301   4.749   1.00 33.81  ? 18  LYS A CE  1 
ATOM 114  N NZ  . LYS A 1 21  ? 9.555   5.720   4.831   1.00 36.71  ? 18  LYS A NZ  1 
ATOM 115  N N   . ASN A 1 22  ? 13.163  0.318   6.170   1.00 30.67  ? 19  ASN A N   1 
ATOM 116  C CA  . ASN A 1 22  ? 13.300  0.226   7.613   1.00 31.87  ? 19  ASN A CA  1 
ATOM 117  C C   . ASN A 1 22  ? 13.445  1.598   8.209   1.00 32.79  ? 19  ASN A C   1 
ATOM 118  O O   . ASN A 1 22  ? 14.213  2.438   7.707   1.00 30.38  ? 19  ASN A O   1 
ATOM 119  C CB  . ASN A 1 22  ? 14.485  -0.642  7.983   1.00 38.57  ? 19  ASN A CB  1 
ATOM 120  C CG  . ASN A 1 22  ? 14.264  -2.083  7.618   1.00 44.11  ? 19  ASN A CG  1 
ATOM 121  O OD1 . ASN A 1 22  ? 13.660  -2.840  8.373   1.00 49.30  ? 19  ASN A OD1 1 
ATOM 122  N ND2 . ASN A 1 22  ? 14.701  -2.457  6.425   1.00 28.16  ? 19  ASN A ND2 1 
ATOM 123  N N   . ARG A 1 23  ? 12.711  1.827   9.287   1.00 33.91  ? 20  ARG A N   1 
ATOM 124  C CA  . ARG A 1 23  ? 12.696  3.158   9.884   1.00 27.47  ? 20  ARG A CA  1 
ATOM 125  C C   . ARG A 1 23  ? 12.340  3.099   11.348  1.00 30.56  ? 20  ARG A C   1 
ATOM 126  O O   . ARG A 1 23  ? 11.325  2.500   11.725  1.00 39.86  ? 20  ARG A O   1 
ATOM 127  C CB  . ARG A 1 23  ? 11.711  4.051   9.137   1.00 28.53  ? 20  ARG A CB  1 
ATOM 128  C CG  . ARG A 1 23  ? 12.001  5.499   9.262   1.00 35.83  ? 20  ARG A CG  1 
ATOM 129  C CD  . ARG A 1 23  ? 10.919  6.332   8.587   1.00 37.43  ? 20  ARG A CD  1 
ATOM 130  N NE  . ARG A 1 23  ? 10.870  7.658   9.190   1.00 42.34  ? 20  ARG A NE  1 
ATOM 131  C CZ  . ARG A 1 23  ? 11.698  8.644   8.873   1.00 41.19  ? 20  ARG A CZ  1 
ATOM 132  N NH1 . ARG A 1 23  ? 12.639  8.457   7.960   1.00 48.65  ? 20  ARG A NH1 1 
ATOM 133  N NH2 . ARG A 1 23  ? 11.599  9.814   9.480   1.00 42.80  ? 20  ARG A NH2 1 
ATOM 134  N N   . GLN A 1 24  ? 13.181  3.702   12.178  1.00 34.26  ? 21  GLN A N   1 
ATOM 135  C CA  . GLN A 1 24  ? 12.866  3.837   13.602  1.00 41.62  ? 21  GLN A CA  1 
ATOM 136  C C   . GLN A 1 24  ? 11.801  4.899   13.869  1.00 41.60  ? 21  GLN A C   1 
ATOM 137  O O   . GLN A 1 24  ? 11.669  5.880   13.122  1.00 37.15  ? 21  GLN A O   1 
ATOM 138  C CB  . GLN A 1 24  ? 14.115  4.184   14.399  1.00 40.19  ? 21  GLN A CB  1 
ATOM 139  C CG  . GLN A 1 24  ? 14.957  2.994   14.725  1.00 48.53  ? 21  GLN A CG  1 
ATOM 140  C CD  . GLN A 1 24  ? 15.905  3.290   15.843  1.00 50.62  ? 21  GLN A CD  1 
ATOM 141  O OE1 . GLN A 1 24  ? 16.994  3.839   15.625  1.00 47.19  ? 21  GLN A OE1 1 
ATOM 142  N NE2 . GLN A 1 24  ? 15.507  2.933   17.058  1.00 49.11  ? 21  GLN A NE2 1 
ATOM 143  N N   . VAL A 1 25  ? 11.047  4.693   14.943  1.00 41.81  ? 22  VAL A N   1 
ATOM 144  C CA  . VAL A 1 25  ? 10.094  5.696   15.383  1.00 43.64  ? 22  VAL A CA  1 
ATOM 145  C C   . VAL A 1 25  ? 10.803  6.701   16.307  1.00 45.50  ? 22  VAL A C   1 
ATOM 146  O O   . VAL A 1 25  ? 11.303  6.344   17.376  1.00 40.06  ? 22  VAL A O   1 
ATOM 147  C CB  . VAL A 1 25  ? 8.910   5.070   16.115  1.00 38.18  ? 22  VAL A CB  1 
ATOM 148  C CG1 . VAL A 1 25  ? 7.938   6.151   16.523  1.00 36.73  ? 22  VAL A CG1 1 
ATOM 149  C CG2 . VAL A 1 25  ? 8.239   4.039   15.241  1.00 37.13  ? 22  VAL A CG2 1 
ATOM 150  N N   . PHE A 1 26  ? 10.854  7.951   15.867  1.00 41.39  ? 23  PHE A N   1 
ATOM 151  C CA  . PHE A 1 26  ? 11.456  9.032   16.644  1.00 36.18  ? 23  PHE A CA  1 
ATOM 152  C C   . PHE A 1 26  ? 10.352  9.858   17.314  1.00 41.96  ? 23  PHE A C   1 
ATOM 153  O O   . PHE A 1 26  ? 9.214   9.875   16.840  1.00 41.10  ? 23  PHE A O   1 
ATOM 154  C CB  . PHE A 1 26  ? 12.338  9.920   15.746  1.00 30.37  ? 23  PHE A CB  1 
ATOM 155  C CG  . PHE A 1 26  ? 13.622  9.257   15.278  1.00 38.41  ? 23  PHE A CG  1 
ATOM 156  C CD1 . PHE A 1 26  ? 14.077  8.081   15.855  1.00 41.80  ? 23  PHE A CD1 1 
ATOM 157  C CD2 . PHE A 1 26  ? 14.379  9.827   14.265  1.00 45.07  ? 23  PHE A CD2 1 
ATOM 158  C CE1 . PHE A 1 26  ? 15.249  7.476   15.420  1.00 44.03  ? 23  PHE A CE1 1 
ATOM 159  C CE2 . PHE A 1 26  ? 15.561  9.228   13.827  1.00 47.03  ? 23  PHE A CE2 1 
ATOM 160  C CZ  . PHE A 1 26  ? 15.997  8.056   14.407  1.00 44.12  ? 23  PHE A CZ  1 
ATOM 161  N N   . PRO A 1 27  ? 10.683  10.532  18.428  1.00 42.97  ? 24  PRO A N   1 
ATOM 162  C CA  . PRO A 1 27  ? 9.721   11.395  19.127  1.00 36.24  ? 24  PRO A CA  1 
ATOM 163  C C   . PRO A 1 27  ? 8.859   12.254  18.194  1.00 37.57  ? 24  PRO A C   1 
ATOM 164  O O   . PRO A 1 27  ? 7.671   12.431  18.451  1.00 42.29  ? 24  PRO A O   1 
ATOM 165  C CB  . PRO A 1 27  ? 10.625  12.268  20.006  1.00 29.53  ? 24  PRO A CB  1 
ATOM 166  C CG  . PRO A 1 27  ? 11.777  11.332  20.360  1.00 35.54  ? 24  PRO A CG  1 
ATOM 167  C CD  . PRO A 1 27  ? 11.971  10.431  19.151  1.00 36.34  ? 24  PRO A CD  1 
ATOM 168  N N   . GLN A 1 28  ? 9.431   12.749  17.110  1.00 37.67  ? 25  GLN A N   1 
ATOM 169  C CA  . GLN A 1 28  ? 8.680   13.587  16.180  1.00 39.59  ? 25  GLN A CA  1 
ATOM 170  C C   . GLN A 1 28  ? 7.590   12.817  15.413  1.00 39.90  ? 25  GLN A C   1 
ATOM 171  O O   . GLN A 1 28  ? 6.777   13.413  14.701  1.00 29.94  ? 25  GLN A O   1 
ATOM 172  C CB  . GLN A 1 28  ? 9.642   14.221  15.196  1.00 38.23  ? 25  GLN A CB  1 
ATOM 173  C CG  . GLN A 1 28  ? 10.551  13.174  14.628  1.00 49.38  ? 25  GLN A CG  1 
ATOM 174  C CD  . GLN A 1 28  ? 11.437  13.703  13.557  1.00 60.08  ? 25  GLN A CD  1 
ATOM 175  O OE1 . GLN A 1 28  ? 11.084  14.647  12.855  1.00 63.90  ? 25  GLN A OE1 1 
ATOM 176  N NE2 . GLN A 1 28  ? 12.587  13.076  13.389  1.00 63.94  ? 25  GLN A NE2 1 
ATOM 177  N N   . ASP A 1 29  ? 7.596   11.495  15.532  1.00 46.80  ? 26  ASP A N   1 
ATOM 178  C CA  . ASP A 1 29  ? 6.590   10.662  14.871  1.00 41.05  ? 26  ASP A CA  1 
ATOM 179  C C   . ASP A 1 29  ? 5.431   10.379  15.807  1.00 37.59  ? 26  ASP A C   1 
ATOM 180  O O   . ASP A 1 29  ? 4.483   9.695   15.441  1.00 33.82  ? 26  ASP A O   1 
ATOM 181  C CB  . ASP A 1 29  ? 7.188   9.331   14.408  1.00 42.27  ? 26  ASP A CB  1 
ATOM 182  C CG  . ASP A 1 29  ? 8.277   9.503   13.378  1.00 55.08  ? 26  ASP A CG  1 
ATOM 183  O OD1 . ASP A 1 29  ? 8.125   10.379  12.500  1.00 64.04  ? 26  ASP A OD1 1 
ATOM 184  O OD2 . ASP A 1 29  ? 9.288   8.762   13.458  1.00 50.33  ? 26  ASP A OD2 1 
ATOM 185  N N   . THR A 1 30  ? 5.516   10.838  17.027  1.00 26.59  ? 27  THR A N   1 
ATOM 186  C CA  . THR A 1 30  ? 4.506   10.522  17.994  1.00 43.40  ? 27  THR A CA  1 
ATOM 187  C C   . THR A 1 30  ? 3.521   11.605  18.339  1.00 46.93  ? 27  THR A C   1 
ATOM 188  O O   . THR A 1 30  ? 3.745   12.760  18.086  1.00 51.36  ? 27  THR A O   1 
ATOM 189  C CB  . THR A 1 30  ? 5.142   9.966   19.280  1.00 45.90  ? 27  THR A CB  1 
ATOM 190  O OG1 . THR A 1 30  ? 5.781   11.009  19.986  1.00 46.93  ? 27  THR A OG1 1 
ATOM 191  C CG2 . THR A 1 30  ? 6.160   8.945   18.968  1.00 28.43  ? 27  THR A CG2 1 
ATOM 192  N N   . ALA A 1 31  ? 2.393   11.199  18.879  1.00 56.89  ? 28  ALA A N   1 
ATOM 193  C CA  . ALA A 1 31  ? 1.387   12.137  19.318  1.00 62.77  ? 28  ALA A CA  1 
ATOM 194  C C   . ALA A 1 31  ? 1.164   11.925  20.794  1.00 73.05  ? 28  ALA A C   1 
ATOM 195  O O   . ALA A 1 31  ? 1.358   12.804  21.588  1.00 95.78  ? 28  ALA A O   1 
ATOM 196  C CB  . ALA A 1 31  ? 0.100   11.946  18.561  1.00 60.77  ? 28  ALA A CB  1 
ATOM 197  N N   . HIS A 1 32  ? 0.747   10.723  21.134  1.00 60.59  ? 29  HIS A N   1 
ATOM 198  C CA  . HIS A 1 32  ? 0.525   10.311  22.494  1.00 65.93  ? 29  HIS A CA  1 
ATOM 199  C C   . HIS A 1 32  ? 1.871   10.004  23.031  1.00 59.56  ? 29  HIS A C   1 
ATOM 200  O O   . HIS A 1 32  ? 2.783   9.847   22.287  1.00 53.63  ? 29  HIS A O   1 
ATOM 201  C CB  . HIS A 1 32  ? -0.332  9.074   22.535  1.00 74.14  ? 29  HIS A CB  1 
ATOM 202  C CG  . HIS A 1 32  ? -1.789  9.354   22.377  1.00 79.54  ? 29  HIS A CG  1 
ATOM 203  N ND1 . HIS A 1 32  ? -2.611  8.581   21.594  1.00 79.84  ? 29  HIS A ND1 1 
ATOM 204  C CD2 . HIS A 1 32  ? -2.566  10.324  22.896  1.00 87.59  ? 29  HIS A CD2 1 
ATOM 205  C CE1 . HIS A 1 32  ? -3.839  9.055   21.647  1.00 82.78  ? 29  HIS A CE1 1 
ATOM 206  N NE2 . HIS A 1 32  ? -3.838  10.114  22.429  1.00 92.96  ? 29  HIS A NE2 1 
ATOM 207  N N   . HIS A 1 33  ? 2.009   9.927   24.334  1.00 61.87  ? 30  HIS A N   1 
ATOM 208  C CA  . HIS A 1 33  ? 3.314   9.711   24.898  1.00 61.89  ? 30  HIS A CA  1 
ATOM 209  C C   . HIS A 1 33  ? 3.936   8.447   24.378  1.00 58.10  ? 30  HIS A C   1 
ATOM 210  O O   . HIS A 1 33  ? 3.422   7.371   24.539  1.00 52.77  ? 30  HIS A O   1 
ATOM 211  C CB  . HIS A 1 33  ? 3.176   9.638   26.399  1.00 67.07  ? 30  HIS A CB  1 
ATOM 212  C CG  . HIS A 1 33  ? 4.468   9.465   27.120  1.00 81.54  ? 30  HIS A CG  1 
ATOM 213  N ND1 . HIS A 1 33  ? 5.411   10.460  27.199  1.00 93.11  ? 30  HIS A ND1 1 
ATOM 214  C CD2 . HIS A 1 33  ? 4.974   8.410   27.794  1.00 86.78  ? 30  HIS A CD2 1 
ATOM 215  C CE1 . HIS A 1 33  ? 6.444   10.025  27.891  1.00 97.00  ? 30  HIS A CE1 1 
ATOM 216  N NE2 . HIS A 1 33  ? 6.206   8.783   28.259  1.00 95.98  ? 30  HIS A NE2 1 
ATOM 217  N N   . HIS A 1 34  ? 5.100   8.627   23.786  1.00 55.40  ? 31  HIS A N   1 
ATOM 218  C CA  . HIS A 1 34  ? 5.888   7.537   23.198  1.00 55.45  ? 31  HIS A CA  1 
ATOM 219  C C   . HIS A 1 34  ? 5.090   6.581   22.304  1.00 52.89  ? 31  HIS A C   1 
ATOM 220  O O   . HIS A 1 34  ? 5.418   5.410   22.219  1.00 54.71  ? 31  HIS A O   1 
ATOM 221  C CB  . HIS A 1 34  ? 6.584   6.726   24.301  1.00 60.84  ? 31  HIS A CB  1 
ATOM 222  C CG  . HIS A 1 34  ? 7.635   7.485   25.055  1.00 74.24  ? 31  HIS A CG  1 
ATOM 223  N ND1 . HIS A 1 34  ? 8.493   6.872   25.943  1.00 84.00  ? 31  HIS A ND1 1 
ATOM 224  C CD2 . HIS A 1 34  ? 7.984   8.795   25.040  1.00 79.02  ? 31  HIS A CD2 1 
ATOM 225  C CE1 . HIS A 1 34  ? 9.316   7.771   26.454  1.00 85.30  ? 31  HIS A CE1 1 
ATOM 226  N NE2 . HIS A 1 34  ? 9.025   8.948   25.927  1.00 84.53  ? 31  HIS A NE2 1 
ATOM 227  N N   . THR A 1 35  ? 4.056   7.073   21.635  1.00 46.98  ? 32  THR A N   1 
ATOM 228  C CA  . THR A 1 35  ? 3.246   6.227   20.762  1.00 41.98  ? 32  THR A CA  1 
ATOM 229  C C   . THR A 1 35  ? 3.138   6.853   19.387  1.00 40.55  ? 32  THR A C   1 
ATOM 230  O O   . THR A 1 35  ? 2.765   8.020   19.261  1.00 37.26  ? 32  THR A O   1 
ATOM 231  C CB  . THR A 1 35  ? 1.819   6.014   21.319  1.00 45.69  ? 32  THR A CB  1 
ATOM 232  O OG1 . THR A 1 35  ? 1.901   5.472   22.638  1.00 50.75  ? 32  THR A OG1 1 
ATOM 233  C CG2 . THR A 1 35  ? 1.031   5.068   20.433  1.00 42.91  ? 32  THR A CG2 1 
ATOM 234  N N   . MET A 1 36  ? 3.442   6.075   18.357  1.00 35.14  ? 33  MET A N   1 
ATOM 235  C CA  . MET A 1 36  ? 3.429   6.605   17.007  1.00 34.94  ? 33  MET A CA  1 
ATOM 236  C C   . MET A 1 36  ? 2.048   7.106   16.620  1.00 35.72  ? 33  MET A C   1 
ATOM 237  O O   . MET A 1 36  ? 1.026   6.517   16.980  1.00 48.45  ? 33  MET A O   1 
ATOM 238  C CB  . MET A 1 36  ? 3.898   5.555   16.006  1.00 36.59  ? 33  MET A CB  1 
ATOM 239  C CG  . MET A 1 36  ? 4.214   6.144   14.645  1.00 33.43  ? 33  MET A CG  1 
ATOM 240  S SD  . MET A 1 36  ? 4.673   4.923   13.409  1.00 48.17  ? 33  MET A SD  1 
ATOM 241  C CE  . MET A 1 36  ? 5.257   5.972   12.082  1.00 31.50  ? 33  MET A CE  1 
ATOM 242  N N   . PHE A 1 37  ? 2.028   8.215   15.901  1.00 37.82  ? 34  PHE A N   1 
ATOM 243  C CA  . PHE A 1 37  ? 0.789   8.798   15.411  1.00 32.57  ? 34  PHE A CA  1 
ATOM 244  C C   . PHE A 1 37  ? 0.403   8.163   14.076  1.00 32.37  ? 34  PHE A C   1 
ATOM 245  O O   . PHE A 1 37  ? 1.265   7.951   13.198  1.00 34.23  ? 34  PHE A O   1 
ATOM 246  C CB  . PHE A 1 37  ? 0.934   10.317  15.266  1.00 27.24  ? 34  PHE A CB  1 
ATOM 247  C CG  . PHE A 1 37  ? -0.310  10.992  14.777  1.00 34.52  ? 34  PHE A CG  1 
ATOM 248  C CD1 . PHE A 1 37  ? -1.504  10.874  15.493  1.00 28.61  ? 34  PHE A CD1 1 
ATOM 249  C CD2 . PHE A 1 37  ? -0.298  11.736  13.604  1.00 33.63  ? 34  PHE A CD2 1 
ATOM 250  C CE1 . PHE A 1 37  ? -2.670  11.501  15.050  1.00 29.70  ? 34  PHE A CE1 1 
ATOM 251  C CE2 . PHE A 1 37  ? -1.459  12.362  13.146  1.00 35.20  ? 34  PHE A CE2 1 
ATOM 252  C CZ  . PHE A 1 37  ? -2.646  12.254  13.877  1.00 31.86  ? 34  PHE A CZ  1 
ATOM 253  N N   . GLY A 1 38  ? -0.886  7.865   13.924  1.00 35.51  ? 35  GLY A N   1 
ATOM 254  C CA  . GLY A 1 38  ? -1.396  7.153   12.760  1.00 28.87  ? 35  GLY A CA  1 
ATOM 255  C C   . GLY A 1 38  ? -1.136  7.866   11.449  1.00 33.34  ? 35  GLY A C   1 
ATOM 256  O O   . GLY A 1 38  ? -0.849  7.207   10.443  1.00 34.29  ? 35  GLY A O   1 
ATOM 257  N N   . GLY A 1 39  ? -1.219  9.202   11.460  1.00 25.00  ? 36  GLY A N   1 
ATOM 258  C CA  . GLY A 1 39  ? -0.971  9.994   10.267  1.00 24.40  ? 36  GLY A CA  1 
ATOM 259  C C   . GLY A 1 39  ? 0.445   9.805   9.736   1.00 23.65  ? 36  GLY A C   1 
ATOM 260  O O   . GLY A 1 39  ? 0.688   9.727   8.518   1.00 34.70  ? 36  GLY A O   1 
ATOM 261  N N   . THR A 1 40  ? 1.392   9.722   10.664  1.00 29.04  ? 37  THR A N   1 
ATOM 262  C CA  . THR A 1 40  ? 2.791   9.514   10.302  1.00 34.83  ? 37  THR A CA  1 
ATOM 263  C C   . THR A 1 40  ? 2.991   8.148   9.641   1.00 31.67  ? 37  THR A C   1 
ATOM 264  O O   . THR A 1 40  ? 3.635   8.022   8.577   1.00 33.07  ? 37  THR A O   1 
ATOM 265  C CB  . THR A 1 40  ? 3.696   9.612   11.530  1.00 34.93  ? 37  THR A CB  1 
ATOM 266  O OG1 . THR A 1 40  ? 3.386   10.812  12.251  1.00 38.29  ? 37  THR A OG1 1 
ATOM 267  C CG2 . THR A 1 40  ? 5.164   9.607   11.100  1.00 24.07  ? 37  THR A CG2 1 
ATOM 268  N N   . LEU A 1 41  ? 2.440   7.134   10.299  1.00 28.81  ? 38  LEU A N   1 
ATOM 269  C CA  . LEU A 1 41  ? 2.454   5.788   9.762   1.00 36.00  ? 38  LEU A CA  1 
ATOM 270  C C   . LEU A 1 41  ? 1.847   5.774   8.357   1.00 36.95  ? 38  LEU A C   1 
ATOM 271  O O   . LEU A 1 41  ? 2.399   5.144   7.452   1.00 36.71  ? 38  LEU A O   1 
ATOM 272  C CB  . LEU A 1 41  ? 1.708   4.829   10.688  1.00 34.68  ? 38  LEU A CB  1 
ATOM 273  C CG  . LEU A 1 41  ? 1.749   3.385   10.185  1.00 36.01  ? 38  LEU A CG  1 
ATOM 274  C CD1 . LEU A 1 41  ? 3.187   2.986   9.901   1.00 31.81  ? 38  LEU A CD1 1 
ATOM 275  C CD2 . LEU A 1 41  ? 1.111   2.452   11.203  1.00 31.64  ? 38  LEU A CD2 1 
ATOM 276  N N   . MET A 1 42  ? 0.742   6.496   8.169   1.00 28.16  ? 39  MET A N   1 
ATOM 277  C CA  . MET A 1 42  ? 0.083   6.527   6.868   1.00 31.11  ? 39  MET A CA  1 
ATOM 278  C C   . MET A 1 42  ? 0.948   7.192   5.802   1.00 35.58  ? 39  MET A C   1 
ATOM 279  O O   . MET A 1 42  ? 0.991   6.743   4.649   1.00 40.17  ? 39  MET A O   1 
ATOM 280  C CB  . MET A 1 42  ? -1.264  7.232   6.970   1.00 32.05  ? 39  MET A CB  1 
ATOM 281  C CG  . MET A 1 42  ? -2.392  6.300   7.380   1.00 24.76  ? 39  MET A CG  1 
ATOM 282  S SD  . MET A 1 42  ? -4.000  7.102   7.314   1.00 47.37  ? 39  MET A SD  1 
ATOM 283  C CE  . MET A 1 42  ? -4.056  7.883   8.928   1.00 37.25  ? 39  MET A CE  1 
ATOM 284  N N   . ALA A 1 43  ? 1.643   8.255   6.188   1.00 31.40  ? 40  ALA A N   1 
ATOM 285  C CA  . ALA A 1 43  ? 2.531   8.930   5.261   1.00 33.46  ? 40  ALA A CA  1 
ATOM 286  C C   . ALA A 1 43  ? 3.662   7.982   4.811   1.00 29.21  ? 40  ALA A C   1 
ATOM 287  O O   . ALA A 1 43  ? 3.976   7.902   3.618   1.00 23.94  ? 40  ALA A O   1 
ATOM 288  C CB  . ALA A 1 43  ? 3.080   10.208  5.895   1.00 22.53  ? 40  ALA A CB  1 
ATOM 289  N N   . ASN A 1 44  ? 4.238   7.230   5.748   1.00 23.17  ? 41  ASN A N   1 
ATOM 290  C CA  . ASN A 1 44  ? 5.304   6.289   5.378   1.00 27.36  ? 41  ASN A CA  1 
ATOM 291  C C   . ASN A 1 44  ? 4.808   5.115   4.506   1.00 35.09  ? 41  ASN A C   1 
ATOM 292  O O   . ASN A 1 44  ? 5.472   4.711   3.523   1.00 36.90  ? 41  ASN A O   1 
ATOM 293  C CB  . ASN A 1 44  ? 5.990   5.755   6.632   1.00 25.89  ? 41  ASN A CB  1 
ATOM 294  C CG  . ASN A 1 44  ? 6.973   6.742   7.212   1.00 31.53  ? 41  ASN A CG  1 
ATOM 295  O OD1 . ASN A 1 44  ? 8.047   6.949   6.652   1.00 48.22  ? 41  ASN A OD1 1 
ATOM 296  N ND2 . ASN A 1 44  ? 6.615   7.360   8.339   1.00 27.87  ? 41  ASN A ND2 1 
ATOM 297  N N   . ILE A 1 45  ? 3.639   4.584   4.869   1.00 29.89  ? 42  ILE A N   1 
ATOM 298  C CA  . ILE A 1 45  ? 2.966   3.573   4.071   1.00 30.97  ? 42  ILE A CA  1 
ATOM 299  C C   . ILE A 1 45  ? 2.831   4.073   2.637   1.00 32.01  ? 42  ILE A C   1 
ATOM 300  O O   . ILE A 1 45  ? 3.231   3.387   1.697   1.00 36.31  ? 42  ILE A O   1 
ATOM 301  C CB  . ILE A 1 45  ? 1.583   3.216   4.675   1.00 38.22  ? 42  ILE A CB  1 
ATOM 302  C CG1 . ILE A 1 45  ? 1.782   2.384   5.948   1.00 24.37  ? 42  ILE A CG1 1 
ATOM 303  C CG2 . ILE A 1 45  ? 0.693   2.489   3.649   1.00 29.02  ? 42  ILE A CG2 1 
ATOM 304  C CD1 . ILE A 1 45  ? 0.530   2.205   6.749   1.00 29.86  ? 42  ILE A CD1 1 
ATOM 305  N N   . ASP A 1 46  ? 2.315   5.289   2.474   1.00 33.55  ? 43  ASP A N   1 
ATOM 306  C CA  . ASP A 1 46  ? 2.142   5.857   1.137   1.00 31.52  ? 43  ASP A CA  1 
ATOM 307  C C   . ASP A 1 46  ? 3.469   6.028   0.396   1.00 40.11  ? 43  ASP A C   1 
ATOM 308  O O   . ASP A 1 46  ? 3.522   5.824   -0.828  1.00 35.62  ? 43  ASP A O   1 
ATOM 309  C CB  . ASP A 1 46  ? 1.428   7.210   1.208   1.00 25.65  ? 43  ASP A CB  1 
ATOM 310  C CG  . ASP A 1 46  ? 0.916   7.679   -0.156  1.00 32.35  ? 43  ASP A CG  1 
ATOM 311  O OD1 . ASP A 1 46  ? 0.246   6.890   -0.866  1.00 30.62  ? 43  ASP A OD1 1 
ATOM 312  O OD2 . ASP A 1 46  ? 1.204   8.833   -0.533  1.00 38.00  ? 43  ASP A OD2 1 
ATOM 313  N N   . GLU A 1 47  ? 4.518   6.426   1.129   1.00 23.54  ? 44  GLU A N   1 
ATOM 314  C CA  . GLU A 1 47  ? 5.855   6.575   0.553   1.00 32.44  ? 44  GLU A CA  1 
ATOM 315  C C   . GLU A 1 47  ? 6.398   5.264   -0.059  1.00 33.35  ? 44  GLU A C   1 
ATOM 316  O O   . GLU A 1 47  ? 6.817   5.224   -1.239  1.00 28.11  ? 44  GLU A O   1 
ATOM 317  C CB  . GLU A 1 47  ? 6.829   7.113   1.622   1.00 32.44  ? 44  GLU A CB  1 
ATOM 318  C CG  . GLU A 1 47  ? 6.639   8.593   1.925   1.00 38.38  ? 44  GLU A CG  1 
ATOM 319  C CD  . GLU A 1 47  ? 7.508   9.109   3.065   1.00 51.85  ? 44  GLU A CD  1 
ATOM 320  O OE1 . GLU A 1 47  ? 8.304   8.331   3.634   1.00 55.06  ? 44  GLU A OE1 1 
ATOM 321  O OE2 . GLU A 1 47  ? 7.373   10.304  3.413   1.00 61.11  ? 44  GLU A OE2 1 
ATOM 322  N N   . ILE A 1 48  ? 6.362   4.190   0.730   1.00 24.11  ? 45  ILE A N   1 
ATOM 323  C CA  . ILE A 1 48  ? 6.970   2.940   0.295   1.00 36.21  ? 45  ILE A CA  1 
ATOM 324  C C   . ILE A 1 48  ? 6.100   2.263   -0.784  1.00 36.90  ? 45  ILE A C   1 
ATOM 325  O O   . ILE A 1 48  ? 6.626   1.668   -1.765  1.00 34.52  ? 45  ILE A O   1 
ATOM 326  C CB  . ILE A 1 48  ? 7.246   1.982   1.511   1.00 30.84  ? 45  ILE A CB  1 
ATOM 327  C CG1 . ILE A 1 48  ? 8.148   0.807   1.088   1.00 34.60  ? 45  ILE A CG1 1 
ATOM 328  C CG2 . ILE A 1 48  ? 5.960   1.490   2.160   1.00 25.20  ? 45  ILE A CG2 1 
ATOM 329  C CD1 . ILE A 1 48  ? 9.432   1.241   0.399   1.00 25.67  ? 45  ILE A CD1 1 
ATOM 330  N N   . ALA A 1 49  ? 4.783   2.406   -0.628  1.00 25.45  ? 46  ALA A N   1 
ATOM 331  C CA  . ALA A 1 49  ? 3.836   1.880   -1.606  1.00 30.29  ? 46  ALA A CA  1 
ATOM 332  C C   . ALA A 1 49  ? 4.037   2.570   -2.956  1.00 33.70  ? 46  ALA A C   1 
ATOM 333  O O   . ALA A 1 49  ? 4.059   1.907   -4.007  1.00 37.15  ? 46  ALA A O   1 
ATOM 334  C CB  . ALA A 1 49  ? 2.398   2.044   -1.110  1.00 26.20  ? 46  ALA A CB  1 
ATOM 335  N N   . ALA A 1 50  ? 4.212   3.893   -2.927  1.00 27.42  ? 47  ALA A N   1 
ATOM 336  C CA  . ALA A 1 50  ? 4.443   4.649   -4.162  1.00 35.63  ? 47  ALA A CA  1 
ATOM 337  C C   . ALA A 1 50  ? 5.733   4.189   -4.852  1.00 38.26  ? 47  ALA A C   1 
ATOM 338  O O   . ALA A 1 50  ? 5.784   4.061   -6.093  1.00 33.14  ? 47  ALA A O   1 
ATOM 339  C CB  . ALA A 1 50  ? 4.493   6.145   -3.880  1.00 26.83  ? 47  ALA A CB  1 
ATOM 340  N N   . ILE A 1 51  ? 6.776   3.935   -4.058  1.00 27.39  ? 48  ILE A N   1 
ATOM 341  C CA  . ILE A 1 51  ? 8.020   3.435   -4.657  1.00 31.46  ? 48  ILE A CA  1 
ATOM 342  C C   . ILE A 1 51  ? 7.822   2.060   -5.354  1.00 41.56  ? 48  ILE A C   1 
ATOM 343  O O   . ILE A 1 51  ? 8.275   1.848   -6.501  1.00 30.57  ? 48  ILE A O   1 
ATOM 344  C CB  . ILE A 1 51  ? 9.135   3.373   -3.598  1.00 38.80  ? 48  ILE A CB  1 
ATOM 345  C CG1 . ILE A 1 51  ? 9.486   4.812   -3.162  1.00 34.82  ? 48  ILE A CG1 1 
ATOM 346  C CG2 . ILE A 1 51  ? 10.356  2.627   -4.136  1.00 28.45  ? 48  ILE A CG2 1 
ATOM 347  C CD1 . ILE A 1 51  ? 10.486  4.923   -2.058  1.00 30.63  ? 48  ILE A CD1 1 
ATOM 348  N N   . THR A 1 52  ? 7.108   1.148   -4.688  1.00 35.33  ? 49  THR A N   1 
ATOM 349  C CA  . THR A 1 52  ? 6.795   -0.144  -5.302  1.00 35.89  ? 49  THR A CA  1 
ATOM 350  C C   . THR A 1 52  ? 5.983   0.004   -6.596  1.00 36.89  ? 49  THR A C   1 
ATOM 351  O O   . THR A 1 52  ? 6.288   -0.644  -7.601  1.00 32.91  ? 49  THR A O   1 
ATOM 352  C CB  . THR A 1 52  ? 6.044   -1.054  -4.313  1.00 44.23  ? 49  THR A CB  1 
ATOM 353  O OG1 . THR A 1 52  ? 7.008   -1.740  -3.510  1.00 43.39  ? 49  THR A OG1 1 
ATOM 354  C CG2 . THR A 1 52  ? 5.154   -2.091  -5.036  1.00 41.04  ? 49  THR A CG2 1 
ATOM 355  N N   . ALA A 1 53  ? 4.978   0.871   -6.582  1.00 33.94  ? 50  ALA A N   1 
ATOM 356  C CA  . ALA A 1 53  ? 4.169   1.107   -7.780  1.00 38.55  ? 50  ALA A CA  1 
ATOM 357  C C   . ALA A 1 53  ? 5.020   1.674   -8.911  1.00 41.79  ? 50  ALA A C   1 
ATOM 358  O O   . ALA A 1 53  ? 4.801   1.356   -10.081 1.00 34.74  ? 50  ALA A O   1 
ATOM 359  C CB  . ALA A 1 53  ? 2.994   2.051   -7.475  1.00 31.40  ? 50  ALA A CB  1 
ATOM 360  N N   . MET A 1 54  ? 5.983   2.524   -8.566  1.00 38.49  ? 51  MET A N   1 
ATOM 361  C CA  . MET A 1 54  ? 6.847   3.095   -9.588  1.00 35.15  ? 51  MET A CA  1 
ATOM 362  C C   . MET A 1 54  ? 7.706   2.012   -10.231 1.00 38.29  ? 51  MET A C   1 
ATOM 363  O O   . MET A 1 54  ? 7.863   1.980   -11.453 1.00 36.78  ? 51  MET A O   1 
ATOM 364  C CB  . MET A 1 54  ? 7.737   4.194   -9.007  1.00 42.22  ? 51  MET A CB  1 
ATOM 365  C CG  . MET A 1 54  ? 7.123   5.580   -9.051  1.00 58.71  ? 51  MET A CG  1 
ATOM 366  S SD  . MET A 1 54  ? 8.227   6.845   -8.366  1.00 58.92  ? 51  MET A SD  1 
ATOM 367  C CE  . MET A 1 54  ? 8.133   6.334   -6.657  1.00 56.54  ? 51  MET A CE  1 
ATOM 368  N N   . LYS A 1 55  ? 8.265   1.136   -9.399  1.00 37.79  ? 52  LYS A N   1 
ATOM 369  C CA  . LYS A 1 55  ? 9.103   0.054   -9.908  1.00 44.52  ? 52  LYS A CA  1 
ATOM 370  C C   . LYS A 1 55  ? 8.289   -0.878  -10.801 1.00 43.10  ? 52  LYS A C   1 
ATOM 371  O O   . LYS A 1 55  ? 8.738   -1.243  -11.883 1.00 47.08  ? 52  LYS A O   1 
ATOM 372  C CB  . LYS A 1 55  ? 9.752   -0.717  -8.754  1.00 47.76  ? 52  LYS A CB  1 
ATOM 373  C CG  . LYS A 1 55  ? 10.656  0.168   -7.901  1.00 52.38  ? 52  LYS A CG  1 
ATOM 374  C CD  . LYS A 1 55  ? 11.262  -0.549  -6.706  1.00 50.11  ? 52  LYS A CD  1 
ATOM 375  C CE  . LYS A 1 55  ? 12.553  -1.282  -7.052  1.00 59.32  ? 52  LYS A CE  1 
ATOM 376  N NZ  . LYS A 1 55  ? 13.468  -1.328  -5.869  1.00 55.36  ? 52  LYS A NZ  1 
ATOM 377  N N   . HIS A 1 56  ? 7.083   -1.230  -10.366 1.00 42.13  ? 53  HIS A N   1 
ATOM 378  C CA  . HIS A 1 56  ? 6.239   -2.084  -11.177 1.00 44.81  ? 53  HIS A CA  1 
ATOM 379  C C   . HIS A 1 56  ? 5.828   -1.423  -12.490 1.00 45.80  ? 53  HIS A C   1 
ATOM 380  O O   . HIS A 1 56  ? 5.923   -2.036  -13.562 1.00 44.47  ? 53  HIS A O   1 
ATOM 381  C CB  . HIS A 1 56  ? 4.981   -2.510  -10.427 1.00 46.34  ? 53  HIS A CB  1 
ATOM 382  C CG  . HIS A 1 56  ? 4.129   -3.444  -11.223 1.00 47.99  ? 53  HIS A CG  1 
ATOM 383  N ND1 . HIS A 1 56  ? 4.394   -4.795  -11.304 1.00 48.26  ? 53  HIS A ND1 1 
ATOM 384  C CD2 . HIS A 1 56  ? 3.059   -3.222  -12.023 1.00 49.47  ? 53  HIS A CD2 1 
ATOM 385  C CE1 . HIS A 1 56  ? 3.505   -5.368  -12.098 1.00 52.12  ? 53  HIS A CE1 1 
ATOM 386  N NE2 . HIS A 1 56  ? 2.688   -4.436  -12.550 1.00 51.14  ? 53  HIS A NE2 1 
ATOM 387  N N   . ALA A 1 57  ? 5.370   -0.181  -12.396 1.00 43.41  ? 54  ALA A N   1 
ATOM 388  C CA  . ALA A 1 57  ? 4.841   0.552   -13.538 1.00 40.17  ? 54  ALA A CA  1 
ATOM 389  C C   . ALA A 1 57  ? 5.939   1.049   -14.468 1.00 41.61  ? 54  ALA A C   1 
ATOM 390  O O   . ALA A 1 57  ? 5.686   1.327   -15.640 1.00 43.56  ? 54  ALA A O   1 
ATOM 391  C CB  . ALA A 1 57  ? 4.001   1.734   -13.052 1.00 38.95  ? 54  ALA A CB  1 
ATOM 392  N N   . GLY A 1 58  ? 7.153   1.171   -13.937 1.00 40.84  ? 55  GLY A N   1 
ATOM 393  C CA  . GLY A 1 58  ? 8.226   1.856   -14.638 1.00 42.06  ? 55  GLY A CA  1 
ATOM 394  C C   . GLY A 1 58  ? 7.819   3.283   -14.974 1.00 53.90  ? 55  GLY A C   1 
ATOM 395  O O   . GLY A 1 58  ? 8.086   3.753   -16.074 1.00 61.40  ? 55  GLY A O   1 
ATOM 396  N N   . ALA A 1 59  ? 7.168   3.975   -14.034 1.00 46.37  ? 56  ALA A N   1 
ATOM 397  C CA  . ALA A 1 59  ? 6.560   5.279   -14.331 1.00 49.73  ? 56  ALA A CA  1 
ATOM 398  C C   . ALA A 1 59  ? 6.270   6.103   -13.075 1.00 46.81  ? 56  ALA A C   1 
ATOM 399  O O   . ALA A 1 59  ? 6.370   5.601   -11.963 1.00 47.56  ? 56  ALA A O   1 
ATOM 400  C CB  . ALA A 1 59  ? 5.267   5.080   -15.129 1.00 50.22  ? 56  ALA A CB  1 
ATOM 401  N N   . GLN A 1 60  ? 5.904   7.369   -13.253 1.00 49.73  ? 57  GLN A N   1 
ATOM 402  C CA  . GLN A 1 60  ? 5.393   8.174   -12.136 1.00 52.43  ? 57  GLN A CA  1 
ATOM 403  C C   . GLN A 1 60  ? 4.012   7.668   -11.737 1.00 43.77  ? 57  GLN A C   1 
ATOM 404  O O   . GLN A 1 60  ? 3.254   7.201   -12.575 1.00 48.94  ? 57  GLN A O   1 
ATOM 405  C CB  . GLN A 1 60  ? 5.317   9.662   -12.504 1.00 56.68  ? 57  GLN A CB  1 
ATOM 406  C CG  . GLN A 1 60  ? 6.642   10.261  -12.943 1.00 66.97  ? 57  GLN A CG  1 
ATOM 407  C CD  . GLN A 1 60  ? 7.614   10.484  -11.794 1.00 72.95  ? 57  GLN A CD  1 
ATOM 408  O OE1 . GLN A 1 60  ? 7.305   10.210  -10.631 1.00 72.93  ? 57  GLN A OE1 1 
ATOM 409  N NE2 . GLN A 1 60  ? 8.805   10.971  -12.121 1.00 76.61  ? 57  GLN A NE2 1 
ATOM 410  N N   . VAL A 1 61  ? 3.687   7.745   -10.456 1.00 37.84  ? 58  VAL A N   1 
ATOM 411  C CA  . VAL A 1 61  ? 2.406   7.257   -9.989  1.00 42.62  ? 58  VAL A CA  1 
ATOM 412  C C   . VAL A 1 61  ? 1.750   8.271   -9.066  1.00 50.80  ? 58  VAL A C   1 
ATOM 413  O O   . VAL A 1 61  ? 2.437   9.129   -8.501  1.00 50.03  ? 58  VAL A O   1 
ATOM 414  C CB  . VAL A 1 61  ? 2.553   5.925   -9.247  1.00 41.08  ? 58  VAL A CB  1 
ATOM 415  C CG1 . VAL A 1 61  ? 3.138   4.849   -10.175 1.00 39.74  ? 58  VAL A CG1 1 
ATOM 416  C CG2 . VAL A 1 61  ? 3.418   6.107   -8.013  1.00 35.41  ? 58  VAL A CG2 1 
ATOM 417  N N   . VAL A 1 62  ? 0.425   8.189   -8.928  1.00 46.00  ? 59  VAL A N   1 
ATOM 418  C CA  . VAL A 1 62  ? -0.246  8.909   -7.844  1.00 44.13  ? 59  VAL A CA  1 
ATOM 419  C C   . VAL A 1 62  ? -1.126  7.960   -7.053  1.00 38.89  ? 59  VAL A C   1 
ATOM 420  O O   . VAL A 1 62  ? -1.636  6.974   -7.595  1.00 39.81  ? 59  VAL A O   1 
ATOM 421  C CB  . VAL A 1 62  ? -1.120  10.110  -8.345  1.00 47.53  ? 59  VAL A CB  1 
ATOM 422  C CG1 . VAL A 1 62  ? -0.243  11.235  -8.856  1.00 42.42  ? 59  VAL A CG1 1 
ATOM 423  C CG2 . VAL A 1 62  ? -2.125  9.663   -9.413  1.00 42.82  ? 59  VAL A CG2 1 
ATOM 424  N N   . THR A 1 63  ? -1.307  8.265   -5.770  1.00 35.94  ? 60  THR A N   1 
ATOM 425  C CA  . THR A 1 63  ? -2.279  7.554   -4.955  1.00 37.93  ? 60  THR A CA  1 
ATOM 426  C C   . THR A 1 63  ? -3.704  7.956   -5.352  1.00 38.86  ? 60  THR A C   1 
ATOM 427  O O   . THR A 1 63  ? -4.072  9.121   -5.258  1.00 48.06  ? 60  THR A O   1 
ATOM 428  C CB  . THR A 1 63  ? -2.083  7.819   -3.467  1.00 39.87  ? 60  THR A CB  1 
ATOM 429  O OG1 . THR A 1 63  ? -0.686  7.800   -3.153  1.00 39.20  ? 60  THR A OG1 1 
ATOM 430  C CG2 . THR A 1 63  ? -2.836  6.772   -2.640  1.00 27.60  ? 60  THR A CG2 1 
ATOM 431  N N   . ALA A 1 64  ? -4.480  6.978   -5.816  1.00 39.68  ? 61  ALA A N   1 
ATOM 432  C CA  . ALA A 1 64  ? -5.866  7.169   -6.220  1.00 42.35  ? 61  ALA A CA  1 
ATOM 433  C C   . ALA A 1 64  ? -6.792  6.993   -5.030  1.00 41.93  ? 61  ALA A C   1 
ATOM 434  O O   . ALA A 1 64  ? -7.792  7.695   -4.886  1.00 44.91  ? 61  ALA A O   1 
ATOM 435  C CB  . ALA A 1 64  ? -6.242  6.195   -7.318  1.00 33.56  ? 61  ALA A CB  1 
ATOM 436  N N   . SER A 1 65  ? -6.442  6.051   -4.170  1.00 34.22  ? 62  SER A N   1 
ATOM 437  C CA  . SER A 1 65  ? -7.223  5.812   -2.983  1.00 36.51  ? 62  SER A CA  1 
ATOM 438  C C   . SER A 1 65  ? -6.444  5.001   -1.974  1.00 36.53  ? 62  SER A C   1 
ATOM 439  O O   . SER A 1 65  ? -5.553  4.220   -2.318  1.00 38.78  ? 62  SER A O   1 
ATOM 440  C CB  . SER A 1 65  ? -8.534  5.088   -3.326  1.00 42.58  ? 62  SER A CB  1 
ATOM 441  O OG  . SER A 1 65  ? -8.289  3.745   -3.717  1.00 51.02  ? 62  SER A OG  1 
ATOM 442  N N   . THR A 1 66  ? -6.801  5.197   -0.719  1.00 40.50  ? 63  THR A N   1 
ATOM 443  C CA  . THR A 1 66  ? -6.344  4.326   0.336   1.00 41.99  ? 63  THR A CA  1 
ATOM 444  C C   . THR A 1 66  ? -7.509  3.419   0.644   1.00 43.43  ? 63  THR A C   1 
ATOM 445  O O   . THR A 1 66  ? -8.511  3.846   1.198   1.00 49.90  ? 63  THR A O   1 
ATOM 446  C CB  . THR A 1 66  ? -5.891  5.121   1.560   1.00 41.62  ? 63  THR A CB  1 
ATOM 447  O OG1 . THR A 1 66  ? -4.749  5.901   1.191   1.00 41.81  ? 63  THR A OG1 1 
ATOM 448  C CG2 . THR A 1 66  ? -5.524  4.196   2.716   1.00 37.94  ? 63  THR A CG2 1 
ATOM 449  N N   . ASP A 1 67  ? -7.390  2.165   0.232   1.00 43.63  ? 64  ASP A N   1 
ATOM 450  C CA  . ASP A 1 67  ? -8.491  1.229   0.359   1.00 42.31  ? 64  ASP A CA  1 
ATOM 451  C C   . ASP A 1 67  ? -8.638  0.815   1.814   1.00 42.62  ? 64  ASP A C   1 
ATOM 452  O O   . ASP A 1 67  ? -9.752  0.679   2.300   1.00 47.77  ? 64  ASP A O   1 
ATOM 453  C CB  . ASP A 1 67  ? -8.274  0.023   -0.542  1.00 39.73  ? 64  ASP A CB  1 
ATOM 454  C CG  . ASP A 1 67  ? -7.863  0.418   -1.948  1.00 51.32  ? 64  ASP A CG  1 
ATOM 455  O OD1 . ASP A 1 67  ? -8.311  1.491   -2.397  1.00 51.65  ? 64  ASP A OD1 1 
ATOM 456  O OD2 . ASP A 1 67  ? -7.083  -0.330  -2.591  1.00 63.95  ? 64  ASP A OD2 1 
ATOM 457  N N   . SER A 1 68  ? -7.521  0.621   2.512   1.00 38.11  ? 65  SER A N   1 
ATOM 458  C CA  . SER A 1 68  ? -7.599  0.399   3.958   1.00 35.40  ? 65  SER A CA  1 
ATOM 459  C C   . SER A 1 68  ? -6.246  0.514   4.664   1.00 41.10  ? 65  SER A C   1 
ATOM 460  O O   . SER A 1 68  ? -5.182  0.304   4.077   1.00 42.59  ? 65  SER A O   1 
ATOM 461  C CB  . SER A 1 68  ? -8.206  -0.977  4.272   1.00 40.77  ? 65  SER A CB  1 
ATOM 462  O OG  . SER A 1 68  ? -7.224  -2.008  4.206   1.00 55.79  ? 65  SER A OG  1 
ATOM 463  N N   . VAL A 1 69  ? -6.304  0.872   5.937   1.00 41.18  ? 66  VAL A N   1 
ATOM 464  C CA  . VAL A 1 69  ? -5.168  0.737   6.823   1.00 39.67  ? 66  VAL A CA  1 
ATOM 465  C C   . VAL A 1 69  ? -5.707  0.142   8.109   1.00 41.02  ? 66  VAL A C   1 
ATOM 466  O O   . VAL A 1 69  ? -6.489  0.775   8.801   1.00 40.62  ? 66  VAL A O   1 
ATOM 467  C CB  . VAL A 1 69  ? -4.455  2.089   7.113   1.00 37.51  ? 66  VAL A CB  1 
ATOM 468  C CG1 . VAL A 1 69  ? -3.249  1.868   8.011   1.00 27.23  ? 66  VAL A CG1 1 
ATOM 469  C CG2 . VAL A 1 69  ? -4.035  2.774   5.826   1.00 35.61  ? 66  VAL A CG2 1 
ATOM 470  N N   . ASP A 1 70  ? -5.318  -1.085  8.415   1.00 41.24  ? 67  ASP A N   1 
ATOM 471  C CA  . ASP A 1 70  ? -5.636  -1.654  9.704   1.00 47.97  ? 67  ASP A CA  1 
ATOM 472  C C   . ASP A 1 70  ? -4.426  -1.507  10.623  1.00 47.77  ? 67  ASP A C   1 
ATOM 473  O O   . ASP A 1 70  ? -3.328  -2.019  10.339  1.00 49.32  ? 67  ASP A O   1 
ATOM 474  C CB  . ASP A 1 70  ? -6.083  -3.109  9.565   1.00 67.47  ? 67  ASP A CB  1 
ATOM 475  C CG  . ASP A 1 70  ? -7.507  -3.232  9.016   1.00 99.21  ? 67  ASP A CG  1 
ATOM 476  O OD1 . ASP A 1 70  ? -8.467  -2.891  9.750   1.00 107.15 ? 67  ASP A OD1 1 
ATOM 477  O OD2 . ASP A 1 70  ? -7.672  -3.661  7.850   1.00 108.12 ? 67  ASP A OD2 1 
ATOM 478  N N   . PHE A 1 71  ? -4.644  -0.741  11.695  1.00 41.96  ? 68  PHE A N   1 
ATOM 479  C CA  . PHE A 1 71  ? -3.695  -0.555  12.788  1.00 42.78  ? 68  PHE A CA  1 
ATOM 480  C C   . PHE A 1 71  ? -3.893  -1.646  13.835  1.00 42.55  ? 68  PHE A C   1 
ATOM 481  O O   . PHE A 1 71  ? -4.777  -1.554  14.671  1.00 38.48  ? 68  PHE A O   1 
ATOM 482  C CB  . PHE A 1 71  ? -3.865  0.836   13.440  1.00 43.76  ? 68  PHE A CB  1 
ATOM 483  C CG  . PHE A 1 71  ? -3.750  1.997   12.470  1.00 36.40  ? 68  PHE A CG  1 
ATOM 484  C CD1 . PHE A 1 71  ? -4.875  2.500   11.825  1.00 31.51  ? 68  PHE A CD1 1 
ATOM 485  C CD2 . PHE A 1 71  ? -2.512  2.581   12.204  1.00 32.43  ? 68  PHE A CD2 1 
ATOM 486  C CE1 . PHE A 1 71  ? -4.774  3.571   10.930  1.00 36.01  ? 68  PHE A CE1 1 
ATOM 487  C CE2 . PHE A 1 71  ? -2.400  3.652   11.307  1.00 32.07  ? 68  PHE A CE2 1 
ATOM 488  C CZ  . PHE A 1 71  ? -3.533  4.152   10.673  1.00 32.90  ? 68  PHE A CZ  1 
ATOM 489  N N   . LEU A 1 72  ? -3.061  -2.679  13.802  1.00 50.78  ? 69  LEU A N   1 
ATOM 490  C CA  . LEU A 1 72  ? -3.271  -3.851  14.652  1.00 51.48  ? 69  LEU A CA  1 
ATOM 491  C C   . LEU A 1 72  ? -2.686  -3.701  16.054  1.00 48.12  ? 69  LEU A C   1 
ATOM 492  O O   . LEU A 1 72  ? -3.182  -4.303  17.008  1.00 44.15  ? 69  LEU A O   1 
ATOM 493  C CB  . LEU A 1 72  ? -2.670  -5.084  13.975  1.00 49.53  ? 69  LEU A CB  1 
ATOM 494  C CG  . LEU A 1 72  ? -2.976  -5.122  12.474  1.00 49.91  ? 69  LEU A CG  1 
ATOM 495  C CD1 . LEU A 1 72  ? -2.100  -6.144  11.783  1.00 52.81  ? 69  LEU A CD1 1 
ATOM 496  C CD2 . LEU A 1 72  ? -4.466  -5.395  12.215  1.00 43.11  ? 69  LEU A CD2 1 
ATOM 497  N N   . LYS A 1 73  ? -1.636  -2.893  16.169  1.00 46.45  ? 70  LYS A N   1 
ATOM 498  C CA  . LYS A 1 73  ? -0.822  -2.849  17.380  1.00 52.06  ? 70  LYS A CA  1 
ATOM 499  C C   . LYS A 1 73  ? -0.291  -1.436  17.652  1.00 50.31  ? 70  LYS A C   1 
ATOM 500  O O   . LYS A 1 73  ? 0.030   -0.688  16.721  1.00 38.16  ? 70  LYS A O   1 
ATOM 501  C CB  . LYS A 1 73  ? 0.353   -3.836  17.258  1.00 53.44  ? 70  LYS A CB  1 
ATOM 502  C CG  . LYS A 1 73  ? 0.773   -4.452  18.579  1.00 61.91  ? 70  LYS A CG  1 
ATOM 503  C CD  . LYS A 1 73  ? 1.965   -5.399  18.447  1.00 65.70  ? 70  LYS A CD  1 
ATOM 504  C CE  . LYS A 1 73  ? 1.738   -6.388  17.334  1.00 76.71  ? 70  LYS A CE  1 
ATOM 505  N NZ  . LYS A 1 73  ? 0.479   -7.146  17.534  1.00 83.52  ? 70  LYS A NZ  1 
ATOM 506  N N   . PRO A 1 74  ? -0.202  -1.059  18.935  1.00 52.17  ? 71  PRO A N   1 
ATOM 507  C CA  . PRO A 1 74  ? 0.484   0.203   19.216  1.00 46.51  ? 71  PRO A CA  1 
ATOM 508  C C   . PRO A 1 74  ? 1.968   0.112   18.863  1.00 45.73  ? 71  PRO A C   1 
ATOM 509  O O   . PRO A 1 74  ? 2.611   -0.913  19.090  1.00 53.51  ? 71  PRO A O   1 
ATOM 510  C CB  . PRO A 1 74  ? 0.278   0.396   20.723  1.00 46.91  ? 71  PRO A CB  1 
ATOM 511  C CG  . PRO A 1 74  ? -0.912  -0.439  21.063  1.00 46.75  ? 71  PRO A CG  1 
ATOM 512  C CD  . PRO A 1 74  ? -0.834  -1.629  20.136  1.00 52.23  ? 71  PRO A CD  1 
ATOM 513  N N   . ILE A 1 75  ? 2.482   1.186   18.285  1.00 40.86  ? 72  ILE A N   1 
ATOM 514  C CA  . ILE A 1 75  ? 3.874   1.300   17.880  1.00 38.51  ? 72  ILE A CA  1 
ATOM 515  C C   . ILE A 1 75  ? 4.574   2.361   18.739  1.00 45.99  ? 72  ILE A C   1 
ATOM 516  O O   . ILE A 1 75  ? 4.213   3.530   18.700  1.00 49.91  ? 72  ILE A O   1 
ATOM 517  C CB  . ILE A 1 75  ? 3.973   1.668   16.388  1.00 34.04  ? 72  ILE A CB  1 
ATOM 518  C CG1 . ILE A 1 75  ? 3.256   0.611   15.537  1.00 33.58  ? 72  ILE A CG1 1 
ATOM 519  C CG2 . ILE A 1 75  ? 5.422   1.851   15.966  1.00 33.71  ? 72  ILE A CG2 1 
ATOM 520  C CD1 . ILE A 1 75  ? 2.865   1.085   14.152  1.00 28.04  ? 72  ILE A CD1 1 
ATOM 521  N N   . LYS A 1 76  ? 5.573   1.959   19.518  1.00 46.85  ? 73  LYS A N   1 
ATOM 522  C CA  . LYS A 1 76  ? 6.183   2.874   20.476  1.00 43.84  ? 73  LYS A CA  1 
ATOM 523  C C   . LYS A 1 76  ? 7.464   3.538   19.953  1.00 44.86  ? 73  LYS A C   1 
ATOM 524  O O   . LYS A 1 76  ? 8.088   3.059   19.005  1.00 44.84  ? 73  LYS A O   1 
ATOM 525  C CB  . LYS A 1 76  ? 6.464   2.137   21.779  1.00 34.40  ? 73  LYS A CB  1 
ATOM 526  C CG  . LYS A 1 76  ? 5.231   1.549   22.389  1.00 45.52  ? 73  LYS A CG  1 
ATOM 527  C CD  . LYS A 1 76  ? 4.304   2.605   22.964  1.00 51.03  ? 73  LYS A CD  1 
ATOM 528  C CE  . LYS A 1 76  ? 4.772   3.042   24.343  1.00 61.63  ? 73  LYS A CE  1 
ATOM 529  N NZ  . LYS A 1 76  ? 3.740   3.880   25.021  1.00 71.25  ? 73  LYS A NZ  1 
ATOM 530  N N   . THR A 1 77  ? 7.836   4.656   20.571  1.00 48.23  ? 74  THR A N   1 
ATOM 531  C CA  . THR A 1 77  ? 9.065   5.360   20.218  1.00 44.91  ? 74  THR A CA  1 
ATOM 532  C C   . THR A 1 77  ? 10.242  4.403   20.329  1.00 42.33  ? 74  THR A C   1 
ATOM 533  O O   . THR A 1 77  ? 10.305  3.604   21.270  1.00 47.64  ? 74  THR A O   1 
ATOM 534  C CB  . THR A 1 77  ? 9.312   6.568   21.129  1.00 38.58  ? 74  THR A CB  1 
ATOM 535  O OG1 . THR A 1 77  ? 8.127   7.354   21.202  1.00 52.34  ? 74  THR A OG1 1 
ATOM 536  C CG2 . THR A 1 77  ? 10.455  7.433   20.588  1.00 31.81  ? 74  THR A CG2 1 
ATOM 537  N N   . GLY A 1 78  ? 11.170  4.470   19.378  1.00 31.89  ? 75  GLY A N   1 
ATOM 538  C CA  . GLY A 1 78  ? 12.305  3.559   19.392  1.00 36.60  ? 75  GLY A CA  1 
ATOM 539  C C   . GLY A 1 78  ? 12.107  2.329   18.522  1.00 46.90  ? 75  GLY A C   1 
ATOM 540  O O   . GLY A 1 78  ? 13.069  1.871   17.896  1.00 60.90  ? 75  GLY A O   1 
ATOM 541  N N   . ASP A 1 79  ? 10.882  1.795   18.480  1.00 37.28  ? 76  ASP A N   1 
ATOM 542  C CA  . ASP A 1 79  ? 10.544  0.674   17.600  1.00 37.80  ? 76  ASP A CA  1 
ATOM 543  C C   . ASP A 1 79  ? 11.129  0.823   16.202  1.00 40.54  ? 76  ASP A C   1 
ATOM 544  O O   . ASP A 1 79  ? 11.106  1.908   15.615  1.00 39.27  ? 76  ASP A O   1 
ATOM 545  C CB  . ASP A 1 79  ? 9.030   0.513   17.469  1.00 46.40  ? 76  ASP A CB  1 
ATOM 546  C CG  . ASP A 1 79  ? 8.392   -0.064  18.709  1.00 57.36  ? 76  ASP A CG  1 
ATOM 547  O OD1 . ASP A 1 79  ? 9.081   -0.133  19.750  1.00 61.84  ? 76  ASP A OD1 1 
ATOM 548  O OD2 . ASP A 1 79  ? 7.193   -0.418  18.646  1.00 58.78  ? 76  ASP A OD2 1 
ATOM 549  N N   . ILE A 1 80  ? 11.661  -0.281  15.691  1.00 42.11  ? 77  ILE A N   1 
ATOM 550  C CA  . ILE A 1 80  ? 12.104  -0.377  14.309  1.00 35.14  ? 77  ILE A CA  1 
ATOM 551  C C   . ILE A 1 80  ? 10.948  -0.917  13.475  1.00 30.12  ? 77  ILE A C   1 
ATOM 552  O O   . ILE A 1 80  ? 10.397  -1.962  13.778  1.00 34.70  ? 77  ILE A O   1 
ATOM 553  C CB  . ILE A 1 80  ? 13.328  -1.299  14.166  1.00 34.26  ? 77  ILE A CB  1 
ATOM 554  C CG1 . ILE A 1 80  ? 14.530  -0.727  14.916  1.00 45.60  ? 77  ILE A CG1 1 
ATOM 555  C CG2 . ILE A 1 80  ? 13.661  -1.530  12.709  1.00 31.58  ? 77  ILE A CG2 1 
ATOM 556  C CD1 . ILE A 1 80  ? 15.736  -1.667  14.879  1.00 51.02  ? 77  ILE A CD1 1 
ATOM 557  N N   . LEU A 1 81  ? 10.565  -0.199  12.435  1.00 28.25  ? 78  LEU A N   1 
ATOM 558  C CA  . LEU A 1 81  ? 9.474   -0.658  11.588  1.00 31.57  ? 78  LEU A CA  1 
ATOM 559  C C   . LEU A 1 81  ? 10.027  -1.156  10.258  1.00 35.36  ? 78  LEU A C   1 
ATOM 560  O O   . LEU A 1 81  ? 10.888  -0.508  9.628   1.00 37.61  ? 78  LEU A O   1 
ATOM 561  C CB  . LEU A 1 81  ? 8.434   0.457   11.356  1.00 28.27  ? 78  LEU A CB  1 
ATOM 562  C CG  . LEU A 1 81  ? 7.614   0.907   12.576  1.00 28.17  ? 78  LEU A CG  1 
ATOM 563  C CD1 . LEU A 1 81  ? 6.500   1.882   12.176  1.00 25.51  ? 78  LEU A CD1 1 
ATOM 564  C CD2 . LEU A 1 81  ? 7.055   -0.303  13.350  1.00 32.06  ? 78  LEU A CD2 1 
ATOM 565  N N   . GLN A 1 82  ? 9.542   -2.319  9.850   1.00 34.95  ? 79  GLN A N   1 
ATOM 566  C CA  . GLN A 1 82  ? 9.845   -2.838  8.533   1.00 36.69  ? 79  GLN A CA  1 
ATOM 567  C C   . GLN A 1 82  ? 8.593   -2.760  7.675   1.00 29.36  ? 79  GLN A C   1 
ATOM 568  O O   . GLN A 1 82  ? 7.543   -3.287  8.030   1.00 32.10  ? 79  GLN A O   1 
ATOM 569  C CB  . GLN A 1 82  ? 10.367  -4.270  8.602   1.00 29.02  ? 79  GLN A CB  1 
ATOM 570  C CG  . GLN A 1 82  ? 10.527  -4.872  7.226   1.00 29.36  ? 79  GLN A CG  1 
ATOM 571  C CD  . GLN A 1 82  ? 10.795  -6.368  7.259   1.00 41.57  ? 79  GLN A CD  1 
ATOM 572  O OE1 . GLN A 1 82  ? 9.978   -7.154  7.752   1.00 40.15  ? 79  GLN A OE1 1 
ATOM 573  N NE2 . GLN A 1 82  ? 11.944  -6.768  6.725   1.00 40.75  ? 79  GLN A NE2 1 
ATOM 574  N N   . TYR A 1 83  ? 8.716   -2.044  6.571   1.00 31.07  ? 80  TYR A N   1 
ATOM 575  C CA  . TYR A 1 83  ? 7.670   -1.914  5.590   1.00 32.41  ? 80  TYR A CA  1 
ATOM 576  C C   . TYR A 1 83  ? 8.058   -2.764  4.400   1.00 38.60  ? 80  TYR A C   1 
ATOM 577  O O   . TYR A 1 83  ? 9.185   -2.678  3.885   1.00 38.92  ? 80  TYR A O   1 
ATOM 578  C CB  . TYR A 1 83  ? 7.482   -0.466  5.131   1.00 29.07  ? 80  TYR A CB  1 
ATOM 579  C CG  . TYR A 1 83  ? 7.241   0.564   6.202   1.00 32.67  ? 80  TYR A CG  1 
ATOM 580  C CD1 . TYR A 1 83  ? 8.287   0.997   7.019   1.00 36.51  ? 80  TYR A CD1 1 
ATOM 581  C CD2 . TYR A 1 83  ? 5.983   1.180   6.347   1.00 28.88  ? 80  TYR A CD2 1 
ATOM 582  C CE1 . TYR A 1 83  ? 8.087   1.978   7.993   1.00 38.56  ? 80  TYR A CE1 1 
ATOM 583  C CE2 . TYR A 1 83  ? 5.767   2.161   7.324   1.00 29.50  ? 80  TYR A CE2 1 
ATOM 584  C CZ  . TYR A 1 83  ? 6.833   2.561   8.140   1.00 37.21  ? 80  TYR A CZ  1 
ATOM 585  O OH  . TYR A 1 83  ? 6.656   3.525   9.113   1.00 35.05  ? 80  TYR A OH  1 
ATOM 586  N N   . VAL A 1 84  ? 7.107   -3.569  3.960   1.00 27.81  ? 81  VAL A N   1 
ATOM 587  C CA  . VAL A 1 84  ? 7.263   -4.339  2.755   1.00 29.88  ? 81  VAL A CA  1 
ATOM 588  C C   . VAL A 1 84  ? 6.064   -4.041  1.888   1.00 29.57  ? 81  VAL A C   1 
ATOM 589  O O   . VAL A 1 84  ? 4.930   -4.332  2.263   1.00 39.83  ? 81  VAL A O   1 
ATOM 590  C CB  . VAL A 1 84  ? 7.351   -5.860  3.038   1.00 35.99  ? 81  VAL A CB  1 
ATOM 591  C CG1 . VAL A 1 84  ? 7.621   -6.618  1.748   1.00 35.70  ? 81  VAL A CG1 1 
ATOM 592  C CG2 . VAL A 1 84  ? 8.430   -6.134  4.076   1.00 38.04  ? 81  VAL A CG2 1 
ATOM 593  N N   . ALA A 1 85  ? 6.314   -3.437  0.738   1.00 31.15  ? 82  ALA A N   1 
ATOM 594  C CA  . ALA A 1 85  ? 5.258   -3.168  -0.220  1.00 35.44  ? 82  ALA A CA  1 
ATOM 595  C C   . ALA A 1 85  ? 5.400   -4.102  -1.423  1.00 40.15  ? 82  ALA A C   1 
ATOM 596  O O   . ALA A 1 85  ? 6.516   -4.372  -1.877  1.00 37.78  ? 82  ALA A O   1 
ATOM 597  C CB  . ALA A 1 85  ? 5.300   -1.707  -0.660  1.00 27.77  ? 82  ALA A CB  1 
ATOM 598  N N   . MET A 1 86  ? 4.271   -4.588  -1.934  1.00 39.56  ? 83  MET A N   1 
ATOM 599  C CA  . MET A 1 86  ? 4.257   -5.295  -3.215  1.00 41.45  ? 83  MET A CA  1 
ATOM 600  C C   . MET A 1 86  ? 2.947   -5.062  -3.997  1.00 41.15  ? 83  MET A C   1 
ATOM 601  O O   . MET A 1 86  ? 1.908   -4.691  -3.432  1.00 37.69  ? 83  MET A O   1 
ATOM 602  C CB  . MET A 1 86  ? 4.505   -6.802  -3.010  1.00 47.12  ? 83  MET A CB  1 
ATOM 603  C CG  . MET A 1 86  ? 3.523   -7.479  -2.057  1.00 62.73  ? 83  MET A CG  1 
ATOM 604  S SD  . MET A 1 86  ? 3.705   -9.280  -1.817  1.00 63.62  ? 83  MET A SD  1 
ATOM 605  C CE  . MET A 1 86  ? 5.254   -9.372  -0.945  1.00 35.77  ? 83  MET A CE  1 
ATOM 606  N N   . VAL A 1 87  ? 3.028   -5.249  -5.310  1.00 38.22  ? 84  VAL A N   1 
ATOM 607  C CA  . VAL A 1 87  ? 1.871   -5.153  -6.181  1.00 40.95  ? 84  VAL A CA  1 
ATOM 608  C C   . VAL A 1 87  ? 1.127   -6.493  -6.207  1.00 44.27  ? 84  VAL A C   1 
ATOM 609  O O   . VAL A 1 87  ? 1.678   -7.510  -6.634  1.00 45.24  ? 84  VAL A O   1 
ATOM 610  C CB  . VAL A 1 87  ? 2.278   -4.729  -7.607  1.00 45.69  ? 84  VAL A CB  1 
ATOM 611  C CG1 . VAL A 1 87  ? 1.079   -4.805  -8.560  1.00 37.30  ? 84  VAL A CG1 1 
ATOM 612  C CG2 . VAL A 1 87  ? 2.878   -3.323  -7.579  1.00 34.64  ? 84  VAL A CG2 1 
ATOM 613  N N   . SER A 1 88  ? -0.114  -6.495  -5.722  1.00 43.47  ? 85  SER A N   1 
ATOM 614  C CA  . SER A 1 88  ? -0.874  -7.735  -5.590  1.00 48.63  ? 85  SER A CA  1 
ATOM 615  C C   . SER A 1 88  ? -1.908  -7.894  -6.706  1.00 48.53  ? 85  SER A C   1 
ATOM 616  O O   . SER A 1 88  ? -2.489  -8.959  -6.879  1.00 53.41  ? 85  SER A O   1 
ATOM 617  C CB  . SER A 1 88  ? -1.558  -7.796  -4.222  1.00 46.02  ? 85  SER A CB  1 
ATOM 618  O OG  . SER A 1 88  ? -2.237  -6.583  -3.936  1.00 42.28  ? 85  SER A OG  1 
ATOM 619  N N   . TYR A 1 89  ? -2.113  -6.827  -7.463  1.00 44.82  ? 86  TYR A N   1 
ATOM 620  C CA  . TYR A 1 89  ? -3.119  -6.786  -8.501  1.00 40.79  ? 86  TYR A CA  1 
ATOM 621  C C   . TYR A 1 89  ? -2.791  -5.690  -9.505  1.00 40.58  ? 86  TYR A C   1 
ATOM 622  O O   . TYR A 1 89  ? -2.455  -4.558  -9.131  1.00 38.94  ? 86  TYR A O   1 
ATOM 623  C CB  . TYR A 1 89  ? -4.524  -6.555  -7.899  1.00 44.34  ? 86  TYR A CB  1 
ATOM 624  C CG  . TYR A 1 89  ? -5.617  -6.506  -8.947  1.00 49.82  ? 86  TYR A CG  1 
ATOM 625  C CD1 . TYR A 1 89  ? -6.041  -5.292  -9.489  1.00 57.33  ? 86  TYR A CD1 1 
ATOM 626  C CD2 . TYR A 1 89  ? -6.197  -7.676  -9.423  1.00 44.55  ? 86  TYR A CD2 1 
ATOM 627  C CE1 . TYR A 1 89  ? -7.028  -5.250  -10.466 1.00 58.54  ? 86  TYR A CE1 1 
ATOM 628  C CE2 . TYR A 1 89  ? -7.171  -7.646  -10.394 1.00 58.29  ? 86  TYR A CE2 1 
ATOM 629  C CZ  . TYR A 1 89  ? -7.587  -6.431  -10.911 1.00 67.42  ? 86  TYR A CZ  1 
ATOM 630  O OH  . TYR A 1 89  ? -8.572  -6.399  -11.873 1.00 82.35  ? 86  TYR A OH  1 
ATOM 631  N N   . ALA A 1 90  ? -2.888  -6.019  -10.785 1.00 52.37  ? 87  ALA A N   1 
ATOM 632  C CA  . ALA A 1 90  ? -2.669  -5.025  -11.821 1.00 51.78  ? 87  ALA A CA  1 
ATOM 633  C C   . ALA A 1 90  ? -3.910  -4.915  -12.678 1.00 55.28  ? 87  ALA A C   1 
ATOM 634  O O   . ALA A 1 90  ? -4.309  -5.885  -13.318 1.00 59.70  ? 87  ALA A O   1 
ATOM 635  C CB  . ALA A 1 90  ? -1.455  -5.385  -12.672 1.00 47.12  ? 87  ALA A CB  1 
ATOM 636  N N   . GLY A 1 91  ? -4.531  -3.740  -12.668 1.00 55.71  ? 88  GLY A N   1 
ATOM 637  C CA  . GLY A 1 91  ? -5.619  -3.446  -13.580 1.00 45.40  ? 88  GLY A CA  1 
ATOM 638  C C   . GLY A 1 91  ? -5.021  -2.961  -14.885 1.00 54.02  ? 88  GLY A C   1 
ATOM 639  O O   . GLY A 1 91  ? -3.884  -3.301  -15.233 1.00 58.31  ? 88  GLY A O   1 
ATOM 640  N N   . THR A 1 92  ? -5.777  -2.154  -15.613 1.00 53.86  ? 89  THR A N   1 
ATOM 641  C CA  . THR A 1 92  ? -5.287  -1.560  -16.848 1.00 61.16  ? 89  THR A CA  1 
ATOM 642  C C   . THR A 1 92  ? -4.184  -0.521  -16.605 1.00 66.90  ? 89  THR A C   1 
ATOM 643  O O   . THR A 1 92  ? -3.060  -0.666  -17.091 1.00 64.29  ? 89  THR A O   1 
ATOM 644  C CB  . THR A 1 92  ? -6.429  -0.906  -17.610 1.00 60.10  ? 89  THR A CB  1 
ATOM 645  O OG1 . THR A 1 92  ? -7.550  -1.793  -17.611 1.00 71.33  ? 89  THR A OG1 1 
ATOM 646  C CG2 . THR A 1 92  ? -6.004  -0.625  -19.031 1.00 57.71  ? 89  THR A CG2 1 
ATOM 647  N N   . SER A 1 93  ? -4.522  0.528   -15.856 1.00 71.17  ? 90  SER A N   1 
ATOM 648  C CA  . SER A 1 93  ? -3.575  1.594   -15.526 1.00 65.52  ? 90  SER A CA  1 
ATOM 649  C C   . SER A 1 93  ? -3.322  1.649   -14.038 1.00 52.46  ? 90  SER A C   1 
ATOM 650  O O   . SER A 1 93  ? -2.571  2.497   -13.561 1.00 50.36  ? 90  SER A O   1 
ATOM 651  C CB  . SER A 1 93  ? -4.095  2.956   -15.995 1.00 69.47  ? 90  SER A CB  1 
ATOM 652  O OG  . SER A 1 93  ? -4.113  3.036   -17.407 1.00 80.34  ? 90  SER A OG  1 
ATOM 653  N N   . SER A 1 94  ? -3.978  0.767   -13.296 1.00 49.43  ? 91  SER A N   1 
ATOM 654  C CA  . SER A 1 94  ? -3.925  0.836   -11.842 1.00 46.94  ? 91  SER A CA  1 
ATOM 655  C C   . SER A 1 94  ? -3.197  -0.357  -11.248 1.00 51.07  ? 91  SER A C   1 
ATOM 656  O O   . SER A 1 94  ? -3.048  -1.398  -11.894 1.00 49.78  ? 91  SER A O   1 
ATOM 657  C CB  . SER A 1 94  ? -5.332  0.926   -11.248 1.00 42.01  ? 91  SER A CB  1 
ATOM 658  O OG  . SER A 1 94  ? -6.059  -0.268  -11.479 1.00 55.80  ? 91  SER A OG  1 
ATOM 659  N N   . MET A 1 95  ? -2.745  -0.182  -10.009 1.00 50.60  ? 92  MET A N   1 
ATOM 660  C CA  . MET A 1 95  ? -2.092  -1.233  -9.249  1.00 48.54  ? 92  MET A CA  1 
ATOM 661  C C   . MET A 1 95  ? -2.651  -1.254  -7.831  1.00 42.60  ? 92  MET A C   1 
ATOM 662  O O   . MET A 1 95  ? -2.891  -0.205  -7.249  1.00 40.37  ? 92  MET A O   1 
ATOM 663  C CB  . MET A 1 95  ? -0.575  -1.011  -9.213  1.00 44.06  ? 92  MET A CB  1 
ATOM 664  C CG  . MET A 1 95  ? 0.085   -1.025  -10.571 1.00 40.60  ? 92  MET A CG  1 
ATOM 665  S SD  . MET A 1 95  ? 1.605   -0.052  -10.638 1.00 52.56  ? 92  MET A SD  1 
ATOM 666  C CE  . MET A 1 95  ? 0.912   1.617   -10.590 1.00 58.64  ? 92  MET A CE  1 
ATOM 667  N N   . GLU A 1 96  ? -2.868  -2.442  -7.277  1.00 39.74  ? 93  GLU A N   1 
ATOM 668  C CA  . GLU A 1 96  ? -3.125  -2.554  -5.847  1.00 38.39  ? 93  GLU A CA  1 
ATOM 669  C C   . GLU A 1 96  ? -1.799  -2.836  -5.163  1.00 39.86  ? 93  GLU A C   1 
ATOM 670  O O   . GLU A 1 96  ? -1.156  -3.837  -5.447  1.00 46.84  ? 93  GLU A O   1 
ATOM 671  C CB  . GLU A 1 96  ? -4.138  -3.659  -5.526  1.00 39.08  ? 93  GLU A CB  1 
ATOM 672  C CG  . GLU A 1 96  ? -4.579  -3.692  -4.053  1.00 44.92  ? 93  GLU A CG  1 
ATOM 673  C CD  . GLU A 1 96  ? -5.193  -5.030  -3.628  1.00 60.58  ? 93  GLU A CD  1 
ATOM 674  O OE1 . GLU A 1 96  ? -4.763  -6.089  -4.140  1.00 61.93  ? 93  GLU A OE1 1 
ATOM 675  O OE2 . GLU A 1 96  ? -6.116  -5.017  -2.780  1.00 69.30  ? 93  GLU A OE2 1 
ATOM 676  N N   . VAL A 1 97  ? -1.371  -1.934  -4.291  1.00 38.30  ? 94  VAL A N   1 
ATOM 677  C CA  . VAL A 1 97  ? -0.209  -2.204  -3.477  1.00 39.43  ? 94  VAL A CA  1 
ATOM 678  C C   . VAL A 1 97  ? -0.662  -2.600  -2.084  1.00 38.31  ? 94  VAL A C   1 
ATOM 679  O O   . VAL A 1 97  ? -1.478  -1.912  -1.450  1.00 38.14  ? 94  VAL A O   1 
ATOM 680  C CB  . VAL A 1 97  ? 0.758   -0.998  -3.388  1.00 35.38  ? 94  VAL A CB  1 
ATOM 681  C CG1 . VAL A 1 97  ? 1.980   -1.366  -2.538  1.00 34.51  ? 94  VAL A CG1 1 
ATOM 682  C CG2 . VAL A 1 97  ? 1.203   -0.562  -4.778  1.00 30.40  ? 94  VAL A CG2 1 
ATOM 683  N N   . VAL A 1 98  ? -0.136  -3.732  -1.623  1.00 34.76  ? 95  VAL A N   1 
ATOM 684  C CA  . VAL A 1 98  ? -0.320  -4.150  -0.247  1.00 38.03  ? 95  VAL A CA  1 
ATOM 685  C C   . VAL A 1 98  ? 0.989   -3.884  0.507   1.00 41.54  ? 95  VAL A C   1 
ATOM 686  O O   . VAL A 1 98  ? 2.092   -4.201  0.021   1.00 41.23  ? 95  VAL A O   1 
ATOM 687  C CB  . VAL A 1 98  ? -0.756  -5.644  -0.145  1.00 44.79  ? 95  VAL A CB  1 
ATOM 688  C CG1 . VAL A 1 98  ? 0.062   -6.518  -1.077  1.00 47.80  ? 95  VAL A CG1 1 
ATOM 689  C CG2 . VAL A 1 98  ? -0.688  -6.140  1.289   1.00 39.31  ? 95  VAL A CG2 1 
ATOM 690  N N   . VAL A 1 99  ? 0.861   -3.236  1.661   1.00 34.48  ? 96  VAL A N   1 
ATOM 691  C CA  . VAL A 1 99  ? 2.009   -2.946  2.498   1.00 29.22  ? 96  VAL A CA  1 
ATOM 692  C C   . VAL A 1 99  ? 1.840   -3.659  3.824   1.00 34.50  ? 96  VAL A C   1 
ATOM 693  O O   . VAL A 1 99  ? 0.760   -3.628  4.426   1.00 36.02  ? 96  VAL A O   1 
ATOM 694  C CB  . VAL A 1 99  ? 2.192   -1.425  2.735   1.00 30.48  ? 96  VAL A CB  1 
ATOM 695  C CG1 . VAL A 1 99  ? 3.464   -1.155  3.534   1.00 26.27  ? 96  VAL A CG1 1 
ATOM 696  C CG2 . VAL A 1 99  ? 2.204   -0.683  1.415   1.00 26.69  ? 96  VAL A CG2 1 
ATOM 697  N N   . GLN A 1 100 ? 2.905   -4.326  4.265   1.00 31.70  ? 97  GLN A N   1 
ATOM 698  C CA  . GLN A 1 100 ? 2.926   -4.932  5.582   1.00 33.54  ? 97  GLN A CA  1 
ATOM 699  C C   . GLN A 1 100 ? 3.917   -4.172  6.432   1.00 37.08  ? 97  GLN A C   1 
ATOM 700  O O   . GLN A 1 100 ? 5.012   -3.830  5.964   1.00 30.13  ? 97  GLN A O   1 
ATOM 701  C CB  . GLN A 1 100 ? 3.298   -6.413  5.515   1.00 32.49  ? 97  GLN A CB  1 
ATOM 702  C CG  . GLN A 1 100 ? 2.683   -7.161  4.354   1.00 32.33  ? 97  GLN A CG  1 
ATOM 703  C CD  . GLN A 1 100 ? 3.353   -8.517  4.148   1.00 49.25  ? 97  GLN A CD  1 
ATOM 704  O OE1 . GLN A 1 100 ? 3.588   -9.258  5.105   1.00 54.36  ? 97  GLN A OE1 1 
ATOM 705  N NE2 . GLN A 1 100 ? 3.667   -8.842  2.902   1.00 34.29  ? 97  GLN A NE2 1 
ATOM 706  N N   . ILE A 1 101 ? 3.527   -3.897  7.671   1.00 33.80  ? 98  ILE A N   1 
ATOM 707  C CA  . ILE A 1 101 ? 4.409   -3.199  8.601   1.00 33.29  ? 98  ILE A CA  1 
ATOM 708  C C   . ILE A 1 101 ? 4.582   -4.052  9.854   1.00 37.14  ? 98  ILE A C   1 
ATOM 709  O O   . ILE A 1 101 ? 3.596   -4.372  10.553  1.00 30.42  ? 98  ILE A O   1 
ATOM 710  C CB  . ILE A 1 101 ? 3.882   -1.788  9.007   1.00 33.95  ? 98  ILE A CB  1 
ATOM 711  C CG1 . ILE A 1 101 ? 3.618   -0.921  7.778   1.00 33.63  ? 98  ILE A CG1 1 
ATOM 712  C CG2 . ILE A 1 101 ? 4.882   -1.089  9.925   1.00 32.16  ? 98  ILE A CG2 1 
ATOM 713  C CD1 . ILE A 1 101 ? 2.222   -1.065  7.217   1.00 46.24  ? 98  ILE A CD1 1 
ATOM 714  N N   . ARG A 1 102 ? 5.845   -4.398  10.118  1.00 29.76  ? 99  ARG A N   1 
ATOM 715  C CA  . ARG A 1 102 ? 6.243   -5.231  11.237  1.00 31.16  ? 99  ARG A CA  1 
ATOM 716  C C   . ARG A 1 102 ? 7.138   -4.484  12.206  1.00 33.32  ? 99  ARG A C   1 
ATOM 717  O O   . ARG A 1 102 ? 7.959   -3.680  11.808  1.00 32.55  ? 99  ARG A O   1 
ATOM 718  C CB  . ARG A 1 102 ? 6.990   -6.485  10.742  1.00 32.29  ? 99  ARG A CB  1 
ATOM 719  C CG  . ARG A 1 102 ? 6.155   -7.434  9.888   1.00 33.18  ? 99  ARG A CG  1 
ATOM 720  C CD  . ARG A 1 102 ? 6.880   -8.752  9.584   1.00 45.61  ? 99  ARG A CD  1 
ATOM 721  N NE  . ARG A 1 102 ? 5.900   -9.838  9.508   1.00 62.54  ? 99  ARG A NE  1 
ATOM 722  C CZ  . ARG A 1 102 ? 5.168   -10.115 8.431   1.00 61.80  ? 99  ARG A CZ  1 
ATOM 723  N NH1 . ARG A 1 102 ? 5.325   -9.407  7.311   1.00 59.71  ? 99  ARG A NH1 1 
ATOM 724  N NH2 . ARG A 1 102 ? 4.288   -11.104 8.472   1.00 56.79  ? 99  ARG A NH2 1 
ATOM 725  N N   . ILE A 1 103 ? 7.001   -4.769  13.486  1.00 37.72  ? 100 ILE A N   1 
ATOM 726  C CA  . ILE A 1 103 ? 7.956   -4.274  14.447  1.00 37.65  ? 100 ILE A CA  1 
ATOM 727  C C   . ILE A 1 103 ? 9.109   -5.249  14.550  1.00 48.35  ? 100 ILE A C   1 
ATOM 728  O O   . ILE A 1 103 ? 8.923   -6.412  14.924  1.00 55.84  ? 100 ILE A O   1 
ATOM 729  C CB  . ILE A 1 103 ? 7.312   -4.074  15.814  1.00 39.30  ? 100 ILE A CB  1 
ATOM 730  C CG1 . ILE A 1 103 ? 6.254   -2.970  15.718  1.00 33.64  ? 100 ILE A CG1 1 
ATOM 731  C CG2 . ILE A 1 103 ? 8.379   -3.772  16.859  1.00 35.31  ? 100 ILE A CG2 1 
ATOM 732  C CD1 . ILE A 1 103 ? 5.202   -3.070  16.778  1.00 36.06  ? 100 ILE A CD1 1 
ATOM 733  N N   . ASP A 1 104 ? 10.301  -4.788  14.187  1.00 47.95  ? 101 ASP A N   1 
ATOM 734  C CA  . ASP A 1 104 ? 11.484  -5.625  14.272  1.00 49.98  ? 101 ASP A CA  1 
ATOM 735  C C   . ASP A 1 104 ? 12.142  -5.446  15.634  1.00 44.55  ? 101 ASP A C   1 
ATOM 736  O O   . ASP A 1 104 ? 12.929  -4.526  15.847  1.00 49.01  ? 101 ASP A O   1 
ATOM 737  C CB  . ASP A 1 104 ? 12.458  -5.298  13.140  1.00 56.29  ? 101 ASP A CB  1 
ATOM 738  C CG  . ASP A 1 104 ? 13.745  -6.095  13.227  1.00 76.03  ? 101 ASP A CG  1 
ATOM 739  O OD1 . ASP A 1 104 ? 13.741  -7.202  13.819  1.00 84.98  ? 101 ASP A OD1 1 
ATOM 740  O OD2 . ASP A 1 104 ? 14.767  -5.607  12.701  1.00 77.51  ? 101 ASP A OD2 1 
ATOM 741  N N   . ASP A 1 105 ? 11.795  -6.325  16.560  1.00 45.22  ? 102 ASP A N   1 
ATOM 742  C CA  . ASP A 1 105 ? 12.371  -6.294  17.889  1.00 44.96  ? 102 ASP A CA  1 
ATOM 743  C C   . ASP A 1 105 ? 13.717  -7.016  17.891  1.00 46.46  ? 102 ASP A C   1 
ATOM 744  O O   . ASP A 1 105 ? 13.776  -8.242  17.953  1.00 52.79  ? 102 ASP A O   1 
ATOM 745  C CB  . ASP A 1 105 ? 11.406  -6.924  18.890  1.00 48.16  ? 102 ASP A CB  1 
ATOM 746  C CG  . ASP A 1 105 ? 11.821  -6.683  20.327  1.00 64.76  ? 102 ASP A CG  1 
ATOM 747  O OD1 . ASP A 1 105 ? 12.997  -6.329  20.574  1.00 72.95  ? 102 ASP A OD1 1 
ATOM 748  O OD2 . ASP A 1 105 ? 10.963  -6.863  21.217  1.00 65.86  ? 102 ASP A OD2 1 
ATOM 749  N N   . VAL A 1 106 ? 14.798  -6.246  17.825  1.00 47.52  ? 103 VAL A N   1 
ATOM 750  C CA  . VAL A 1 106 ? 16.138  -6.810  17.747  1.00 40.59  ? 103 VAL A CA  1 
ATOM 751  C C   . VAL A 1 106 ? 16.546  -7.525  19.036  1.00 52.29  ? 103 VAL A C   1 
ATOM 752  O O   . VAL A 1 106 ? 17.490  -8.321  19.044  1.00 62.98  ? 103 VAL A O   1 
ATOM 753  C CB  . VAL A 1 106 ? 17.194  -5.715  17.430  1.00 45.51  ? 103 VAL A CB  1 
ATOM 754  C CG1 . VAL A 1 106 ? 16.917  -5.063  16.076  1.00 35.78  ? 103 VAL A CG1 1 
ATOM 755  C CG2 . VAL A 1 106 ? 17.256  -4.681  18.551  1.00 37.85  ? 103 VAL A CG2 1 
ATOM 756  N N   . PHE A 1 107 ? 15.838  -7.234  20.126  1.00 57.79  ? 104 PHE A N   1 
ATOM 757  C CA  . PHE A 1 107 ? 16.191  -7.784  21.437  1.00 61.08  ? 104 PHE A CA  1 
ATOM 758  C C   . PHE A 1 107 ? 15.716  -9.232  21.615  1.00 68.58  ? 104 PHE A C   1 
ATOM 759  O O   . PHE A 1 107 ? 16.328  -10.017 22.348  1.00 72.60  ? 104 PHE A O   1 
ATOM 760  C CB  . PHE A 1 107 ? 15.616  -6.906  22.556  1.00 60.04  ? 104 PHE A CB  1 
ATOM 761  C CG  . PHE A 1 107 ? 16.136  -5.487  22.552  1.00 66.31  ? 104 PHE A CG  1 
ATOM 762  C CD1 . PHE A 1 107 ? 17.356  -5.170  23.143  1.00 69.59  ? 104 PHE A CD1 1 
ATOM 763  C CD2 . PHE A 1 107 ? 15.407  -4.466  21.950  1.00 59.96  ? 104 PHE A CD2 1 
ATOM 764  C CE1 . PHE A 1 107 ? 17.834  -3.858  23.137  1.00 57.99  ? 104 PHE A CE1 1 
ATOM 765  C CE2 . PHE A 1 107 ? 15.882  -3.151  21.938  1.00 52.49  ? 104 PHE A CE2 1 
ATOM 766  C CZ  . PHE A 1 107 ? 17.096  -2.852  22.530  1.00 49.18  ? 104 PHE A CZ  1 
ATOM 767  N N   . ASN A 1 108 ? 14.630  -9.594  20.943  1.00 70.85  ? 105 ASN A N   1 
ATOM 768  C CA  . ASN A 1 108 ? 14.096  -10.936 21.095  1.00 71.80  ? 105 ASN A CA  1 
ATOM 769  C C   . ASN A 1 108 ? 13.638  -11.495 19.758  1.00 67.84  ? 105 ASN A C   1 
ATOM 770  O O   . ASN A 1 108 ? 12.938  -12.505 19.700  1.00 70.25  ? 105 ASN A O   1 
ATOM 771  C CB  . ASN A 1 108 ? 12.976  -10.920 22.142  1.00 75.20  ? 105 ASN A CB  1 
ATOM 772  C CG  . ASN A 1 108 ? 11.706  -10.278 21.638  1.00 80.42  ? 105 ASN A CG  1 
ATOM 773  O OD1 . ASN A 1 108 ? 11.726  -9.515  20.683  1.00 78.90  ? 105 ASN A OD1 1 
ATOM 774  N ND2 . ASN A 1 108 ? 10.596  -10.536 22.327  1.00 87.19  ? 105 ASN A ND2 1 
ATOM 775  N N   . ASN A 1 109 ? 14.038  -10.814 18.689  1.00 67.79  ? 106 ASN A N   1 
ATOM 776  C CA  . ASN A 1 109 ? 13.940  -11.352 17.336  1.00 80.55  ? 106 ASN A CA  1 
ATOM 777  C C   . ASN A 1 109 ? 12.538  -11.728 16.874  1.00 85.07  ? 106 ASN A C   1 
ATOM 778  O O   . ASN A 1 109 ? 12.377  -12.581 16.003  1.00 94.92  ? 106 ASN A O   1 
ATOM 779  C CB  . ASN A 1 109 ? 14.850  -12.572 17.213  1.00 90.61  ? 106 ASN A CB  1 
ATOM 780  C CG  . ASN A 1 109 ? 16.220  -12.211 16.708  1.00 102.26 ? 106 ASN A CG  1 
ATOM 781  O OD1 . ASN A 1 109 ? 16.989  -11.550 17.406  1.00 105.68 ? 106 ASN A OD1 1 
ATOM 782  N ND2 . ASN A 1 109 ? 16.554  -12.673 15.509  1.00 107.69 ? 106 ASN A ND2 1 
ATOM 783  N N   . LYS A 1 110 ? 11.525  -11.092 17.452  1.00 73.44  ? 107 LYS A N   1 
ATOM 784  C CA  . LYS A 1 110 ? 10.171  -11.234 16.934  1.00 67.28  ? 107 LYS A CA  1 
ATOM 785  C C   . LYS A 1 110 ? 9.907   -10.132 15.926  1.00 62.73  ? 107 LYS A C   1 
ATOM 786  O O   . LYS A 1 110 ? 10.510  -9.060  15.983  1.00 65.06  ? 107 LYS A O   1 
ATOM 787  C CB  . LYS A 1 110 ? 9.114   -11.220 18.056  1.00 70.61  ? 107 LYS A CB  1 
ATOM 788  C CG  . LYS A 1 110 ? 9.571   -11.821 19.383  1.00 77.79  ? 107 LYS A CG  1 
ATOM 789  C CD  . LYS A 1 110 ? 8.400   -12.360 20.219  1.00 82.66  ? 107 LYS A CD  1 
ATOM 790  C CE  . LYS A 1 110 ? 7.260   -11.344 20.352  1.00 86.86  ? 107 LYS A CE  1 
ATOM 791  N NZ  . LYS A 1 110 ? 6.100   -11.857 21.165  1.00 89.60  ? 107 LYS A NZ  1 
ATOM 792  N N   . HIS A 1 111 ? 9.016   -10.409 14.985  1.00 61.64  ? 108 HIS A N   1 
ATOM 793  C CA  . HIS A 1 111 ? 8.725   -9.474  13.913  1.00 57.09  ? 108 HIS A CA  1 
ATOM 794  C C   . HIS A 1 111 ? 7.210   -9.344  13.731  1.00 58.04  ? 108 HIS A C   1 
ATOM 795  O O   . HIS A 1 111 ? 6.686   -9.589  12.641  1.00 57.24  ? 108 HIS A O   1 
ATOM 796  C CB  . HIS A 1 111 ? 9.407   -9.949  12.632  1.00 59.31  ? 108 HIS A CB  1 
ATOM 797  C CG  . HIS A 1 111 ? 10.855  -10.279 12.820  1.00 75.08  ? 108 HIS A CG  1 
ATOM 798  N ND1 . HIS A 1 111 ? 11.710  -9.485  13.555  1.00 81.61  ? 108 HIS A ND1 1 
ATOM 799  C CD2 . HIS A 1 111 ? 11.587  -11.342 12.414  1.00 84.88  ? 108 HIS A CD2 1 
ATOM 800  C CE1 . HIS A 1 111 ? 12.913  -10.029 13.569  1.00 83.77  ? 108 HIS A CE1 1 
ATOM 801  N NE2 . HIS A 1 111 ? 12.865  -11.158 12.886  1.00 90.56  ? 108 HIS A NE2 1 
ATOM 802  N N   . ASP A 1 112 ? 6.515   -8.961  14.806  1.00 51.18  ? 109 ASP A N   1 
ATOM 803  C CA  . ASP A 1 112 ? 5.051   -8.962  14.819  1.00 54.41  ? 109 ASP A CA  1 
ATOM 804  C C   . ASP A 1 112 ? 4.459   -7.967  13.817  1.00 51.54  ? 109 ASP A C   1 
ATOM 805  O O   . ASP A 1 112 ? 5.003   -6.877  13.599  1.00 45.89  ? 109 ASP A O   1 
ATOM 806  C CB  . ASP A 1 112 ? 4.506   -8.657  16.225  1.00 67.34  ? 109 ASP A CB  1 
ATOM 807  C CG  . ASP A 1 112 ? 4.977   -9.656  17.276  1.00 79.15  ? 109 ASP A CG  1 
ATOM 808  O OD1 . ASP A 1 112 ? 4.783   -9.385  18.484  1.00 80.61  ? 109 ASP A OD1 1 
ATOM 809  O OD2 . ASP A 1 112 ? 5.553   -10.700 16.901  1.00 87.22  ? 109 ASP A OD2 1 
ATOM 810  N N   . LEU A 1 113 ? 3.340   -8.361  13.209  1.00 45.34  ? 110 LEU A N   1 
ATOM 811  C CA  . LEU A 1 113 ? 2.635   -7.514  12.258  1.00 45.48  ? 110 LEU A CA  1 
ATOM 812  C C   . LEU A 1 113 ? 1.923   -6.379  13.004  1.00 43.82  ? 110 LEU A C   1 
ATOM 813  O O   . LEU A 1 113 ? 1.053   -6.613  13.829  1.00 46.55  ? 110 LEU A O   1 
ATOM 814  C CB  . LEU A 1 113 ? 1.640   -8.344  11.436  1.00 36.54  ? 110 LEU A CB  1 
ATOM 815  C CG  . LEU A 1 113 ? 0.918   -7.631  10.282  1.00 48.60  ? 110 LEU A CG  1 
ATOM 816  C CD1 . LEU A 1 113 ? 1.887   -7.254  9.159   1.00 35.66  ? 110 LEU A CD1 1 
ATOM 817  C CD2 . LEU A 1 113 ? -0.252  -8.458  9.747   1.00 53.22  ? 110 LEU A CD2 1 
ATOM 818  N N   . ALA A 1 114 ? 2.315   -5.145  12.723  1.00 40.27  ? 111 ALA A N   1 
ATOM 819  C CA  . ALA A 1 114 ? 1.813   -4.005  13.478  1.00 43.96  ? 111 ALA A CA  1 
ATOM 820  C C   . ALA A 1 114 ? 0.725   -3.313  12.686  1.00 39.03  ? 111 ALA A C   1 
ATOM 821  O O   . ALA A 1 114 ? -0.215  -2.741  13.254  1.00 34.21  ? 111 ALA A O   1 
ATOM 822  C CB  . ALA A 1 114 ? 2.956   -3.024  13.810  1.00 48.91  ? 111 ALA A CB  1 
ATOM 823  N N   . ALA A 1 115 ? 0.851   -3.365  11.366  1.00 34.23  ? 112 ALA A N   1 
ATOM 824  C CA  . ALA A 1 115 ? -0.204  -2.815  10.529  1.00 35.74  ? 112 ALA A CA  1 
ATOM 825  C C   . ALA A 1 115 ? -0.241  -3.474  9.152   1.00 37.64  ? 112 ALA A C   1 
ATOM 826  O O   . ALA A 1 115 ? 0.736   -4.091  8.699   1.00 39.18  ? 112 ALA A O   1 
ATOM 827  C CB  . ALA A 1 115 ? -0.041  -1.262  10.393  1.00 28.69  ? 112 ALA A CB  1 
ATOM 828  N N   . LEU A 1 116 ? -1.376  -3.300  8.480   1.00 34.59  ? 113 LEU A N   1 
ATOM 829  C CA  . LEU A 1 116 ? -1.583  -3.842  7.145   1.00 30.70  ? 113 LEU A CA  1 
ATOM 830  C C   . LEU A 1 116 ? -2.359  -2.833  6.295   1.00 34.50  ? 113 LEU A C   1 
ATOM 831  O O   . LEU A 1 116 ? -3.370  -2.314  6.738   1.00 40.50  ? 113 LEU A O   1 
ATOM 832  C CB  . LEU A 1 116 ? -2.331  -5.177  7.236   1.00 32.59  ? 113 LEU A CB  1 
ATOM 833  C CG  . LEU A 1 116 ? -2.748  -5.846  5.933   1.00 40.25  ? 113 LEU A CG  1 
ATOM 834  C CD1 . LEU A 1 116 ? -1.531  -6.142  5.120   1.00 50.17  ? 113 LEU A CD1 1 
ATOM 835  C CD2 . LEU A 1 116 ? -3.480  -7.129  6.254   1.00 50.02  ? 113 LEU A CD2 1 
ATOM 836  N N   . SER A 1 117 ? -1.897  -2.545  5.083   1.00 33.94  ? 114 SER A N   1 
ATOM 837  C CA  . SER A 1 117 ? -2.555  -1.519  4.275   1.00 32.41  ? 114 SER A CA  1 
ATOM 838  C C   . SER A 1 117 ? -2.740  -1.911  2.806   1.00 36.57  ? 114 SER A C   1 
ATOM 839  O O   . SER A 1 117 ? -1.868  -2.504  2.196   1.00 38.32  ? 114 SER A O   1 
ATOM 840  C CB  . SER A 1 117 ? -1.771  -0.199  4.348   1.00 38.10  ? 114 SER A CB  1 
ATOM 841  O OG  . SER A 1 117 ? -2.417  0.836   3.611   1.00 36.88  ? 114 SER A OG  1 
ATOM 842  N N   . TYR A 1 118 ? -3.885  -1.551  2.241   1.00 33.21  ? 115 TYR A N   1 
ATOM 843  C CA  . TYR A 1 118 ? -4.065  -1.627  0.803   1.00 33.29  ? 115 TYR A CA  1 
ATOM 844  C C   . TYR A 1 118 ? -4.287  -0.235  0.221   1.00 38.86  ? 115 TYR A C   1 
ATOM 845  O O   . TYR A 1 118 ? -5.089  0.557   0.744   1.00 39.88  ? 115 TYR A O   1 
ATOM 846  C CB  . TYR A 1 118 ? -5.244  -2.534  0.452   1.00 39.30  ? 115 TYR A CB  1 
ATOM 847  C CG  . TYR A 1 118 ? -5.078  -3.963  0.898   1.00 32.96  ? 115 TYR A CG  1 
ATOM 848  C CD1 . TYR A 1 118 ? -5.676  -4.407  2.060   1.00 33.60  ? 115 TYR A CD1 1 
ATOM 849  C CD2 . TYR A 1 118 ? -4.322  -4.873  0.153   1.00 35.84  ? 115 TYR A CD2 1 
ATOM 850  C CE1 . TYR A 1 118 ? -5.552  -5.709  2.483   1.00 40.61  ? 115 TYR A CE1 1 
ATOM 851  C CE2 . TYR A 1 118 ? -4.184  -6.198  0.572   1.00 38.92  ? 115 TYR A CE2 1 
ATOM 852  C CZ  . TYR A 1 118 ? -4.810  -6.599  1.743   1.00 44.98  ? 115 TYR A CZ  1 
ATOM 853  O OH  . TYR A 1 118 ? -4.706  -7.883  2.195   1.00 50.41  ? 115 TYR A OH  1 
ATOM 854  N N   . LEU A 1 119 ? -3.574  0.049   -0.867  1.00 29.41  ? 116 LEU A N   1 
ATOM 855  C CA  . LEU A 1 119 ? -3.711  1.308   -1.585  1.00 36.73  ? 116 LEU A CA  1 
ATOM 856  C C   . LEU A 1 119 ? -3.815  1.036   -3.069  1.00 39.42  ? 116 LEU A C   1 
ATOM 857  O O   . LEU A 1 119 ? -3.414  -0.025  -3.550  1.00 32.78  ? 116 LEU A O   1 
ATOM 858  C CB  . LEU A 1 119 ? -2.521  2.236   -1.336  1.00 35.84  ? 116 LEU A CB  1 
ATOM 859  C CG  . LEU A 1 119 ? -2.107  2.510   0.100   1.00 33.59  ? 116 LEU A CG  1 
ATOM 860  C CD1 . LEU A 1 119 ? -1.131  1.420   0.543   1.00 29.92  ? 116 LEU A CD1 1 
ATOM 861  C CD2 . LEU A 1 119 ? -1.491  3.879   0.196   1.00 31.35  ? 116 LEU A CD2 1 
ATOM 862  N N   . THR A 1 120 ? -4.353  1.999   -3.803  1.00 42.29  ? 117 THR A N   1 
ATOM 863  C CA  . THR A 1 120 ? -4.471  1.851   -5.240  1.00 35.38  ? 117 THR A CA  1 
ATOM 864  C C   . THR A 1 120 ? -3.735  2.999   -5.900  1.00 38.29  ? 117 THR A C   1 
ATOM 865  O O   . THR A 1 120 ? -3.941  4.164   -5.563  1.00 40.34  ? 117 THR A O   1 
ATOM 866  C CB  . THR A 1 120 ? -5.962  1.793   -5.695  1.00 51.84  ? 117 THR A CB  1 
ATOM 867  O OG1 . THR A 1 120 ? -6.555  0.558   -5.258  1.00 44.94  ? 117 THR A OG1 1 
ATOM 868  C CG2 . THR A 1 120 ? -6.076  1.867   -7.206  1.00 34.52  ? 117 THR A CG2 1 
ATOM 869  N N   . PHE A 1 121 ? -2.852  2.665   -6.831  1.00 32.11  ? 118 PHE A N   1 
ATOM 870  C CA  . PHE A 1 121 ? -2.081  3.686   -7.513  1.00 37.79  ? 118 PHE A CA  1 
ATOM 871  C C   . PHE A 1 121 ? -2.416  3.715   -8.986  1.00 50.22  ? 118 PHE A C   1 
ATOM 872  O O   . PHE A 1 121 ? -2.805  2.701   -9.579  1.00 51.00  ? 118 PHE A O   1 
ATOM 873  C CB  . PHE A 1 121 ? -0.585  3.449   -7.316  1.00 31.52  ? 118 PHE A CB  1 
ATOM 874  C CG  . PHE A 1 121 ? -0.101  3.829   -5.970  1.00 29.89  ? 118 PHE A CG  1 
ATOM 875  C CD1 . PHE A 1 121 ? -0.305  2.990   -4.889  1.00 33.49  ? 118 PHE A CD1 1 
ATOM 876  C CD2 . PHE A 1 121 ? 0.539   5.048   -5.766  1.00 30.96  ? 118 PHE A CD2 1 
ATOM 877  C CE1 . PHE A 1 121 ? 0.149   3.349   -3.621  1.00 37.70  ? 118 PHE A CE1 1 
ATOM 878  C CE2 . PHE A 1 121 ? 0.988   5.408   -4.510  1.00 28.97  ? 118 PHE A CE2 1 
ATOM 879  C CZ  . PHE A 1 121 ? 0.791   4.558   -3.436  1.00 29.71  ? 118 PHE A CZ  1 
ATOM 880  N N   . VAL A 1 122 ? -2.265  4.888   -9.578  1.00 34.42  ? 119 VAL A N   1 
ATOM 881  C CA  . VAL A 1 122 ? -2.427  4.991   -11.009 1.00 41.66  ? 119 VAL A CA  1 
ATOM 882  C C   . VAL A 1 122 ? -1.108  5.462   -11.601 1.00 41.20  ? 119 VAL A C   1 
ATOM 883  O O   . VAL A 1 122 ? -0.509  6.425   -11.123 1.00 41.05  ? 119 VAL A O   1 
ATOM 884  C CB  . VAL A 1 122 ? -3.588  5.933   -11.369 1.00 42.59  ? 119 VAL A CB  1 
ATOM 885  C CG1 . VAL A 1 122 ? -3.714  6.091   -12.884 1.00 44.30  ? 119 VAL A CG1 1 
ATOM 886  C CG2 . VAL A 1 122 ? -4.869  5.379   -10.787 1.00 37.08  ? 119 VAL A CG2 1 
ATOM 887  N N   . ALA A 1 123 ? -0.630  4.731   -12.603 1.00 45.42  ? 120 ALA A N   1 
ATOM 888  C CA  . ALA A 1 123 ? 0.578   5.123   -13.309 1.00 52.58  ? 120 ALA A CA  1 
ATOM 889  C C   . ALA A 1 123 ? 0.225   6.189   -14.331 1.00 58.29  ? 120 ALA A C   1 
ATOM 890  O O   . ALA A 1 123 ? -0.815  6.099   -14.996 1.00 54.32  ? 120 ALA A O   1 
ATOM 891  C CB  . ALA A 1 123 ? 1.227   3.930   -13.977 1.00 59.58  ? 120 ALA A CB  1 
ATOM 892  N N   . LEU A 1 124 ? 1.095   7.191   -14.452 1.00 60.21  ? 121 LEU A N   1 
ATOM 893  C CA  . LEU A 1 124 ? 0.844   8.382   -15.274 1.00 66.69  ? 121 LEU A CA  1 
ATOM 894  C C   . LEU A 1 124 ? 1.942   8.621   -16.302 1.00 82.49  ? 121 LEU A C   1 
ATOM 895  O O   . LEU A 1 124 ? 3.085   8.181   -16.104 1.00 80.54  ? 121 LEU A O   1 
ATOM 896  C CB  . LEU A 1 124 ? 0.720   9.615   -14.388 1.00 58.18  ? 121 LEU A CB  1 
ATOM 897  C CG  . LEU A 1 124 ? -0.414  9.576   -13.375 1.00 54.95  ? 121 LEU A CG  1 
ATOM 898  C CD1 . LEU A 1 124 ? -0.144  10.622  -12.327 1.00 57.51  ? 121 LEU A CD1 1 
ATOM 899  C CD2 . LEU A 1 124 ? -1.719  9.838   -14.085 1.00 51.36  ? 121 LEU A CD2 1 
ATOM 900  N N   . ASP A 1 125 ? 1.598   9.336   -17.377 1.00 94.13  ? 122 ASP A N   1 
ATOM 901  C CA  . ASP A 1 125 ? 2.573   9.700   -18.395 1.00 101.38 ? 122 ASP A CA  1 
ATOM 902  C C   . ASP A 1 125 ? 3.538   10.794  -17.958 1.00 102.60 ? 122 ASP A C   1 
ATOM 903  O O   . ASP A 1 125 ? 3.647   11.154  -16.771 1.00 104.89 ? 122 ASP A O   1 
ATOM 904  C CB  . ASP A 1 125 ? 1.911   10.176  -19.691 1.00 107.19 ? 122 ASP A CB  1 
ATOM 905  C CG  . ASP A 1 125 ? 1.284   9.050   -20.471 1.00 115.77 ? 122 ASP A CG  1 
ATOM 906  O OD1 . ASP A 1 125 ? 1.236   7.944   -19.918 1.00 119.15 ? 122 ASP A OD1 1 
ATOM 907  O OD2 . ASP A 1 125 ? 0.947   9.256   -21.647 1.00 120.04 ? 122 ASP A OD2 1 
ATOM 908  N N   . ASP A 1 126 ? 4.231   11.304  -18.974 1.00 103.35 ? 123 ASP A N   1 
ATOM 909  C CA  . ASP A 1 126 ? 5.063   12.488  -18.917 1.00 98.87  ? 123 ASP A CA  1 
ATOM 910  C C   . ASP A 1 126 ? 4.153   13.705  -18.911 1.00 94.57  ? 123 ASP A C   1 
ATOM 911  O O   . ASP A 1 126 ? 4.579   14.811  -18.566 1.00 95.30  ? 123 ASP A O   1 
ATOM 912  C CB  . ASP A 1 126 ? 5.999   12.521  -20.131 1.00 102.60 ? 123 ASP A CB  1 
ATOM 913  C CG  . ASP A 1 126 ? 6.427   11.131  -20.582 1.00 109.49 ? 123 ASP A CG  1 
ATOM 914  O OD1 . ASP A 1 126 ? 7.289   10.536  -19.903 1.00 110.68 ? 123 ASP A OD1 1 
ATOM 915  O OD2 . ASP A 1 126 ? 5.915   10.643  -21.620 1.00 112.47 ? 123 ASP A OD2 1 
ATOM 916  N N   . GLU A 1 127 ? 2.897   13.475  -19.301 1.00 93.00  ? 124 GLU A N   1 
ATOM 917  C CA  . GLU A 1 127 ? 1.908   14.524  -19.481 1.00 94.54  ? 124 GLU A CA  1 
ATOM 918  C C   . GLU A 1 127 ? 0.655   14.253  -18.653 1.00 92.53  ? 124 GLU A C   1 
ATOM 919  O O   . GLU A 1 127 ? -0.390  14.876  -18.863 1.00 96.11  ? 124 GLU A O   1 
ATOM 920  C CB  . GLU A 1 127 ? 1.569   14.652  -20.967 1.00 98.93  ? 124 GLU A CB  1 
ATOM 921  C CG  . GLU A 1 127 ? 1.648   13.329  -21.721 1.00 105.14 ? 124 GLU A CG  1 
ATOM 922  C CD  . GLU A 1 127 ? 2.167   13.491  -23.139 1.00 113.62 ? 124 GLU A CD  1 
ATOM 923  O OE1 . GLU A 1 127 ? 2.485   14.636  -23.525 1.00 118.45 ? 124 GLU A OE1 1 
ATOM 924  O OE2 . GLU A 1 127 ? 2.271   12.475  -23.860 1.00 115.41 ? 124 GLU A OE2 1 
ATOM 925  N N   . GLY A 1 128 ? 0.762   13.307  -17.722 1.00 85.06  ? 125 GLY A N   1 
ATOM 926  C CA  . GLY A 1 128 ? -0.266  13.122  -16.712 1.00 79.68  ? 125 GLY A CA  1 
ATOM 927  C C   . GLY A 1 128 ? -1.504  12.268  -16.994 1.00 84.89  ? 125 GLY A C   1 
ATOM 928  O O   . GLY A 1 128 ? -2.389  12.188  -16.136 1.00 80.84  ? 125 GLY A O   1 
ATOM 929  N N   . LYS A 1 129 ? -1.597  11.643  -18.167 1.00 85.65  ? 126 LYS A N   1 
ATOM 930  C CA  . LYS A 1 129 ? -2.694  10.705  -18.421 1.00 83.30  ? 126 LYS A CA  1 
ATOM 931  C C   . LYS A 1 129 ? -2.315  9.319   -17.875 1.00 75.69  ? 126 LYS A C   1 
ATOM 932  O O   . LYS A 1 129 ? -1.131  8.958   -17.855 1.00 70.94  ? 126 LYS A O   1 
ATOM 933  C CB  . LYS A 1 129 ? -3.028  10.667  -19.919 1.00 86.24  ? 126 LYS A CB  1 
ATOM 934  C CG  . LYS A 1 129 ? -2.011  9.952   -20.771 1.00 92.33  ? 126 LYS A CG  1 
ATOM 935  C CD  . LYS A 1 129 ? -1.760  10.649  -22.142 1.00 96.20  ? 126 LYS A CD  1 
ATOM 936  C CE  . LYS A 1 129 ? -1.629  9.632   -23.274 1.00 96.42  ? 126 LYS A CE  1 
ATOM 937  N NZ  . LYS A 1 129 ? -1.017  10.209  -24.517 1.00 96.15  ? 126 LYS A NZ  1 
ATOM 938  N N   . PRO A 1 130 ? -3.317  8.558   -17.392 1.00 71.56  ? 127 PRO A N   1 
ATOM 939  C CA  . PRO A 1 130 ? -3.131  7.185   -16.910 1.00 66.13  ? 127 PRO A CA  1 
ATOM 940  C C   . PRO A 1 130 ? -2.423  6.309   -17.948 1.00 65.89  ? 127 PRO A C   1 
ATOM 941  O O   . PRO A 1 130 ? -2.753  6.362   -19.142 1.00 62.04  ? 127 PRO A O   1 
ATOM 942  C CB  . PRO A 1 130 ? -4.563  6.714   -16.665 1.00 64.49  ? 127 PRO A CB  1 
ATOM 943  C CG  . PRO A 1 130 ? -5.261  7.951   -16.239 1.00 63.80  ? 127 PRO A CG  1 
ATOM 944  C CD  . PRO A 1 130 ? -4.695  9.021   -17.162 1.00 66.50  ? 127 PRO A CD  1 
ATOM 945  N N   . LYS A 1 131 ? -1.457  5.523   -17.472 1.00 65.90  ? 128 LYS A N   1 
ATOM 946  C CA  . LYS A 1 131 ? -0.548  4.751   -18.318 1.00 66.56  ? 128 LYS A CA  1 
ATOM 947  C C   . LYS A 1 131 ? -0.672  3.242   -18.042 1.00 67.09  ? 128 LYS A C   1 
ATOM 948  O O   . LYS A 1 131 ? -0.730  2.819   -16.881 1.00 66.87  ? 128 LYS A O   1 
ATOM 949  C CB  . LYS A 1 131 ? 0.894   5.235   -18.090 1.00 63.76  ? 128 LYS A CB  1 
ATOM 950  C CG  . LYS A 1 131 ? 2.002   4.297   -18.563 1.00 65.55  ? 128 LYS A CG  1 
ATOM 951  C CD  . LYS A 1 131 ? 3.368   4.985   -18.510 1.00 64.70  ? 128 LYS A CD  1 
ATOM 952  C CE  . LYS A 1 131 ? 4.446   4.200   -19.266 1.00 69.28  ? 128 LYS A CE  1 
ATOM 953  N NZ  . LYS A 1 131 ? 5.031   3.077   -18.475 1.00 72.73  ? 128 LYS A NZ  1 
ATOM 954  N N   . HIS A 1 132 ? -0.720  2.438   -19.104 1.00 67.22  ? 129 HIS A N   1 
ATOM 955  C CA  . HIS A 1 132 ? -0.837  0.980   -18.983 1.00 69.70  ? 129 HIS A CA  1 
ATOM 956  C C   . HIS A 1 132 ? 0.327   0.337   -18.217 1.00 60.20  ? 129 HIS A C   1 
ATOM 957  O O   . HIS A 1 132 ? 1.502   0.567   -18.524 1.00 57.66  ? 129 HIS A O   1 
ATOM 958  C CB  . HIS A 1 132 ? -0.942  0.332   -20.367 1.00 78.19  ? 129 HIS A CB  1 
ATOM 959  C CG  . HIS A 1 132 ? -2.197  0.679   -21.107 1.00 87.68  ? 129 HIS A CG  1 
ATOM 960  N ND1 . HIS A 1 132 ? -3.388  0.021   -20.894 1.00 90.39  ? 129 HIS A ND1 1 
ATOM 961  C CD2 . HIS A 1 132 ? -2.440  1.599   -22.070 1.00 92.60  ? 129 HIS A CD2 1 
ATOM 962  C CE1 . HIS A 1 132 ? -4.317  0.534   -21.683 1.00 93.38  ? 129 HIS A CE1 1 
ATOM 963  N NE2 . HIS A 1 132 ? -3.767  1.490   -22.407 1.00 94.97  ? 129 HIS A NE2 1 
ATOM 964  N N   . VAL A 1 133 ? -0.017  -0.480  -17.225 1.00 51.93  ? 130 VAL A N   1 
ATOM 965  C CA  . VAL A 1 133 ? 0.972   -1.154  -16.400 1.00 54.04  ? 130 VAL A CA  1 
ATOM 966  C C   . VAL A 1 133 ? 1.100   -2.621  -16.793 1.00 57.43  ? 130 VAL A C   1 
ATOM 967  O O   . VAL A 1 133 ? 0.174   -3.211  -17.354 1.00 60.75  ? 130 VAL A O   1 
ATOM 968  C CB  . VAL A 1 133 ? 0.622   -1.040  -14.894 1.00 54.80  ? 130 VAL A CB  1 
ATOM 969  C CG1 . VAL A 1 133 ? 0.623   0.421   -14.465 1.00 50.70  ? 130 VAL A CG1 1 
ATOM 970  C CG2 . VAL A 1 133 ? -0.734  -1.691  -14.602 1.00 54.08  ? 130 VAL A CG2 1 
ATOM 971  N N   . PRO A 1 134 ? 2.266   -3.218  -16.526 1.00 61.70  ? 131 PRO A N   1 
ATOM 972  C CA  . PRO A 1 134 ? 2.365   -4.650  -16.837 1.00 59.31  ? 131 PRO A CA  1 
ATOM 973  C C   . PRO A 1 134 ? 1.535   -5.483  -15.861 1.00 52.03  ? 131 PRO A C   1 
ATOM 974  O O   . PRO A 1 134 ? 1.123   -5.002  -14.790 1.00 45.97  ? 131 PRO A O   1 
ATOM 975  C CB  . PRO A 1 134 ? 3.867   -4.944  -16.692 1.00 57.79  ? 131 PRO A CB  1 
ATOM 976  C CG  . PRO A 1 134 ? 4.380   -3.862  -15.763 1.00 53.65  ? 131 PRO A CG  1 
ATOM 977  C CD  . PRO A 1 134 ? 3.534   -2.650  -16.032 1.00 55.12  ? 131 PRO A CD  1 
ATOM 978  N N   . GLY A 1 135 ? 1.290   -6.727  -16.238 1.00 56.18  ? 132 GLY A N   1 
ATOM 979  C CA  . GLY A 1 135 ? 0.605   -7.659  -15.369 1.00 49.56  ? 132 GLY A CA  1 
ATOM 980  C C   . GLY A 1 135 ? 1.536   -8.134  -14.274 1.00 49.50  ? 132 GLY A C   1 
ATOM 981  O O   . GLY A 1 135 ? 2.731   -7.801  -14.242 1.00 47.52  ? 132 GLY A O   1 
ATOM 982  N N   . VAL A 1 136 ? 0.991   -8.939  -13.379 1.00 47.80  ? 133 VAL A N   1 
ATOM 983  C CA  . VAL A 1 136 ? 1.722   -9.351  -12.207 1.00 46.47  ? 133 VAL A CA  1 
ATOM 984  C C   . VAL A 1 136 ? 1.429   -10.826 -11.948 1.00 48.06  ? 133 VAL A C   1 
ATOM 985  O O   . VAL A 1 136 ? 0.341   -11.306 -12.230 1.00 50.69  ? 133 VAL A O   1 
ATOM 986  C CB  . VAL A 1 136 ? 1.351   -8.446  -10.984 1.00 44.46  ? 133 VAL A CB  1 
ATOM 987  C CG1 . VAL A 1 136 ? 0.080   -8.911  -10.306 1.00 43.93  ? 133 VAL A CG1 1 
ATOM 988  C CG2 . VAL A 1 136 ? 2.497   -8.364  -10.004 1.00 43.86  ? 133 VAL A CG2 1 
ATOM 989  N N   . TYR A 1 137 ? 2.433   -11.551 -11.471 1.00 48.22  ? 134 TYR A N   1 
ATOM 990  C CA  . TYR A 1 137 ? 2.284   -12.954 -11.092 1.00 55.15  ? 134 TYR A CA  1 
ATOM 991  C C   . TYR A 1 137 ? 3.109   -13.162 -9.832  1.00 55.28  ? 134 TYR A C   1 
ATOM 992  O O   . TYR A 1 137 ? 4.149   -12.531 -9.662  1.00 47.18  ? 134 TYR A O   1 
ATOM 993  C CB  . TYR A 1 137 ? 2.733   -13.916 -12.219 1.00 52.63  ? 134 TYR A CB  1 
ATOM 994  C CG  . TYR A 1 137 ? 4.184   -13.766 -12.648 1.00 58.72  ? 134 TYR A CG  1 
ATOM 995  C CD1 . TYR A 1 137 ? 5.213   -14.465 -12.004 1.00 52.93  ? 134 TYR A CD1 1 
ATOM 996  C CD2 . TYR A 1 137 ? 4.526   -12.929 -13.701 1.00 58.30  ? 134 TYR A CD2 1 
ATOM 997  C CE1 . TYR A 1 137 ? 6.533   -14.313 -12.397 1.00 53.21  ? 134 TYR A CE1 1 
ATOM 998  C CE2 . TYR A 1 137 ? 5.843   -12.780 -14.101 1.00 53.35  ? 134 TYR A CE2 1 
ATOM 999  C CZ  . TYR A 1 137 ? 6.834   -13.464 -13.446 1.00 53.41  ? 134 TYR A CZ  1 
ATOM 1000 O OH  . TYR A 1 137 ? 8.123   -13.279 -13.864 1.00 53.89  ? 134 TYR A OH  1 
ATOM 1001 N N   . PRO A 1 138 ? 2.641   -14.043 -8.940  1.00 54.61  ? 135 PRO A N   1 
ATOM 1002 C CA  . PRO A 1 138 ? 3.366   -14.371 -7.706  1.00 51.64  ? 135 PRO A CA  1 
ATOM 1003 C C   . PRO A 1 138 ? 4.434   -15.468 -7.912  1.00 54.69  ? 135 PRO A C   1 
ATOM 1004 O O   . PRO A 1 138 ? 4.458   -16.122 -8.965  1.00 59.02  ? 135 PRO A O   1 
ATOM 1005 C CB  . PRO A 1 138 ? 2.251   -14.864 -6.794  1.00 49.87  ? 135 PRO A CB  1 
ATOM 1006 C CG  . PRO A 1 138 ? 1.324   -15.576 -7.755  1.00 53.09  ? 135 PRO A CG  1 
ATOM 1007 C CD  . PRO A 1 138 ? 1.382   -14.801 -9.054  1.00 50.66  ? 135 PRO A CD  1 
ATOM 1008 N N   . GLU A 1 139 ? 5.302   -15.654 -6.916  1.00 62.05  ? 136 GLU A N   1 
ATOM 1009 C CA  . GLU A 1 139 ? 6.282   -16.744 -6.918  1.00 71.41  ? 136 GLU A CA  1 
ATOM 1010 C C   . GLU A 1 139 ? 6.245   -17.521 -5.591  1.00 75.99  ? 136 GLU A C   1 
ATOM 1011 O O   . GLU A 1 139 ? 5.968   -18.722 -5.589  1.00 95.04  ? 136 GLU A O   1 
ATOM 1012 C CB  . GLU A 1 139 ? 7.680   -16.203 -7.194  1.00 77.34  ? 136 GLU A CB  1 
ATOM 1013 C CG  . GLU A 1 139 ? 7.895   -15.794 -8.641  1.00 85.39  ? 136 GLU A CG  1 
ATOM 1014 C CD  . GLU A 1 139 ? 9.253   -15.140 -8.882  1.00 93.72  ? 136 GLU A CD  1 
ATOM 1015 O OE1 . GLU A 1 139 ? 9.916   -14.713 -7.906  1.00 84.79  ? 136 GLU A OE1 1 
ATOM 1016 O OE2 . GLU A 1 139 ? 9.661   -15.058 -10.063 1.00 104.21 ? 136 GLU A OE2 1 
ATOM 1017 N N   . ASP A 1 140 ? 6.506   -16.849 -4.468  1.00 63.67  ? 137 ASP A N   1 
ATOM 1018 C CA  . ASP A 1 140 ? 6.381   -17.491 -3.154  1.00 61.52  ? 137 ASP A CA  1 
ATOM 1019 C C   . ASP A 1 140 ? 4.923   -17.523 -2.645  1.00 62.37  ? 137 ASP A C   1 
ATOM 1020 O O   . ASP A 1 140 ? 4.003   -17.069 -3.333  1.00 58.31  ? 137 ASP A O   1 
ATOM 1021 C CB  . ASP A 1 140 ? 7.277   -16.796 -2.123  1.00 65.85  ? 137 ASP A CB  1 
ATOM 1022 C CG  . ASP A 1 140 ? 6.883   -15.354 -1.881  1.00 76.16  ? 137 ASP A CG  1 
ATOM 1023 O OD1 . ASP A 1 140 ? 5.838   -15.132 -1.232  1.00 79.46  ? 137 ASP A OD1 1 
ATOM 1024 O OD2 . ASP A 1 140 ? 7.628   -14.445 -2.311  1.00 78.95  ? 137 ASP A OD2 1 
ATOM 1025 N N   . ASP A 1 141 ? 4.725   -18.047 -1.433  1.00 64.88  ? 138 ASP A N   1 
ATOM 1026 C CA  . ASP A 1 141 ? 3.384   -18.339 -0.902  1.00 73.00  ? 138 ASP A CA  1 
ATOM 1027 C C   . ASP A 1 141 ? 2.586   -17.109 -0.467  1.00 69.24  ? 138 ASP A C   1 
ATOM 1028 O O   . ASP A 1 141 ? 1.378   -17.029 -0.703  1.00 62.17  ? 138 ASP A O   1 
ATOM 1029 C CB  . ASP A 1 141 ? 3.483   -19.295 0.289   1.00 81.42  ? 138 ASP A CB  1 
ATOM 1030 C CG  . ASP A 1 141 ? 3.654   -20.739 -0.128  1.00 88.69  ? 138 ASP A CG  1 
ATOM 1031 O OD1 . ASP A 1 141 ? 3.372   -21.065 -1.300  1.00 91.13  ? 138 ASP A OD1 1 
ATOM 1032 O OD2 . ASP A 1 141 ? 4.064   -21.552 0.728   1.00 92.71  ? 138 ASP A OD2 1 
ATOM 1033 N N   . VAL A 1 142 ? 3.270   -16.177 0.194   1.00 67.62  ? 139 VAL A N   1 
ATOM 1034 C CA  . VAL A 1 142 ? 2.681   -14.918 0.637   1.00 58.82  ? 139 VAL A CA  1 
ATOM 1035 C C   . VAL A 1 142 ? 2.188   -14.121 -0.567  1.00 60.48  ? 139 VAL A C   1 
ATOM 1036 O O   . VAL A 1 142 ? 1.042   -13.630 -0.594  1.00 61.43  ? 139 VAL A O   1 
ATOM 1037 C CB  . VAL A 1 142 ? 3.705   -14.095 1.454   1.00 50.48  ? 139 VAL A CB  1 
ATOM 1038 C CG1 . VAL A 1 142 ? 3.222   -12.660 1.676   1.00 42.25  ? 139 VAL A CG1 1 
ATOM 1039 C CG2 . VAL A 1 142 ? 3.995   -14.786 2.779   1.00 50.16  ? 139 VAL A CG2 1 
ATOM 1040 N N   . GLU A 1 143 ? 3.056   -14.028 -1.574  1.00 62.74  ? 140 GLU A N   1 
ATOM 1041 C CA  . GLU A 1 143 ? 2.745   -13.309 -2.800  1.00 59.71  ? 140 GLU A CA  1 
ATOM 1042 C C   . GLU A 1 143 ? 1.481   -13.854 -3.432  1.00 57.80  ? 140 GLU A C   1 
ATOM 1043 O O   . GLU A 1 143 ? 0.622   -13.095 -3.863  1.00 54.49  ? 140 GLU A O   1 
ATOM 1044 C CB  . GLU A 1 143 ? 3.905   -13.394 -3.789  1.00 61.46  ? 140 GLU A CB  1 
ATOM 1045 C CG  . GLU A 1 143 ? 5.132   -12.587 -3.374  1.00 63.39  ? 140 GLU A CG  1 
ATOM 1046 C CD  . GLU A 1 143 ? 6.245   -12.620 -4.420  1.00 67.76  ? 140 GLU A CD  1 
ATOM 1047 O OE1 . GLU A 1 143 ? 6.020   -13.155 -5.530  1.00 74.47  ? 140 GLU A OE1 1 
ATOM 1048 O OE2 . GLU A 1 143 ? 7.350   -12.120 -4.125  1.00 59.25  ? 140 GLU A OE2 1 
ATOM 1049 N N   . LYS A 1 144 ? 1.351   -15.171 -3.470  1.00 54.63  ? 141 LYS A N   1 
ATOM 1050 C CA  . LYS A 1 144 ? 0.190   -15.741 -4.114  1.00 60.78  ? 141 LYS A CA  1 
ATOM 1051 C C   . LYS A 1 144 ? -1.042  -15.676 -3.189  1.00 63.10  ? 141 LYS A C   1 
ATOM 1052 O O   . LYS A 1 144 ? -2.167  -15.719 -3.667  1.00 57.09  ? 141 LYS A O   1 
ATOM 1053 C CB  . LYS A 1 144 ? 0.483   -17.171 -4.585  1.00 69.13  ? 141 LYS A CB  1 
ATOM 1054 C CG  . LYS A 1 144 ? 0.182   -18.282 -3.613  1.00 74.53  ? 141 LYS A CG  1 
ATOM 1055 C CD  . LYS A 1 144 ? -0.020  -19.601 -4.380  1.00 87.36  ? 141 LYS A CD  1 
ATOM 1056 C CE  . LYS A 1 144 ? -1.391  -19.635 -5.063  1.00 91.49  ? 141 LYS A CE  1 
ATOM 1057 N NZ  . LYS A 1 144 ? -1.826  -20.950 -5.607  1.00 91.96  ? 141 LYS A NZ  1 
ATOM 1058 N N   . TRP A 1 145 ? -0.842  -15.534 -1.879  1.00 54.32  ? 142 TRP A N   1 
ATOM 1059 C CA  . TRP A 1 145 ? -1.983  -15.306 -0.999  1.00 47.56  ? 142 TRP A CA  1 
ATOM 1060 C C   . TRP A 1 145 ? -2.617  -13.947 -1.309  1.00 61.17  ? 142 TRP A C   1 
ATOM 1061 O O   . TRP A 1 145 ? -3.849  -13.826 -1.435  1.00 46.19  ? 142 TRP A O   1 
ATOM 1062 C CB  . TRP A 1 145 ? -1.590  -15.358 0.480   1.00 54.91  ? 142 TRP A CB  1 
ATOM 1063 C CG  . TRP A 1 145 ? -2.716  -14.857 1.359   1.00 59.49  ? 142 TRP A CG  1 
ATOM 1064 C CD1 . TRP A 1 145 ? -2.933  -13.563 1.774   1.00 53.35  ? 142 TRP A CD1 1 
ATOM 1065 C CD2 . TRP A 1 145 ? -3.798  -15.633 1.890   1.00 59.03  ? 142 TRP A CD2 1 
ATOM 1066 N NE1 . TRP A 1 145 ? -4.080  -13.495 2.536   1.00 50.40  ? 142 TRP A NE1 1 
ATOM 1067 C CE2 . TRP A 1 145 ? -4.627  -14.745 2.623   1.00 57.55  ? 142 TRP A CE2 1 
ATOM 1068 C CE3 . TRP A 1 145 ? -4.143  -16.989 1.824   1.00 53.45  ? 142 TRP A CE3 1 
ATOM 1069 C CZ2 . TRP A 1 145 ? -5.772  -15.176 3.286   1.00 49.40  ? 142 TRP A CZ2 1 
ATOM 1070 C CZ3 . TRP A 1 145 ? -5.280  -17.415 2.482   1.00 57.05  ? 142 TRP A CZ3 1 
ATOM 1071 C CH2 . TRP A 1 145 ? -6.084  -16.507 3.207   1.00 62.22  ? 142 TRP A CH2 1 
ATOM 1072 N N   . PHE A 1 146 ? -1.764  -12.923 -1.406  1.00 49.15  ? 143 PHE A N   1 
ATOM 1073 C CA  . PHE A 1 146 ? -2.240  -11.583 -1.748  1.00 47.50  ? 143 PHE A CA  1 
ATOM 1074 C C   . PHE A 1 146 ? -2.735  -11.521 -3.190  1.00 50.80  ? 143 PHE A C   1 
ATOM 1075 O O   . PHE A 1 146 ? -3.644  -10.763 -3.518  1.00 50.28  ? 143 PHE A O   1 
ATOM 1076 C CB  . PHE A 1 146 ? -1.135  -10.553 -1.508  1.00 39.51  ? 143 PHE A CB  1 
ATOM 1077 C CG  . PHE A 1 146 ? -0.883  -10.289 -0.053  1.00 50.31  ? 143 PHE A CG  1 
ATOM 1078 C CD1 . PHE A 1 146 ? -1.873  -9.712  0.738   1.00 47.43  ? 143 PHE A CD1 1 
ATOM 1079 C CD2 . PHE A 1 146 ? 0.319   -10.643 0.537   1.00 45.74  ? 143 PHE A CD2 1 
ATOM 1080 C CE1 . PHE A 1 146 ? -1.660  -9.479  2.085   1.00 47.01  ? 143 PHE A CE1 1 
ATOM 1081 C CE2 . PHE A 1 146 ? 0.537   -10.408 1.888   1.00 50.12  ? 143 PHE A CE2 1 
ATOM 1082 C CZ  . PHE A 1 146 ? -0.452  -9.819  2.662   1.00 48.25  ? 143 PHE A CZ  1 
ATOM 1083 N N   . TYR A 1 147 ? -2.136  -12.332 -4.050  1.00 49.01  ? 144 TYR A N   1 
ATOM 1084 C CA  . TYR A 1 147 ? -2.527  -12.357 -5.447  1.00 54.79  ? 144 TYR A CA  1 
ATOM 1085 C C   . TYR A 1 147 ? -3.911  -12.981 -5.599  1.00 56.83  ? 144 TYR A C   1 
ATOM 1086 O O   . TYR A 1 147 ? -4.765  -12.439 -6.302  1.00 56.06  ? 144 TYR A O   1 
ATOM 1087 C CB  . TYR A 1 147 ? -1.500  -13.121 -6.276  1.00 56.29  ? 144 TYR A CB  1 
ATOM 1088 C CG  . TYR A 1 147 ? -1.848  -13.190 -7.736  1.00 50.45  ? 144 TYR A CG  1 
ATOM 1089 C CD1 . TYR A 1 147 ? -2.464  -14.310 -8.264  1.00 50.59  ? 144 TYR A CD1 1 
ATOM 1090 C CD2 . TYR A 1 147 ? -1.572  -12.126 -8.586  1.00 47.02  ? 144 TYR A CD2 1 
ATOM 1091 C CE1 . TYR A 1 147 ? -2.788  -14.381 -9.603  1.00 59.75  ? 144 TYR A CE1 1 
ATOM 1092 C CE2 . TYR A 1 147 ? -1.899  -12.186 -9.928  1.00 49.44  ? 144 TYR A CE2 1 
ATOM 1093 C CZ  . TYR A 1 147 ? -2.511  -13.314 -10.429 1.00 57.24  ? 144 TYR A CZ  1 
ATOM 1094 O OH  . TYR A 1 147 ? -2.834  -13.393 -11.765 1.00 67.22  ? 144 TYR A OH  1 
ATOM 1095 N N   . ASP A 1 148 ? -4.119  -14.103 -4.910  1.00 50.79  ? 145 ASP A N   1 
ATOM 1096 C CA  . ASP A 1 148 ? -5.367  -14.872 -4.944  1.00 52.22  ? 145 ASP A CA  1 
ATOM 1097 C C   . ASP A 1 148 ? -6.545  -14.176 -4.284  1.00 54.16  ? 145 ASP A C   1 
ATOM 1098 O O   . ASP A 1 148 ? -7.680  -14.402 -4.674  1.00 64.71  ? 145 ASP A O   1 
ATOM 1099 C CB  . ASP A 1 148 ? -5.198  -16.228 -4.255  1.00 52.69  ? 145 ASP A CB  1 
ATOM 1100 C CG  . ASP A 1 148 ? -4.311  -17.180 -5.023  1.00 60.04  ? 145 ASP A CG  1 
ATOM 1101 O OD1 . ASP A 1 148 ? -4.218  -17.076 -6.266  1.00 61.13  ? 145 ASP A OD1 1 
ATOM 1102 O OD2 . ASP A 1 148 ? -3.706  -18.041 -4.361  1.00 61.04  ? 145 ASP A OD2 1 
ATOM 1103 N N   . THR A 1 149 ? -6.294  -13.359 -3.271  1.00 51.28  ? 146 THR A N   1 
ATOM 1104 C CA  . THR A 1 149 ? -7.403  -12.736 -2.554  1.00 58.94  ? 146 THR A CA  1 
ATOM 1105 C C   . THR A 1 149 ? -7.743  -11.345 -3.113  1.00 55.54  ? 146 THR A C   1 
ATOM 1106 O O   . THR A 1 149 ? -8.731  -10.730 -2.712  1.00 55.34  ? 146 THR A O   1 
ATOM 1107 C CB  . THR A 1 149 ? -7.112  -12.646 -1.034  1.00 54.36  ? 146 THR A CB  1 
ATOM 1108 O OG1 . THR A 1 149 ? -5.837  -12.036 -0.821  1.00 44.40  ? 146 THR A OG1 1 
ATOM 1109 C CG2 . THR A 1 149 ? -7.103  -14.035 -0.410  1.00 48.66  ? 146 THR A CG2 1 
ATOM 1110 N N   . ALA A 1 150 ? -6.941  -10.874 -4.066  1.00 59.00  ? 147 ALA A N   1 
ATOM 1111 C CA  . ALA A 1 150 ? -7.119  -9.542  -4.651  1.00 53.79  ? 147 ALA A CA  1 
ATOM 1112 C C   . ALA A 1 150 ? -8.422  -9.336  -5.458  1.00 54.60  ? 147 ALA A C   1 
ATOM 1113 O O   . ALA A 1 150 ? -9.052  -8.292  -5.312  1.00 56.04  ? 147 ALA A O   1 
ATOM 1114 C CB  . ALA A 1 150 ? -5.902  -9.184  -5.524  1.00 42.70  ? 147 ALA A CB  1 
ATOM 1115 N N   . PRO A 1 151 ? -8.860  -10.312 -6.213  1.00 53.56  ? 148 PRO A N   1 
ATOM 1116 C CA  . PRO A 1 151 ? -10.033 -10.129 -7.055  1.00 56.98  ? 148 PRO A CA  1 
ATOM 1117 C C   . PRO A 1 151 ? -11.251 -9.708  -6.277  1.00 67.36  ? 148 PRO A C   1 
ATOM 1118 O O   . PRO A 1 151 ? -12.019 -8.910  -6.750  1.00 67.63  ? 148 PRO A O   1 
ATOM 1119 C CB  . PRO A 1 151 ? -10.221 -11.505 -7.658  1.00 53.55  ? 148 PRO A CB  1 
ATOM 1120 C CG  . PRO A 1 151 ? -8.864  -12.087 -7.633  1.00 50.98  ? 148 PRO A CG  1 
ATOM 1121 C CD  . PRO A 1 151 ? -8.342  -11.670 -6.317  1.00 53.46  ? 148 PRO A CD  1 
ATOM 1122 N N   . GLN A 1 152 ? -11.433 -10.253 -5.104  1.00 76.81  ? 149 GLN A N   1 
ATOM 1123 C CA  . GLN A 1 152 ? -12.533 -9.851  -4.275  1.00 79.86  ? 149 GLN A CA  1 
ATOM 1124 C C   . GLN A 1 152 ? -12.357 -8.415  -3.786  1.00 74.37  ? 149 GLN A C   1 
ATOM 1125 O O   . GLN A 1 152 ? -13.309 -7.671  -3.744  1.00 76.22  ? 149 GLN A O   1 
ATOM 1126 C CB  . GLN A 1 152 ? -12.704 -10.803 -3.105  1.00 87.58  ? 149 GLN A CB  1 
ATOM 1127 C CG  . GLN A 1 152 ? -12.714 -12.276 -3.485  1.00 97.51  ? 149 GLN A CG  1 
ATOM 1128 C CD  . GLN A 1 152 ? -11.388 -12.744 -4.042  1.00 101.05 ? 149 GLN A CD  1 
ATOM 1129 O OE1 . GLN A 1 152 ? -10.818 -12.079 -4.903  1.00 99.81  ? 149 GLN A OE1 1 
ATOM 1130 N NE2 . GLN A 1 152 ? -10.880 -13.853 -3.541  1.00 100.34 ? 149 GLN A NE2 1 
ATOM 1131 N N   . ARG A 1 153 ? -11.139 -8.030  -3.418  1.00 62.04  ? 150 ARG A N   1 
ATOM 1132 C CA  . ARG A 1 153 ? -10.894 -6.674  -2.884  1.00 61.38  ? 150 ARG A CA  1 
ATOM 1133 C C   . ARG A 1 153 ? -11.184 -5.666  -3.974  1.00 63.63  ? 150 ARG A C   1 
ATOM 1134 O O   . ARG A 1 153 ? -11.817 -4.632  -3.737  1.00 62.64  ? 150 ARG A O   1 
ATOM 1135 C CB  . ARG A 1 153 ? -9.444  -6.480  -2.374  1.00 40.28  ? 150 ARG A CB  1 
ATOM 1136 C CG  . ARG A 1 153 ? -9.077  -7.219  -1.085  1.00 40.32  ? 150 ARG A CG  1 
ATOM 1137 C CD  . ARG A 1 153 ? -7.700  -6.795  -0.540  1.00 51.15  ? 150 ARG A CD  1 
ATOM 1138 N NE  . ARG A 1 153 ? -6.582  -7.102  -1.433  1.00 54.23  ? 150 ARG A NE  1 
ATOM 1139 C CZ  . ARG A 1 153 ? -6.018  -8.307  -1.547  1.00 53.00  ? 150 ARG A CZ  1 
ATOM 1140 N NH1 . ARG A 1 153 ? -6.489  -9.340  -0.856  1.00 45.40  ? 150 ARG A NH1 1 
ATOM 1141 N NH2 . ARG A 1 153 ? -4.998  -8.489  -2.375  1.00 44.86  ? 150 ARG A NH2 1 
ATOM 1142 N N   . VAL A 1 154 ? -10.703 -5.971  -5.176  1.00 66.67  ? 151 VAL A N   1 
ATOM 1143 C CA  . VAL A 1 154 ? -11.069 -5.219  -6.371  1.00 66.25  ? 151 VAL A CA  1 
ATOM 1144 C C   . VAL A 1 154 ? -12.591 -5.117  -6.413  1.00 61.30  ? 151 VAL A C   1 
ATOM 1145 O O   . VAL A 1 154 ? -13.137 -4.052  -6.714  1.00 58.73  ? 151 VAL A O   1 
ATOM 1146 C CB  . VAL A 1 154 ? -10.484 -5.871  -7.651  1.00 74.81  ? 151 VAL A CB  1 
ATOM 1147 C CG1 . VAL A 1 154 ? -10.959 -5.137  -8.891  1.00 73.62  ? 151 VAL A CG1 1 
ATOM 1148 C CG2 . VAL A 1 154 ? -8.950  -5.876  -7.603  1.00 68.92  ? 151 VAL A CG2 1 
ATOM 1149 N N   . GLU A 1 155 ? -13.282 -6.203  -6.133  1.00 66.63  ? 152 GLU A N   1 
ATOM 1150 C CA  . GLU A 1 155 ? -14.730 -6.201  -6.182  1.00 75.93  ? 152 GLU A CA  1 
ATOM 1151 C C   . GLU A 1 155 ? -15.368 -5.262  -5.187  1.00 76.99  ? 152 GLU A C   1 
ATOM 1152 O O   . GLU A 1 155 ? -16.265 -4.523  -5.518  1.00 76.43  ? 152 GLU A O   1 
ATOM 1153 C CB  . GLU A 1 155 ? -15.243 -7.597  -5.890  1.00 86.51  ? 152 GLU A CB  1 
ATOM 1154 C CG  . GLU A 1 155 ? -15.994 -8.246  -7.026  1.00 98.03  ? 152 GLU A CG  1 
ATOM 1155 C CD  . GLU A 1 155 ? -16.860 -9.392  -6.555  1.00 112.87 ? 152 GLU A CD  1 
ATOM 1156 O OE1 . GLU A 1 155 ? -16.381 -10.544 -6.532  1.00 115.31 ? 152 GLU A OE1 1 
ATOM 1157 O OE2 . GLU A 1 155 ? -18.030 -9.139  -6.213  1.00 119.60 ? 152 GLU A OE2 1 
ATOM 1158 N N   . ARG A 1 156 ? -14.883 -5.280  -3.965  1.00 76.36  ? 153 ARG A N   1 
ATOM 1159 C CA  . ARG A 1 156 ? -15.411 -4.423  -2.946  1.00 68.40  ? 153 ARG A CA  1 
ATOM 1160 C C   . ARG A 1 156 ? -15.187 -3.006  -3.317  1.00 65.12  ? 153 ARG A C   1 
ATOM 1161 O O   . ARG A 1 156 ? -16.022 -2.177  -3.108  1.00 75.79  ? 153 ARG A O   1 
ATOM 1162 C CB  . ARG A 1 156 ? -14.711 -4.676  -1.635  1.00 67.41  ? 153 ARG A CB  1 
ATOM 1163 C CG  . ARG A 1 156 ? -14.746 -6.103  -1.161  1.00 67.24  ? 153 ARG A CG  1 
ATOM 1164 C CD  . ARG A 1 156 ? -16.010 -6.824  -1.544  1.00 68.80  ? 153 ARG A CD  1 
ATOM 1165 N NE  . ARG A 1 156 ? -16.461 -7.655  -0.450  1.00 85.03  ? 153 ARG A NE  1 
ATOM 1166 C CZ  . ARG A 1 156 ? -17.076 -8.818  -0.606  1.00 97.32  ? 153 ARG A CZ  1 
ATOM 1167 N NH1 . ARG A 1 156 ? -17.464 -9.505  0.460   1.00 95.96  ? 153 ARG A NH1 1 
ATOM 1168 N NH2 . ARG A 1 156 ? -17.295 -9.292  -1.824  1.00 97.70  ? 153 ARG A NH2 1 
ATOM 1169 N N   . ARG A 1 157 ? -14.039 -2.739  -3.879  1.00 62.07  ? 154 ARG A N   1 
ATOM 1170 C CA  . ARG A 1 157 ? -13.694 -1.412  -4.254  1.00 57.24  ? 154 ARG A CA  1 
ATOM 1171 C C   . ARG A 1 157 ? -14.673 -0.901  -5.265  1.00 68.87  ? 154 ARG A C   1 
ATOM 1172 O O   . ARG A 1 157 ? -14.976 0.255   -5.275  1.00 72.20  ? 154 ARG A O   1 
ATOM 1173 C CB  . ARG A 1 157 ? -12.256 -1.345  -4.738  1.00 54.68  ? 154 ARG A CB  1 
ATOM 1174 C CG  . ARG A 1 157 ? -11.902 -0.074  -5.469  1.00 58.18  ? 154 ARG A CG  1 
ATOM 1175 C CD  . ARG A 1 157 ? -10.444 0.302   -5.305  1.00 74.47  ? 154 ARG A CD  1 
ATOM 1176 N NE  . ARG A 1 157 ? -9.513  -0.688  -5.832  1.00 87.54  ? 154 ARG A NE  1 
ATOM 1177 C CZ  . ARG A 1 157 ? -9.258  -0.887  -7.124  1.00 91.35  ? 154 ARG A CZ  1 
ATOM 1178 N NH1 . ARG A 1 157 ? -9.869  -0.168  -8.053  1.00 90.35  ? 154 ARG A NH1 1 
ATOM 1179 N NH2 . ARG A 1 157 ? -8.373  -1.796  -7.492  1.00 82.93  ? 154 ARG A NH2 1 
ATOM 1180 N N   . LYS A 1 158 ? -15.176 -1.752  -6.136  1.00 69.63  ? 155 LYS A N   1 
ATOM 1181 C CA  . LYS A 1 158 ? -16.116 -1.260  -7.132  1.00 68.68  ? 155 LYS A CA  1 
ATOM 1182 C C   . LYS A 1 158 ? -17.391 -0.803  -6.481  1.00 62.35  ? 155 LYS A C   1 
ATOM 1183 O O   . LYS A 1 158 ? -17.912 0.217   -6.838  1.00 62.89  ? 155 LYS A O   1 
ATOM 1184 C CB  . LYS A 1 158 ? -16.343 -2.267  -8.275  1.00 103.13 ? 155 LYS A CB  1 
ATOM 1185 C CG  . LYS A 1 158 ? -17.775 -2.769  -8.496  1.00 105.65 ? 155 LYS A CG  1 
ATOM 1186 C CD  . LYS A 1 158 ? -18.323 -2.417  -9.877  1.00 115.43 ? 155 LYS A CD  1 
ATOM 1187 C CE  . LYS A 1 158 ? -19.733 -2.962  -10.071 1.00 109.57 ? 155 LYS A CE  1 
ATOM 1188 N NZ  . LYS A 1 158 ? -19.893 -3.875  -11.241 1.00 105.48 ? 155 LYS A NZ  1 
ATOM 1189 N N   . ALA A 1 159 ? -17.883 -1.561  -5.526  1.00 62.57  ? 156 ALA A N   1 
ATOM 1190 C CA  . ALA A 1 159 ? -19.090 -1.177  -4.843  1.00 65.07  ? 156 ALA A CA  1 
ATOM 1191 C C   . ALA A 1 159 ? -18.878 0.103   -4.067  1.00 61.27  ? 156 ALA A C   1 
ATOM 1192 O O   . ALA A 1 159 ? -19.663 1.007   -4.168  1.00 63.86  ? 156 ALA A O   1 
ATOM 1193 C CB  . ALA A 1 159 ? -19.527 -2.284  -3.929  1.00 68.25  ? 156 ALA A CB  1 
ATOM 1194 N N   . ARG A 1 160 ? -17.782 0.195   -3.326  1.00 64.72  ? 157 ARG A N   1 
ATOM 1195 C CA  . ARG A 1 160 ? -17.459 1.417   -2.622  1.00 65.23  ? 157 ARG A CA  1 
ATOM 1196 C C   . ARG A 1 160 ? -17.325 2.606   -3.560  1.00 64.76  ? 157 ARG A C   1 
ATOM 1197 O O   . ARG A 1 160 ? -17.705 3.686   -3.201  1.00 72.64  ? 157 ARG A O   1 
ATOM 1198 C CB  . ARG A 1 160 ? -16.221 1.225   -1.733  1.00 73.08  ? 157 ARG A CB  1 
ATOM 1199 C CG  . ARG A 1 160 ? -15.175 2.338   -1.726  1.00 96.23  ? 157 ARG A CG  1 
ATOM 1200 C CD  . ARG A 1 160 ? -14.703 2.710   -0.334  1.00 93.25  ? 157 ARG A CD  1 
ATOM 1201 N NE  . ARG A 1 160 ? -13.871 1.657   0.227   1.00 103.75 ? 157 ARG A NE  1 
ATOM 1202 C CZ  . ARG A 1 160 ? -13.924 1.235   1.481   1.00 103.39 ? 157 ARG A CZ  1 
ATOM 1203 N NH1 . ARG A 1 160 ? -14.767 1.787   2.334   1.00 98.23  ? 157 ARG A NH1 1 
ATOM 1204 N NH2 . ARG A 1 160 ? -13.133 0.252   1.869   1.00 104.36 ? 157 ARG A NH2 1 
ATOM 1205 N N   . ARG A 1 161 ? -16.776 2.419   -4.742  1.00 66.07  ? 158 ARG A N   1 
ATOM 1206 C CA  . ARG A 1 161 ? -16.633 3.528   -5.653  1.00 67.67  ? 158 ARG A CA  1 
ATOM 1207 C C   . ARG A 1 161 ? -18.007 3.923   -6.147  1.00 68.19  ? 158 ARG A C   1 
ATOM 1208 O O   . ARG A 1 161 ? -18.179 4.971   -6.702  1.00 75.69  ? 158 ARG A O   1 
ATOM 1209 C CB  . ARG A 1 161 ? -15.672 3.209   -6.812  1.00 79.00  ? 158 ARG A CB  1 
ATOM 1210 C CG  . ARG A 1 161 ? -14.902 4.402   -7.410  1.00 100.35 ? 158 ARG A CG  1 
ATOM 1211 C CD  . ARG A 1 161 ? -13.387 4.379   -7.136  1.00 109.94 ? 158 ARG A CD  1 
ATOM 1212 N NE  . ARG A 1 161 ? -12.612 5.391   -7.872  1.00 115.07 ? 158 ARG A NE  1 
ATOM 1213 C CZ  . ARG A 1 161 ? -11.272 5.464   -7.914  1.00 116.62 ? 158 ARG A CZ  1 
ATOM 1214 N NH1 . ARG A 1 161 ? -10.672 6.410   -8.628  1.00 115.50 ? 158 ARG A NH1 1 
ATOM 1215 N NH2 . ARG A 1 161 ? -10.513 4.592   -7.265  1.00 118.38 ? 158 ARG A NH2 1 
ATOM 1216 N N   . ILE A 1 162 ? -18.989 3.069   -5.958  1.00 69.25  ? 159 ILE A N   1 
ATOM 1217 C CA  . ILE A 1 162 ? -20.328 3.370   -6.429  1.00 69.38  ? 159 ILE A CA  1 
ATOM 1218 C C   . ILE A 1 162 ? -20.973 4.236   -5.384  1.00 75.87  ? 159 ILE A C   1 
ATOM 1219 O O   . ILE A 1 162 ? -21.502 5.284   -5.665  1.00 75.81  ? 159 ILE A O   1 
ATOM 1220 C CB  . ILE A 1 162 ? -21.137 2.079   -6.716  1.00 70.54  ? 159 ILE A CB  1 
ATOM 1221 C CG1 . ILE A 1 162 ? -20.936 1.652   -8.156  1.00 76.25  ? 159 ILE A CG1 1 
ATOM 1222 C CG2 . ILE A 1 162 ? -22.634 2.262   -6.557  1.00 72.26  ? 159 ILE A CG2 1 
ATOM 1223 C CD1 . ILE A 1 162 ? -21.210 2.772   -9.131  1.00 77.90  ? 159 ILE A CD1 1 
ATOM 1224 N N   . GLU A 1 163 ? -20.927 3.758   -4.166  1.00 76.74  ? 160 GLU A N   1 
ATOM 1225 C CA  . GLU A 1 163 ? -21.497 4.488   -3.026  1.00 78.75  ? 160 GLU A CA  1 
ATOM 1226 C C   . GLU A 1 163 ? -20.874 5.879   -2.856  1.00 70.06  ? 160 GLU A C   1 
ATOM 1227 O O   . GLU A 1 163 ? -21.569 6.884   -2.625  1.00 70.81  ? 160 GLU A O   1 
ATOM 1228 C CB  . GLU A 1 163 ? -21.327 3.676   -1.740  1.00 87.79  ? 160 GLU A CB  1 
ATOM 1229 C CG  . GLU A 1 163 ? -22.110 2.362   -1.726  1.00 104.63 ? 160 GLU A CG  1 
ATOM 1230 C CD  . GLU A 1 163 ? -23.611 2.563   -1.924  1.00 118.59 ? 160 GLU A CD  1 
ATOM 1231 O OE1 . GLU A 1 163 ? -24.167 3.541   -1.378  1.00 120.74 ? 160 GLU A OE1 1 
ATOM 1232 O OE2 . GLU A 1 163 ? -24.238 1.743   -2.630  1.00 123.07 ? 160 GLU A OE2 1 
ATOM 1233 N N   . SER A 1 164 ? -19.558 5.919   -2.996  1.00 64.42  ? 161 SER A N   1 
ATOM 1234 C CA  . SER A 1 164 ? -18.784 7.132   -2.812  1.00 65.71  ? 161 SER A CA  1 
ATOM 1235 C C   . SER A 1 164 ? -19.197 8.176   -3.846  1.00 64.11  ? 161 SER A C   1 
ATOM 1236 O O   . SER A 1 164 ? -19.326 9.367   -3.522  1.00 56.26  ? 161 SER A O   1 
ATOM 1237 C CB  . SER A 1 164 ? -17.293 6.817   -2.906  1.00 66.08  ? 161 SER A CB  1 
ATOM 1238 O OG  . SER A 1 164 ? -16.519 7.905   -2.438  1.00 72.85  ? 161 SER A OG  1 
ATOM 1239 N N   . LYS A 1 165 ? -19.435 7.729   -5.083  1.00 64.57  ? 162 LYS A N   1 
ATOM 1240 C CA  . LYS A 1 165 ? -19.945 8.638   -6.110  1.00 66.10  ? 162 LYS A CA  1 
ATOM 1241 C C   . LYS A 1 165 ? -21.315 9.205   -5.723  1.00 66.01  ? 162 LYS A C   1 
ATOM 1242 O O   . LYS A 1 165 ? -21.601 10.395  -5.947  1.00 61.62  ? 162 LYS A O   1 
ATOM 1243 C CB  . LYS A 1 165 ? -20.022 7.940   -7.468  1.00 71.61  ? 162 LYS A CB  1 
ATOM 1244 C CG  . LYS A 1 165 ? -18.941 8.393   -8.456  1.00 85.70  ? 162 LYS A CG  1 
ATOM 1245 C CD  . LYS A 1 165 ? -18.905 9.922   -8.618  1.00 94.45  ? 162 LYS A CD  1 
ATOM 1246 C CE  . LYS A 1 165 ? -18.163 10.348  -9.892  1.00 94.67  ? 162 LYS A CE  1 
ATOM 1247 N NZ  . LYS A 1 165 ? -18.263 11.814  -10.149 1.00 93.16  ? 162 LYS A NZ  1 
ATOM 1248 N N   . GLN A 1 166 ? -22.158 8.362   -5.127  1.00 69.01  ? 163 GLN A N   1 
ATOM 1249 C CA  . GLN A 1 166 ? -23.445 8.850   -4.618  1.00 69.15  ? 163 GLN A CA  1 
ATOM 1250 C C   . GLN A 1 166 ? -23.286 9.974   -3.594  1.00 66.20  ? 163 GLN A C   1 
ATOM 1251 O O   . GLN A 1 166 ? -24.001 10.992  -3.634  1.00 62.97  ? 163 GLN A O   1 
ATOM 1252 C CB  . GLN A 1 166 ? -24.222 7.713   -3.978  1.00 75.58  ? 163 GLN A CB  1 
ATOM 1253 C CG  . GLN A 1 166 ? -25.584 7.485   -4.538  1.00 82.98  ? 163 GLN A CG  1 
ATOM 1254 C CD  . GLN A 1 166 ? -26.049 6.099   -4.209  1.00 89.97  ? 163 GLN A CD  1 
ATOM 1255 O OE1 . GLN A 1 166 ? -26.157 5.238   -5.087  1.00 90.78  ? 163 GLN A OE1 1 
ATOM 1256 N NE2 . GLN A 1 166 ? -26.288 5.852   -2.926  1.00 92.29  ? 163 GLN A NE2 1 
ATOM 1257 N N   . THR A 1 167 ? -22.356 9.770   -2.662  1.00 65.19  ? 164 THR A N   1 
ATOM 1258 C CA  . THR A 1 167 ? -22.082 10.774  -1.635  1.00 62.53  ? 164 THR A CA  1 
ATOM 1259 C C   . THR A 1 167 ? -21.594 12.095  -2.222  1.00 66.08  ? 164 THR A C   1 
ATOM 1260 O O   . THR A 1 167 ? -22.092 13.176  -1.863  1.00 58.59  ? 164 THR A O   1 
ATOM 1261 C CB  . THR A 1 167 ? -21.045 10.271  -0.630  1.00 54.32  ? 164 THR A CB  1 
ATOM 1262 O OG1 . THR A 1 167 ? -21.618 9.211   0.140   1.00 58.81  ? 164 THR A OG1 1 
ATOM 1263 C CG2 . THR A 1 167 ? -20.620 11.398  0.310   1.00 53.22  ? 164 THR A CG2 1 
ATOM 1264 N N   . ILE A 1 168 ? -20.610 12.002  -3.113  1.00 65.50  ? 165 ILE A N   1 
ATOM 1265 C CA  . ILE A 1 168 ? -20.094 13.177  -3.807  1.00 60.54  ? 165 ILE A CA  1 
ATOM 1266 C C   . ILE A 1 168 ? -21.228 13.950  -4.459  1.00 64.14  ? 165 ILE A C   1 
ATOM 1267 O O   . ILE A 1 168 ? -21.337 15.172  -4.298  1.00 68.36  ? 165 ILE A O   1 
ATOM 1268 C CB  . ILE A 1 168 ? -19.060 12.795  -4.891  1.00 56.72  ? 165 ILE A CB  1 
ATOM 1269 C CG1 . ILE A 1 168 ? -17.867 12.063  -4.271  1.00 52.39  ? 165 ILE A CG1 1 
ATOM 1270 C CG2 . ILE A 1 168 ? -18.598 14.032  -5.646  1.00 57.78  ? 165 ILE A CG2 1 
ATOM 1271 C CD1 . ILE A 1 168 ? -17.018 11.309  -5.295  1.00 57.51  ? 165 ILE A CD1 1 
ATOM 1272 N N   . GLU A 1 169 ? -22.090 13.231  -5.177  1.00 69.67  ? 166 GLU A N   1 
ATOM 1273 C CA  . GLU A 1 169 ? -23.190 13.887  -5.885  1.00 67.82  ? 166 GLU A CA  1 
ATOM 1274 C C   . GLU A 1 169 ? -24.179 14.540  -4.934  1.00 59.46  ? 166 GLU A C   1 
ATOM 1275 O O   . GLU A 1 169 ? -24.689 15.619  -5.233  1.00 55.12  ? 166 GLU A O   1 
ATOM 1276 C CB  . GLU A 1 169 ? -23.910 12.903  -6.798  1.00 75.63  ? 166 GLU A CB  1 
ATOM 1277 C CG  . GLU A 1 169 ? -23.126 12.647  -8.076  1.00 90.30  ? 166 GLU A CG  1 
ATOM 1278 C CD  . GLU A 1 169 ? -23.906 11.880  -9.123  1.00 103.75 ? 166 GLU A CD  1 
ATOM 1279 O OE1 . GLU A 1 169 ? -25.159 11.874  -9.062  1.00 111.25 ? 166 GLU A OE1 1 
ATOM 1280 O OE2 . GLU A 1 169 ? -23.257 11.290  -10.016 1.00 103.88 ? 166 GLU A OE2 1 
ATOM 1281 N N   . TYR A 1 170 ? -24.444 13.909  -3.790  1.00 56.99  ? 167 TYR A N   1 
ATOM 1282 C CA  . TYR A 1 170 ? -25.275 14.574  -2.786  1.00 56.04  ? 167 TYR A CA  1 
ATOM 1283 C C   . TYR A 1 170 ? -24.639 15.865  -2.261  1.00 57.53  ? 167 TYR A C   1 
ATOM 1284 O O   . TYR A 1 170 ? -25.299 16.895  -2.203  1.00 60.04  ? 167 TYR A O   1 
ATOM 1285 C CB  . TYR A 1 170 ? -25.580 13.670  -1.594  1.00 56.63  ? 167 TYR A CB  1 
ATOM 1286 C CG  . TYR A 1 170 ? -26.541 14.347  -0.651  1.00 61.18  ? 167 TYR A CG  1 
ATOM 1287 C CD1 . TYR A 1 170 ? -27.908 14.341  -0.918  1.00 64.09  ? 167 TYR A CD1 1 
ATOM 1288 C CD2 . TYR A 1 170 ? -26.094 15.031  0.481   1.00 57.79  ? 167 TYR A CD2 1 
ATOM 1289 C CE1 . TYR A 1 170 ? -28.806 14.982  -0.082  1.00 64.61  ? 167 TYR A CE1 1 
ATOM 1290 C CE2 . TYR A 1 170 ? -27.002 15.675  1.337   1.00 54.23  ? 167 TYR A CE2 1 
ATOM 1291 C CZ  . TYR A 1 170 ? -28.355 15.643  1.044   1.00 64.72  ? 167 TYR A CZ  1 
ATOM 1292 O OH  . TYR A 1 170 ? -29.279 16.262  1.859   1.00 74.42  ? 167 TYR A OH  1 
ATOM 1293 N N   . LEU A 1 171 ? -23.371 15.808  -1.865  1.00 63.43  ? 168 LEU A N   1 
ATOM 1294 C CA  . LEU A 1 171 ? -22.706 17.005  -1.342  1.00 64.45  ? 168 LEU A CA  1 
ATOM 1295 C C   . LEU A 1 171 ? -22.696 18.122  -2.370  1.00 70.32  ? 168 LEU A C   1 
ATOM 1296 O O   . LEU A 1 171 ? -22.853 19.287  -2.022  1.00 71.31  ? 168 LEU A O   1 
ATOM 1297 C CB  . LEU A 1 171 ? -21.276 16.703  -0.914  1.00 51.52  ? 168 LEU A CB  1 
ATOM 1298 C CG  . LEU A 1 171 ? -21.143 15.704  0.224   1.00 51.46  ? 168 LEU A CG  1 
ATOM 1299 C CD1 . LEU A 1 171 ? -19.677 15.326  0.415   1.00 42.81  ? 168 LEU A CD1 1 
ATOM 1300 C CD2 . LEU A 1 171 ? -21.744 16.269  1.495   1.00 45.85  ? 168 LEU A CD2 1 
ATOM 1301 N N   . ALA A 1 172 ? -22.512 17.753  -3.635  1.00 72.20  ? 169 ALA A N   1 
ATOM 1302 C CA  . ALA A 1 172 ? -22.461 18.723  -4.722  1.00 69.49  ? 169 ALA A CA  1 
ATOM 1303 C C   . ALA A 1 172 ? -23.713 19.603  -4.753  1.00 75.38  ? 169 ALA A C   1 
ATOM 1304 O O   . ALA A 1 172 ? -23.631 20.794  -5.049  1.00 82.27  ? 169 ALA A O   1 
ATOM 1305 C CB  . ALA A 1 172 ? -22.280 18.014  -6.047  1.00 68.85  ? 169 ALA A CB  1 
ATOM 1306 N N   . GLN A 1 173 ? -24.868 19.030  -4.442  1.00 75.10  ? 170 GLN A N   1 
ATOM 1307 C CA  . GLN A 1 173 ? -26.075 19.833  -4.361  1.00 77.31  ? 170 GLN A CA  1 
ATOM 1308 C C   . GLN A 1 173 ? -26.416 20.171  -2.905  1.00 79.45  ? 170 GLN A C   1 
ATOM 1309 O O   . GLN A 1 173 ? -27.449 19.761  -2.380  1.00 82.52  ? 170 GLN A O   1 
ATOM 1310 C CB  . GLN A 1 173 ? -27.246 19.125  -5.053  1.00 82.20  ? 170 GLN A CB  1 
ATOM 1311 C CG  . GLN A 1 173 ? -27.604 17.761  -4.498  1.00 84.37  ? 170 GLN A CG  1 
ATOM 1312 C CD  . GLN A 1 173 ? -29.047 17.415  -4.773  1.00 99.14  ? 170 GLN A CD  1 
ATOM 1313 O OE1 . GLN A 1 173 ? -29.436 17.166  -5.915  1.00 109.94 ? 170 GLN A OE1 1 
ATOM 1314 N NE2 . GLN A 1 173 ? -29.868 17.449  -3.727  1.00 100.31 ? 170 GLN A NE2 1 
ATOM 1315 N N   . ALA A 1 174 ? -25.538 20.933  -2.259  1.00 82.03  ? 171 ALA A N   1 
ATOM 1316 C CA  . ALA A 1 174 ? -25.802 21.432  -0.909  1.00 86.60  ? 171 ALA A CA  1 
ATOM 1317 C C   . ALA A 1 174 ? -24.820 22.533  -0.494  1.00 85.23  ? 171 ALA A C   1 
ATOM 1318 O O   . ALA A 1 174 ? -24.417 23.373  -1.303  1.00 84.87  ? 171 ALA A O   1 
ATOM 1319 C CB  . ALA A 1 174 ? -25.763 20.287  0.093   1.00 85.86  ? 171 ALA A CB  1 
# 
loop_
_pdbx_poly_seq_scheme.asym_id 
_pdbx_poly_seq_scheme.entity_id 
_pdbx_poly_seq_scheme.seq_id 
_pdbx_poly_seq_scheme.mon_id 
_pdbx_poly_seq_scheme.ndb_seq_num 
_pdbx_poly_seq_scheme.pdb_seq_num 
_pdbx_poly_seq_scheme.auth_seq_num 
_pdbx_poly_seq_scheme.pdb_mon_id 
_pdbx_poly_seq_scheme.auth_mon_id 
_pdbx_poly_seq_scheme.pdb_strand_id 
_pdbx_poly_seq_scheme.pdb_ins_code 
_pdbx_poly_seq_scheme.hetero 
A 1 1   SER 1   -2  ?   ?   ?   A . n 
A 1 2   ASN 2   -1  ?   ?   ?   A . n 
A 1 3   ALA 3   0   ?   ?   ?   A . n 
A 1 4   MET 4   1   ?   ?   ?   A . n 
A 1 5   THR 5   2   ?   ?   ?   A . n 
A 1 6   ASN 6   3   ?   ?   ?   A . n 
A 1 7   GLN 7   4   ?   ?   ?   A . n 
A 1 8   ASP 8   5   5   ASP ASP A . n 
A 1 9   ARG 9   6   6   ARG ARG A . n 
A 1 10  PRO 10  7   7   PRO PRO A . n 
A 1 11  MET 11  8   8   MET MET A . n 
A 1 12  LYS 12  9   9   LYS LYS A . n 
A 1 13  SER 13  10  10  SER SER A . n 
A 1 14  MET 14  11  11  MET MET A . n 
A 1 15  SER 15  12  12  SER SER A . n 
A 1 16  GLU 16  13  13  GLU GLU A . n 
A 1 17  SER 17  14  14  SER SER A . n 
A 1 18  LYS 18  15  15  LYS LYS A . n 
A 1 19  CYS 19  16  16  CYS CYS A . n 
A 1 20  TYR 20  17  17  TYR TYR A . n 
A 1 21  LYS 21  18  18  LYS LYS A . n 
A 1 22  ASN 22  19  19  ASN ASN A . n 
A 1 23  ARG 23  20  20  ARG ARG A . n 
A 1 24  GLN 24  21  21  GLN GLN A . n 
A 1 25  VAL 25  22  22  VAL VAL A . n 
A 1 26  PHE 26  23  23  PHE PHE A . n 
A 1 27  PRO 27  24  24  PRO PRO A . n 
A 1 28  GLN 28  25  25  GLN GLN A . n 
A 1 29  ASP 29  26  26  ASP ASP A . n 
A 1 30  THR 30  27  27  THR THR A . n 
A 1 31  ALA 31  28  28  ALA ALA A . n 
A 1 32  HIS 32  29  29  HIS HIS A . n 
A 1 33  HIS 33  30  30  HIS HIS A . n 
A 1 34  HIS 34  31  31  HIS HIS A . n 
A 1 35  THR 35  32  32  THR THR A . n 
A 1 36  MET 36  33  33  MET MET A . n 
A 1 37  PHE 37  34  34  PHE PHE A . n 
A 1 38  GLY 38  35  35  GLY GLY A . n 
A 1 39  GLY 39  36  36  GLY GLY A . n 
A 1 40  THR 40  37  37  THR THR A . n 
A 1 41  LEU 41  38  38  LEU LEU A . n 
A 1 42  MET 42  39  39  MET MET A . n 
A 1 43  ALA 43  40  40  ALA ALA A . n 
A 1 44  ASN 44  41  41  ASN ASN A . n 
A 1 45  ILE 45  42  42  ILE ILE A . n 
A 1 46  ASP 46  43  43  ASP ASP A . n 
A 1 47  GLU 47  44  44  GLU GLU A . n 
A 1 48  ILE 48  45  45  ILE ILE A . n 
A 1 49  ALA 49  46  46  ALA ALA A . n 
A 1 50  ALA 50  47  47  ALA ALA A . n 
A 1 51  ILE 51  48  48  ILE ILE A . n 
A 1 52  THR 52  49  49  THR THR A . n 
A 1 53  ALA 53  50  50  ALA ALA A . n 
A 1 54  MET 54  51  51  MET MET A . n 
A 1 55  LYS 55  52  52  LYS LYS A . n 
A 1 56  HIS 56  53  53  HIS HIS A . n 
A 1 57  ALA 57  54  54  ALA ALA A . n 
A 1 58  GLY 58  55  55  GLY GLY A . n 
A 1 59  ALA 59  56  56  ALA ALA A . n 
A 1 60  GLN 60  57  57  GLN GLN A . n 
A 1 61  VAL 61  58  58  VAL VAL A . n 
A 1 62  VAL 62  59  59  VAL VAL A . n 
A 1 63  THR 63  60  60  THR THR A . n 
A 1 64  ALA 64  61  61  ALA ALA A . n 
A 1 65  SER 65  62  62  SER SER A . n 
A 1 66  THR 66  63  63  THR THR A . n 
A 1 67  ASP 67  64  64  ASP ASP A . n 
A 1 68  SER 68  65  65  SER SER A . n 
A 1 69  VAL 69  66  66  VAL VAL A . n 
A 1 70  ASP 70  67  67  ASP ASP A . n 
A 1 71  PHE 71  68  68  PHE PHE A . n 
A 1 72  LEU 72  69  69  LEU LEU A . n 
A 1 73  LYS 73  70  70  LYS LYS A . n 
A 1 74  PRO 74  71  71  PRO PRO A . n 
A 1 75  ILE 75  72  72  ILE ILE A . n 
A 1 76  LYS 76  73  73  LYS LYS A . n 
A 1 77  THR 77  74  74  THR THR A . n 
A 1 78  GLY 78  75  75  GLY GLY A . n 
A 1 79  ASP 79  76  76  ASP ASP A . n 
A 1 80  ILE 80  77  77  ILE ILE A . n 
A 1 81  LEU 81  78  78  LEU LEU A . n 
A 1 82  GLN 82  79  79  GLN GLN A . n 
A 1 83  TYR 83  80  80  TYR TYR A . n 
A 1 84  VAL 84  81  81  VAL VAL A . n 
A 1 85  ALA 85  82  82  ALA ALA A . n 
A 1 86  MET 86  83  83  MET MET A . n 
A 1 87  VAL 87  84  84  VAL VAL A . n 
A 1 88  SER 88  85  85  SER SER A . n 
A 1 89  TYR 89  86  86  TYR TYR A . n 
A 1 90  ALA 90  87  87  ALA ALA A . n 
A 1 91  GLY 91  88  88  GLY GLY A . n 
A 1 92  THR 92  89  89  THR THR A . n 
A 1 93  SER 93  90  90  SER SER A . n 
A 1 94  SER 94  91  91  SER SER A . n 
A 1 95  MET 95  92  92  MET MET A . n 
A 1 96  GLU 96  93  93  GLU GLU A . n 
A 1 97  VAL 97  94  94  VAL VAL A . n 
A 1 98  VAL 98  95  95  VAL VAL A . n 
A 1 99  VAL 99  96  96  VAL VAL A . n 
A 1 100 GLN 100 97  97  GLN GLN A . n 
A 1 101 ILE 101 98  98  ILE ILE A . n 
A 1 102 ARG 102 99  99  ARG ARG A . n 
A 1 103 ILE 103 100 100 ILE ILE A . n 
A 1 104 ASP 104 101 101 ASP ASP A . n 
A 1 105 ASP 105 102 102 ASP ASP A . n 
A 1 106 VAL 106 103 103 VAL VAL A . n 
A 1 107 PHE 107 104 104 PHE PHE A . n 
A 1 108 ASN 108 105 105 ASN ASN A . n 
A 1 109 ASN 109 106 106 ASN ASN A . n 
A 1 110 LYS 110 107 107 LYS LYS A . n 
A 1 111 HIS 111 108 108 HIS HIS A . n 
A 1 112 ASP 112 109 109 ASP ASP A . n 
A 1 113 LEU 113 110 110 LEU LEU A . n 
A 1 114 ALA 114 111 111 ALA ALA A . n 
A 1 115 ALA 115 112 112 ALA ALA A . n 
A 1 116 LEU 116 113 113 LEU LEU A . n 
A 1 117 SER 117 114 114 SER SER A . n 
A 1 118 TYR 118 115 115 TYR TYR A . n 
A 1 119 LEU 119 116 116 LEU LEU A . n 
A 1 120 THR 120 117 117 THR THR A . n 
A 1 121 PHE 121 118 118 PHE PHE A . n 
A 1 122 VAL 122 119 119 VAL VAL A . n 
A 1 123 ALA 123 120 120 ALA ALA A . n 
A 1 124 LEU 124 121 121 LEU LEU A . n 
A 1 125 ASP 125 122 122 ASP ASP A . n 
A 1 126 ASP 126 123 123 ASP ASP A . n 
A 1 127 GLU 127 124 124 GLU GLU A . n 
A 1 128 GLY 128 125 125 GLY GLY A . n 
A 1 129 LYS 129 126 126 LYS LYS A . n 
A 1 130 PRO 130 127 127 PRO PRO A . n 
A 1 131 LYS 131 128 128 LYS LYS A . n 
A 1 132 HIS 132 129 129 HIS HIS A . n 
A 1 133 VAL 133 130 130 VAL VAL A . n 
A 1 134 PRO 134 131 131 PRO PRO A . n 
A 1 135 GLY 135 132 132 GLY GLY A . n 
A 1 136 VAL 136 133 133 VAL VAL A . n 
A 1 137 TYR 137 134 134 TYR TYR A . n 
A 1 138 PRO 138 135 135 PRO PRO A . n 
A 1 139 GLU 139 136 136 GLU GLU A . n 
A 1 140 ASP 140 137 137 ASP ASP A . n 
A 1 141 ASP 141 138 138 ASP ASP A . n 
A 1 142 VAL 142 139 139 VAL VAL A . n 
A 1 143 GLU 143 140 140 GLU GLU A . n 
A 1 144 LYS 144 141 141 LYS LYS A . n 
A 1 145 TRP 145 142 142 TRP TRP A . n 
A 1 146 PHE 146 143 143 PHE PHE A . n 
A 1 147 TYR 147 144 144 TYR TYR A . n 
A 1 148 ASP 148 145 145 ASP ASP A . n 
A 1 149 THR 149 146 146 THR THR A . n 
A 1 150 ALA 150 147 147 ALA ALA A . n 
A 1 151 PRO 151 148 148 PRO PRO A . n 
A 1 152 GLN 152 149 149 GLN GLN A . n 
A 1 153 ARG 153 150 150 ARG ARG A . n 
A 1 154 VAL 154 151 151 VAL VAL A . n 
A 1 155 GLU 155 152 152 GLU GLU A . n 
A 1 156 ARG 156 153 153 ARG ARG A . n 
A 1 157 ARG 157 154 154 ARG ARG A . n 
A 1 158 LYS 158 155 155 LYS LYS A . n 
A 1 159 ALA 159 156 156 ALA ALA A . n 
A 1 160 ARG 160 157 157 ARG ARG A . n 
A 1 161 ARG 161 158 158 ARG ARG A . n 
A 1 162 ILE 162 159 159 ILE ILE A . n 
A 1 163 GLU 163 160 160 GLU GLU A . n 
A 1 164 SER 164 161 161 SER SER A . n 
A 1 165 LYS 165 162 162 LYS LYS A . n 
A 1 166 GLN 166 163 163 GLN GLN A . n 
A 1 167 THR 167 164 164 THR THR A . n 
A 1 168 ILE 168 165 165 ILE ILE A . n 
A 1 169 GLU 169 166 166 GLU GLU A . n 
A 1 170 TYR 170 167 167 TYR TYR A . n 
A 1 171 LEU 171 168 168 LEU LEU A . n 
A 1 172 ALA 172 169 169 ALA ALA A . n 
A 1 173 GLN 173 170 170 GLN GLN A . n 
A 1 174 ALA 174 171 171 ALA ALA A . n 
A 1 175 GLN 175 172 ?   ?   ?   A . n 
A 1 176 HIS 176 173 ?   ?   ?   A . n 
A 1 177 ILE 177 174 ?   ?   ?   A . n 
A 1 178 ARG 178 175 ?   ?   ?   A . n 
A 1 179 ASP 179 176 ?   ?   ?   A . n 
# 
_pdbx_struct_assembly.id                   1 
_pdbx_struct_assembly.details              author_and_software_defined_assembly 
_pdbx_struct_assembly.method_details       PISA 
_pdbx_struct_assembly.oligomeric_details   hexameric 
_pdbx_struct_assembly.oligomeric_count     6 
# 
_pdbx_struct_assembly_gen.assembly_id       1 
_pdbx_struct_assembly_gen.oper_expression   1,2,3,4,5,6 
_pdbx_struct_assembly_gen.asym_id_list      A 
# 
loop_
_pdbx_struct_assembly_prop.biol_id 
_pdbx_struct_assembly_prop.type 
_pdbx_struct_assembly_prop.value 
_pdbx_struct_assembly_prop.details 
1 'ABSA (A^2)' 18470 ? 
1 MORE         -119  ? 
1 'SSA (A^2)'  40070 ? 
# 
loop_
_pdbx_struct_oper_list.id 
_pdbx_struct_oper_list.type 
_pdbx_struct_oper_list.name 
_pdbx_struct_oper_list.symmetry_operation 
_pdbx_struct_oper_list.matrix[1][1] 
_pdbx_struct_oper_list.matrix[1][2] 
_pdbx_struct_oper_list.matrix[1][3] 
_pdbx_struct_oper_list.vector[1] 
_pdbx_struct_oper_list.matrix[2][1] 
_pdbx_struct_oper_list.matrix[2][2] 
_pdbx_struct_oper_list.matrix[2][3] 
_pdbx_struct_oper_list.vector[2] 
_pdbx_struct_oper_list.matrix[3][1] 
_pdbx_struct_oper_list.matrix[3][2] 
_pdbx_struct_oper_list.matrix[3][3] 
_pdbx_struct_oper_list.vector[3] 
1 'identity operation'         1_555  x,y,z            1.0000000000  0.0000000000  0.0000000000  0.0000000000   0.0000000000  1.0000000000  0.0000000000  0.0000000000  0.0000000000  0.0000000000  1.0000000000  0.0000000000  
2 'crystal symmetry operation' 2_445  -y-1,x-y-1,z     -0.4989379197 0.8313839251  0.2446665513  -3.0855708077  -0.8053545440 -0.3405184883 -0.4852331580 37.6849735457 -0.3201015633 -0.4391445413 0.8394564080  12.9165790193 
3 'crystal symmetry operation' 3_545  -x+y,-x-1,z      -0.4989379197 -0.8053545440 -0.3201015633 32.9448735401  0.8313839251  -0.3405184883 -0.4391445413 21.0699693643 0.2446665513  -0.4852331580 0.8394564080  8.1980296651  
4 'crystal symmetry operation' 10_444 -y-1,-x-1,-z-1/2 0.8045208669  -0.5752691372 -0.1476874895 14.1083597510  -0.5752691372 -0.8166080613 0.0470817801  39.2159278899 -0.1476874895 0.0470817801  -0.9879128056 19.6300754837 
5 'crystal symmetry operation' 11_554 -x+y,y,-z-1/2    0.1091646422  0.9296116480  0.3520017967  -11.9606656954 0.9296116480  -0.2208750774 0.2950192946  10.8252438916 0.3520017967  0.2950192946  -0.8882895648 9.0995975097  
6 'crystal symmetry operation' 12_544 x,x-y-1,-z-1/2   -0.9158096697 -0.3803718920 -0.1288792953 27.2815484545  -0.3803718920 0.7185201154  0.5822766247  3.4438299109  -0.1288792953 0.5822766247  -0.8027104457 7.6576029979 
# 
loop_
_pdbx_audit_revision_history.ordinal 
_pdbx_audit_revision_history.data_content_type 
_pdbx_audit_revision_history.major_revision 
_pdbx_audit_revision_history.minor_revision 
_pdbx_audit_revision_history.revision_date 
1 'Structure model' 1 0 2016-02-10 
2 'Structure model' 1 1 2023-09-27 
# 
_pdbx_audit_revision_details.ordinal             1 
_pdbx_audit_revision_details.revision_ordinal    1 
_pdbx_audit_revision_details.data_content_type   'Structure model' 
_pdbx_audit_revision_details.provider            repository 
_pdbx_audit_revision_details.type                'Initial release' 
_pdbx_audit_revision_details.description         ? 
_pdbx_audit_revision_details.details             ? 
# 
loop_
_pdbx_audit_revision_group.ordinal 
_pdbx_audit_revision_group.revision_ordinal 
_pdbx_audit_revision_group.data_content_type 
_pdbx_audit_revision_group.group 
1 2 'Structure model' 'Data collection'        
2 2 'Structure model' 'Database references'    
3 2 'Structure model' 'Derived calculations'   
4 2 'Structure model' 'Refinement description' 
# 
loop_
_pdbx_audit_revision_category.ordinal 
_pdbx_audit_revision_category.revision_ordinal 
_pdbx_audit_revision_category.data_content_type 
_pdbx_audit_revision_category.category 
1 2 'Structure model' chem_comp_atom                
2 2 'Structure model' chem_comp_bond                
3 2 'Structure model' database_2                    
4 2 'Structure model' diffrn_source                 
5 2 'Structure model' pdbx_initial_refinement_model 
6 2 'Structure model' pdbx_prerelease_seq           
7 2 'Structure model' pdbx_struct_oper_list         
# 
loop_
_pdbx_audit_revision_item.ordinal 
_pdbx_audit_revision_item.revision_ordinal 
_pdbx_audit_revision_item.data_content_type 
_pdbx_audit_revision_item.item 
1 2 'Structure model' '_database_2.pdbx_DOI'                      
2 2 'Structure model' '_database_2.pdbx_database_accession'       
3 2 'Structure model' '_diffrn_source.pdbx_synchrotron_site'      
4 2 'Structure model' '_pdbx_struct_oper_list.symmetry_operation' 
# 
loop_
_software.citation_id 
_software.classification 
_software.compiler_name 
_software.compiler_version 
_software.contact_author 
_software.contact_author_email 
_software.date 
_software.description 
_software.dependencies 
_software.hardware 
_software.language 
_software.location 
_software.mods 
_software.name 
_software.os 
_software.os_version 
_software.type 
_software.version 
_software.pdbx_ordinal 
? refinement       ? ? ? ? ? ? ? ? ? ? ? REFMAC  ? ? ? 5.8.0131 1 
? 'data reduction' ? ? ? ? ? ? ? ? ? ? ? iMOSFLM ? ? ? .        2 
? 'data scaling'   ? ? ? ? ? ? ? ? ? ? ? Aimless ? ? ? .        3 
? phasing          ? ? ? ? ? ? ? ? ? ? ? PHASER  ? ? ? .        4 
# 
_pdbx_validate_symm_contact.id                1 
_pdbx_validate_symm_contact.PDB_model_num     1 
_pdbx_validate_symm_contact.auth_atom_id_1    NH2 
_pdbx_validate_symm_contact.auth_asym_id_1    A 
_pdbx_validate_symm_contact.auth_comp_id_1    ARG 
_pdbx_validate_symm_contact.auth_seq_id_1     157 
_pdbx_validate_symm_contact.PDB_ins_code_1    ? 
_pdbx_validate_symm_contact.label_alt_id_1    ? 
_pdbx_validate_symm_contact.site_symmetry_1   1_555 
_pdbx_validate_symm_contact.auth_atom_id_2    NH2 
_pdbx_validate_symm_contact.auth_asym_id_2    A 
_pdbx_validate_symm_contact.auth_comp_id_2    ARG 
_pdbx_validate_symm_contact.auth_seq_id_2     157 
_pdbx_validate_symm_contact.PDB_ins_code_2    ? 
_pdbx_validate_symm_contact.label_alt_id_2    ? 
_pdbx_validate_symm_contact.site_symmetry_2   11_554 
_pdbx_validate_symm_contact.dist              1.66 
# 
loop_
_pdbx_validate_torsion.id 
_pdbx_validate_torsion.PDB_model_num 
_pdbx_validate_torsion.auth_comp_id 
_pdbx_validate_torsion.auth_asym_id 
_pdbx_validate_torsion.auth_seq_id 
_pdbx_validate_torsion.PDB_ins_code 
_pdbx_validate_torsion.label_alt_id 
_pdbx_validate_torsion.phi 
_pdbx_validate_torsion.psi 
1 1 ALA A 28  ? ? -120.48 -60.27  
2 1 ASP A 122 ? ? -73.54  -166.92 
3 1 GLU A 136 ? ? -130.09 -60.02  
4 1 GLN A 170 ? ? -100.12 64.36   
# 
loop_
_pdbx_unobs_or_zero_occ_residues.id 
_pdbx_unobs_or_zero_occ_residues.PDB_model_num 
_pdbx_unobs_or_zero_occ_residues.polymer_flag 
_pdbx_unobs_or_zero_occ_residues.occupancy_flag 
_pdbx_unobs_or_zero_occ_residues.auth_asym_id 
_pdbx_unobs_or_zero_occ_residues.auth_comp_id 
_pdbx_unobs_or_zero_occ_residues.auth_seq_id 
_pdbx_unobs_or_zero_occ_residues.PDB_ins_code 
_pdbx_unobs_or_zero_occ_residues.label_asym_id 
_pdbx_unobs_or_zero_occ_residues.label_comp_id 
_pdbx_unobs_or_zero_occ_residues.label_seq_id 
1  1 Y 1 A SER -2  ? A SER 1   
2  1 Y 1 A ASN -1  ? A ASN 2   
3  1 Y 1 A ALA 0   ? A ALA 3   
4  1 Y 1 A MET 1   ? A MET 4   
5  1 Y 1 A THR 2   ? A THR 5   
6  1 Y 1 A ASN 3   ? A ASN 6   
7  1 Y 1 A GLN 4   ? A GLN 7   
8  1 Y 1 A GLN 172 ? A GLN 175 
9  1 Y 1 A HIS 173 ? A HIS 176 
10 1 Y 1 A ILE 174 ? A ILE 177 
11 1 Y 1 A ARG 175 ? A ARG 178 
12 1 Y 1 A ASP 176 ? A ASP 179 
# 
loop_
_chem_comp_atom.comp_id 
_chem_comp_atom.atom_id 
_chem_comp_atom.type_symbol 
_chem_comp_atom.pdbx_aromatic_flag 
_chem_comp_atom.pdbx_stereo_config 
_chem_comp_atom.pdbx_ordinal 
ALA N    N N N 1   
ALA CA   C N S 2   
ALA C    C N N 3   
ALA O    O N N 4   
ALA CB   C N N 5   
ALA OXT  O N N 6   
ALA H    H N N 7   
ALA H2   H N N 8   
ALA HA   H N N 9   
ALA HB1  H N N 10  
ALA HB2  H N N 11  
ALA HB3  H N N 12  
ALA HXT  H N N 13  
ARG N    N N N 14  
ARG CA   C N S 15  
ARG C    C N N 16  
ARG O    O N N 17  
ARG CB   C N N 18  
ARG CG   C N N 19  
ARG CD   C N N 20  
ARG NE   N N N 21  
ARG CZ   C N N 22  
ARG NH1  N N N 23  
ARG NH2  N N N 24  
ARG OXT  O N N 25  
ARG H    H N N 26  
ARG H2   H N N 27  
ARG HA   H N N 28  
ARG HB2  H N N 29  
ARG HB3  H N N 30  
ARG HG2  H N N 31  
ARG HG3  H N N 32  
ARG HD2  H N N 33  
ARG HD3  H N N 34  
ARG HE   H N N 35  
ARG HH11 H N N 36  
ARG HH12 H N N 37  
ARG HH21 H N N 38  
ARG HH22 H N N 39  
ARG HXT  H N N 40  
ASN N    N N N 41  
ASN CA   C N S 42  
ASN C    C N N 43  
ASN O    O N N 44  
ASN CB   C N N 45  
ASN CG   C N N 46  
ASN OD1  O N N 47  
ASN ND2  N N N 48  
ASN OXT  O N N 49  
ASN H    H N N 50  
ASN H2   H N N 51  
ASN HA   H N N 52  
ASN HB2  H N N 53  
ASN HB3  H N N 54  
ASN HD21 H N N 55  
ASN HD22 H N N 56  
ASN HXT  H N N 57  
ASP N    N N N 58  
ASP CA   C N S 59  
ASP C    C N N 60  
ASP O    O N N 61  
ASP CB   C N N 62  
ASP CG   C N N 63  
ASP OD1  O N N 64  
ASP OD2  O N N 65  
ASP OXT  O N N 66  
ASP H    H N N 67  
ASP H2   H N N 68  
ASP HA   H N N 69  
ASP HB2  H N N 70  
ASP HB3  H N N 71  
ASP HD2  H N N 72  
ASP HXT  H N N 73  
CYS N    N N N 74  
CYS CA   C N R 75  
CYS C    C N N 76  
CYS O    O N N 77  
CYS CB   C N N 78  
CYS SG   S N N 79  
CYS OXT  O N N 80  
CYS H    H N N 81  
CYS H2   H N N 82  
CYS HA   H N N 83  
CYS HB2  H N N 84  
CYS HB3  H N N 85  
CYS HG   H N N 86  
CYS HXT  H N N 87  
GLN N    N N N 88  
GLN CA   C N S 89  
GLN C    C N N 90  
GLN O    O N N 91  
GLN CB   C N N 92  
GLN CG   C N N 93  
GLN CD   C N N 94  
GLN OE1  O N N 95  
GLN NE2  N N N 96  
GLN OXT  O N N 97  
GLN H    H N N 98  
GLN H2   H N N 99  
GLN HA   H N N 100 
GLN HB2  H N N 101 
GLN HB3  H N N 102 
GLN HG2  H N N 103 
GLN HG3  H N N 104 
GLN HE21 H N N 105 
GLN HE22 H N N 106 
GLN HXT  H N N 107 
GLU N    N N N 108 
GLU CA   C N S 109 
GLU C    C N N 110 
GLU O    O N N 111 
GLU CB   C N N 112 
GLU CG   C N N 113 
GLU CD   C N N 114 
GLU OE1  O N N 115 
GLU OE2  O N N 116 
GLU OXT  O N N 117 
GLU H    H N N 118 
GLU H2   H N N 119 
GLU HA   H N N 120 
GLU HB2  H N N 121 
GLU HB3  H N N 122 
GLU HG2  H N N 123 
GLU HG3  H N N 124 
GLU HE2  H N N 125 
GLU HXT  H N N 126 
GLY N    N N N 127 
GLY CA   C N N 128 
GLY C    C N N 129 
GLY O    O N N 130 
GLY OXT  O N N 131 
GLY H    H N N 132 
GLY H2   H N N 133 
GLY HA2  H N N 134 
GLY HA3  H N N 135 
GLY HXT  H N N 136 
HIS N    N N N 137 
HIS CA   C N S 138 
HIS C    C N N 139 
HIS O    O N N 140 
HIS CB   C N N 141 
HIS CG   C Y N 142 
HIS ND1  N Y N 143 
HIS CD2  C Y N 144 
HIS CE1  C Y N 145 
HIS NE2  N Y N 146 
HIS OXT  O N N 147 
HIS H    H N N 148 
HIS H2   H N N 149 
HIS HA   H N N 150 
HIS HB2  H N N 151 
HIS HB3  H N N 152 
HIS HD1  H N N 153 
HIS HD2  H N N 154 
HIS HE1  H N N 155 
HIS HE2  H N N 156 
HIS HXT  H N N 157 
ILE N    N N N 158 
ILE CA   C N S 159 
ILE C    C N N 160 
ILE O    O N N 161 
ILE CB   C N S 162 
ILE CG1  C N N 163 
ILE CG2  C N N 164 
ILE CD1  C N N 165 
ILE OXT  O N N 166 
ILE H    H N N 167 
ILE H2   H N N 168 
ILE HA   H N N 169 
ILE HB   H N N 170 
ILE HG12 H N N 171 
ILE HG13 H N N 172 
ILE HG21 H N N 173 
ILE HG22 H N N 174 
ILE HG23 H N N 175 
ILE HD11 H N N 176 
ILE HD12 H N N 177 
ILE HD13 H N N 178 
ILE HXT  H N N 179 
LEU N    N N N 180 
LEU CA   C N S 181 
LEU C    C N N 182 
LEU O    O N N 183 
LEU CB   C N N 184 
LEU CG   C N N 185 
LEU CD1  C N N 186 
LEU CD2  C N N 187 
LEU OXT  O N N 188 
LEU H    H N N 189 
LEU H2   H N N 190 
LEU HA   H N N 191 
LEU HB2  H N N 192 
LEU HB3  H N N 193 
LEU HG   H N N 194 
LEU HD11 H N N 195 
LEU HD12 H N N 196 
LEU HD13 H N N 197 
LEU HD21 H N N 198 
LEU HD22 H N N 199 
LEU HD23 H N N 200 
LEU HXT  H N N 201 
LYS N    N N N 202 
LYS CA   C N S 203 
LYS C    C N N 204 
LYS O    O N N 205 
LYS CB   C N N 206 
LYS CG   C N N 207 
LYS CD   C N N 208 
LYS CE   C N N 209 
LYS NZ   N N N 210 
LYS OXT  O N N 211 
LYS H    H N N 212 
LYS H2   H N N 213 
LYS HA   H N N 214 
LYS HB2  H N N 215 
LYS HB3  H N N 216 
LYS HG2  H N N 217 
LYS HG3  H N N 218 
LYS HD2  H N N 219 
LYS HD3  H N N 220 
LYS HE2  H N N 221 
LYS HE3  H N N 222 
LYS HZ1  H N N 223 
LYS HZ2  H N N 224 
LYS HZ3  H N N 225 
LYS HXT  H N N 226 
MET N    N N N 227 
MET CA   C N S 228 
MET C    C N N 229 
MET O    O N N 230 
MET CB   C N N 231 
MET CG   C N N 232 
MET SD   S N N 233 
MET CE   C N N 234 
MET OXT  O N N 235 
MET H    H N N 236 
MET H2   H N N 237 
MET HA   H N N 238 
MET HB2  H N N 239 
MET HB3  H N N 240 
MET HG2  H N N 241 
MET HG3  H N N 242 
MET HE1  H N N 243 
MET HE2  H N N 244 
MET HE3  H N N 245 
MET HXT  H N N 246 
PHE N    N N N 247 
PHE CA   C N S 248 
PHE C    C N N 249 
PHE O    O N N 250 
PHE CB   C N N 251 
PHE CG   C Y N 252 
PHE CD1  C Y N 253 
PHE CD2  C Y N 254 
PHE CE1  C Y N 255 
PHE CE2  C Y N 256 
PHE CZ   C Y N 257 
PHE OXT  O N N 258 
PHE H    H N N 259 
PHE H2   H N N 260 
PHE HA   H N N 261 
PHE HB2  H N N 262 
PHE HB3  H N N 263 
PHE HD1  H N N 264 
PHE HD2  H N N 265 
PHE HE1  H N N 266 
PHE HE2  H N N 267 
PHE HZ   H N N 268 
PHE HXT  H N N 269 
PRO N    N N N 270 
PRO CA   C N S 271 
PRO C    C N N 272 
PRO O    O N N 273 
PRO CB   C N N 274 
PRO CG   C N N 275 
PRO CD   C N N 276 
PRO OXT  O N N 277 
PRO H    H N N 278 
PRO HA   H N N 279 
PRO HB2  H N N 280 
PRO HB3  H N N 281 
PRO HG2  H N N 282 
PRO HG3  H N N 283 
PRO HD2  H N N 284 
PRO HD3  H N N 285 
PRO HXT  H N N 286 
SER N    N N N 287 
SER CA   C N S 288 
SER C    C N N 289 
SER O    O N N 290 
SER CB   C N N 291 
SER OG   O N N 292 
SER OXT  O N N 293 
SER H    H N N 294 
SER H2   H N N 295 
SER HA   H N N 296 
SER HB2  H N N 297 
SER HB3  H N N 298 
SER HG   H N N 299 
SER HXT  H N N 300 
THR N    N N N 301 
THR CA   C N S 302 
THR C    C N N 303 
THR O    O N N 304 
THR CB   C N R 305 
THR OG1  O N N 306 
THR CG2  C N N 307 
THR OXT  O N N 308 
THR H    H N N 309 
THR H2   H N N 310 
THR HA   H N N 311 
THR HB   H N N 312 
THR HG1  H N N 313 
THR HG21 H N N 314 
THR HG22 H N N 315 
THR HG23 H N N 316 
THR HXT  H N N 317 
TRP N    N N N 318 
TRP CA   C N S 319 
TRP C    C N N 320 
TRP O    O N N 321 
TRP CB   C N N 322 
TRP CG   C Y N 323 
TRP CD1  C Y N 324 
TRP CD2  C Y N 325 
TRP NE1  N Y N 326 
TRP CE2  C Y N 327 
TRP CE3  C Y N 328 
TRP CZ2  C Y N 329 
TRP CZ3  C Y N 330 
TRP CH2  C Y N 331 
TRP OXT  O N N 332 
TRP H    H N N 333 
TRP H2   H N N 334 
TRP HA   H N N 335 
TRP HB2  H N N 336 
TRP HB3  H N N 337 
TRP HD1  H N N 338 
TRP HE1  H N N 339 
TRP HE3  H N N 340 
TRP HZ2  H N N 341 
TRP HZ3  H N N 342 
TRP HH2  H N N 343 
TRP HXT  H N N 344 
TYR N    N N N 345 
TYR CA   C N S 346 
TYR C    C N N 347 
TYR O    O N N 348 
TYR CB   C N N 349 
TYR CG   C Y N 350 
TYR CD1  C Y N 351 
TYR CD2  C Y N 352 
TYR CE1  C Y N 353 
TYR CE2  C Y N 354 
TYR CZ   C Y N 355 
TYR OH   O N N 356 
TYR OXT  O N N 357 
TYR H    H N N 358 
TYR H2   H N N 359 
TYR HA   H N N 360 
TYR HB2  H N N 361 
TYR HB3  H N N 362 
TYR HD1  H N N 363 
TYR HD2  H N N 364 
TYR HE1  H N N 365 
TYR HE2  H N N 366 
TYR HH   H N N 367 
TYR HXT  H N N 368 
VAL N    N N N 369 
VAL CA   C N S 370 
VAL C    C N N 371 
VAL O    O N N 372 
VAL CB   C N N 373 
VAL CG1  C N N 374 
VAL CG2  C N N 375 
VAL OXT  O N N 376 
VAL H    H N N 377 
VAL H2   H N N 378 
VAL HA   H N N 379 
VAL HB   H N N 380 
VAL HG11 H N N 381 
VAL HG12 H N N 382 
VAL HG13 H N N 383 
VAL HG21 H N N 384 
VAL HG22 H N N 385 
VAL HG23 H N N 386 
VAL HXT  H N N 387 
# 
loop_
_chem_comp_bond.comp_id 
_chem_comp_bond.atom_id_1 
_chem_comp_bond.atom_id_2 
_chem_comp_bond.value_order 
_chem_comp_bond.pdbx_aromatic_flag 
_chem_comp_bond.pdbx_stereo_config 
_chem_comp_bond.pdbx_ordinal 
ALA N   CA   sing N N 1   
ALA N   H    sing N N 2   
ALA N   H2   sing N N 3   
ALA CA  C    sing N N 4   
ALA CA  CB   sing N N 5   
ALA CA  HA   sing N N 6   
ALA C   O    doub N N 7   
ALA C   OXT  sing N N 8   
ALA CB  HB1  sing N N 9   
ALA CB  HB2  sing N N 10  
ALA CB  HB3  sing N N 11  
ALA OXT HXT  sing N N 12  
ARG N   CA   sing N N 13  
ARG N   H    sing N N 14  
ARG N   H2   sing N N 15  
ARG CA  C    sing N N 16  
ARG CA  CB   sing N N 17  
ARG CA  HA   sing N N 18  
ARG C   O    doub N N 19  
ARG C   OXT  sing N N 20  
ARG CB  CG   sing N N 21  
ARG CB  HB2  sing N N 22  
ARG CB  HB3  sing N N 23  
ARG CG  CD   sing N N 24  
ARG CG  HG2  sing N N 25  
ARG CG  HG3  sing N N 26  
ARG CD  NE   sing N N 27  
ARG CD  HD2  sing N N 28  
ARG CD  HD3  sing N N 29  
ARG NE  CZ   sing N N 30  
ARG NE  HE   sing N N 31  
ARG CZ  NH1  sing N N 32  
ARG CZ  NH2  doub N N 33  
ARG NH1 HH11 sing N N 34  
ARG NH1 HH12 sing N N 35  
ARG NH2 HH21 sing N N 36  
ARG NH2 HH22 sing N N 37  
ARG OXT HXT  sing N N 38  
ASN N   CA   sing N N 39  
ASN N   H    sing N N 40  
ASN N   H2   sing N N 41  
ASN CA  C    sing N N 42  
ASN CA  CB   sing N N 43  
ASN CA  HA   sing N N 44  
ASN C   O    doub N N 45  
ASN C   OXT  sing N N 46  
ASN CB  CG   sing N N 47  
ASN CB  HB2  sing N N 48  
ASN CB  HB3  sing N N 49  
ASN CG  OD1  doub N N 50  
ASN CG  ND2  sing N N 51  
ASN ND2 HD21 sing N N 52  
ASN ND2 HD22 sing N N 53  
ASN OXT HXT  sing N N 54  
ASP N   CA   sing N N 55  
ASP N   H    sing N N 56  
ASP N   H2   sing N N 57  
ASP CA  C    sing N N 58  
ASP CA  CB   sing N N 59  
ASP CA  HA   sing N N 60  
ASP C   O    doub N N 61  
ASP C   OXT  sing N N 62  
ASP CB  CG   sing N N 63  
ASP CB  HB2  sing N N 64  
ASP CB  HB3  sing N N 65  
ASP CG  OD1  doub N N 66  
ASP CG  OD2  sing N N 67  
ASP OD2 HD2  sing N N 68  
ASP OXT HXT  sing N N 69  
CYS N   CA   sing N N 70  
CYS N   H    sing N N 71  
CYS N   H2   sing N N 72  
CYS CA  C    sing N N 73  
CYS CA  CB   sing N N 74  
CYS CA  HA   sing N N 75  
CYS C   O    doub N N 76  
CYS C   OXT  sing N N 77  
CYS CB  SG   sing N N 78  
CYS CB  HB2  sing N N 79  
CYS CB  HB3  sing N N 80  
CYS SG  HG   sing N N 81  
CYS OXT HXT  sing N N 82  
GLN N   CA   sing N N 83  
GLN N   H    sing N N 84  
GLN N   H2   sing N N 85  
GLN CA  C    sing N N 86  
GLN CA  CB   sing N N 87  
GLN CA  HA   sing N N 88  
GLN C   O    doub N N 89  
GLN C   OXT  sing N N 90  
GLN CB  CG   sing N N 91  
GLN CB  HB2  sing N N 92  
GLN CB  HB3  sing N N 93  
GLN CG  CD   sing N N 94  
GLN CG  HG2  sing N N 95  
GLN CG  HG3  sing N N 96  
GLN CD  OE1  doub N N 97  
GLN CD  NE2  sing N N 98  
GLN NE2 HE21 sing N N 99  
GLN NE2 HE22 sing N N 100 
GLN OXT HXT  sing N N 101 
GLU N   CA   sing N N 102 
GLU N   H    sing N N 103 
GLU N   H2   sing N N 104 
GLU CA  C    sing N N 105 
GLU CA  CB   sing N N 106 
GLU CA  HA   sing N N 107 
GLU C   O    doub N N 108 
GLU C   OXT  sing N N 109 
GLU CB  CG   sing N N 110 
GLU CB  HB2  sing N N 111 
GLU CB  HB3  sing N N 112 
GLU CG  CD   sing N N 113 
GLU CG  HG2  sing N N 114 
GLU CG  HG3  sing N N 115 
GLU CD  OE1  doub N N 116 
GLU CD  OE2  sing N N 117 
GLU OE2 HE2  sing N N 118 
GLU OXT HXT  sing N N 119 
GLY N   CA   sing N N 120 
GLY N   H    sing N N 121 
GLY N   H2   sing N N 122 
GLY CA  C    sing N N 123 
GLY CA  HA2  sing N N 124 
GLY CA  HA3  sing N N 125 
GLY C   O    doub N N 126 
GLY C   OXT  sing N N 127 
GLY OXT HXT  sing N N 128 
HIS N   CA   sing N N 129 
HIS N   H    sing N N 130 
HIS N   H2   sing N N 131 
HIS CA  C    sing N N 132 
HIS CA  CB   sing N N 133 
HIS CA  HA   sing N N 134 
HIS C   O    doub N N 135 
HIS C   OXT  sing N N 136 
HIS CB  CG   sing N N 137 
HIS CB  HB2  sing N N 138 
HIS CB  HB3  sing N N 139 
HIS CG  ND1  sing Y N 140 
HIS CG  CD2  doub Y N 141 
HIS ND1 CE1  doub Y N 142 
HIS ND1 HD1  sing N N 143 
HIS CD2 NE2  sing Y N 144 
HIS CD2 HD2  sing N N 145 
HIS CE1 NE2  sing Y N 146 
HIS CE1 HE1  sing N N 147 
HIS NE2 HE2  sing N N 148 
HIS OXT HXT  sing N N 149 
ILE N   CA   sing N N 150 
ILE N   H    sing N N 151 
ILE N   H2   sing N N 152 
ILE CA  C    sing N N 153 
ILE CA  CB   sing N N 154 
ILE CA  HA   sing N N 155 
ILE C   O    doub N N 156 
ILE C   OXT  sing N N 157 
ILE CB  CG1  sing N N 158 
ILE CB  CG2  sing N N 159 
ILE CB  HB   sing N N 160 
ILE CG1 CD1  sing N N 161 
ILE CG1 HG12 sing N N 162 
ILE CG1 HG13 sing N N 163 
ILE CG2 HG21 sing N N 164 
ILE CG2 HG22 sing N N 165 
ILE CG2 HG23 sing N N 166 
ILE CD1 HD11 sing N N 167 
ILE CD1 HD12 sing N N 168 
ILE CD1 HD13 sing N N 169 
ILE OXT HXT  sing N N 170 
LEU N   CA   sing N N 171 
LEU N   H    sing N N 172 
LEU N   H2   sing N N 173 
LEU CA  C    sing N N 174 
LEU CA  CB   sing N N 175 
LEU CA  HA   sing N N 176 
LEU C   O    doub N N 177 
LEU C   OXT  sing N N 178 
LEU CB  CG   sing N N 179 
LEU CB  HB2  sing N N 180 
LEU CB  HB3  sing N N 181 
LEU CG  CD1  sing N N 182 
LEU CG  CD2  sing N N 183 
LEU CG  HG   sing N N 184 
LEU CD1 HD11 sing N N 185 
LEU CD1 HD12 sing N N 186 
LEU CD1 HD13 sing N N 187 
LEU CD2 HD21 sing N N 188 
LEU CD2 HD22 sing N N 189 
LEU CD2 HD23 sing N N 190 
LEU OXT HXT  sing N N 191 
LYS N   CA   sing N N 192 
LYS N   H    sing N N 193 
LYS N   H2   sing N N 194 
LYS CA  C    sing N N 195 
LYS CA  CB   sing N N 196 
LYS CA  HA   sing N N 197 
LYS C   O    doub N N 198 
LYS C   OXT  sing N N 199 
LYS CB  CG   sing N N 200 
LYS CB  HB2  sing N N 201 
LYS CB  HB3  sing N N 202 
LYS CG  CD   sing N N 203 
LYS CG  HG2  sing N N 204 
LYS CG  HG3  sing N N 205 
LYS CD  CE   sing N N 206 
LYS CD  HD2  sing N N 207 
LYS CD  HD3  sing N N 208 
LYS CE  NZ   sing N N 209 
LYS CE  HE2  sing N N 210 
LYS CE  HE3  sing N N 211 
LYS NZ  HZ1  sing N N 212 
LYS NZ  HZ2  sing N N 213 
LYS NZ  HZ3  sing N N 214 
LYS OXT HXT  sing N N 215 
MET N   CA   sing N N 216 
MET N   H    sing N N 217 
MET N   H2   sing N N 218 
MET CA  C    sing N N 219 
MET CA  CB   sing N N 220 
MET CA  HA   sing N N 221 
MET C   O    doub N N 222 
MET C   OXT  sing N N 223 
MET CB  CG   sing N N 224 
MET CB  HB2  sing N N 225 
MET CB  HB3  sing N N 226 
MET CG  SD   sing N N 227 
MET CG  HG2  sing N N 228 
MET CG  HG3  sing N N 229 
MET SD  CE   sing N N 230 
MET CE  HE1  sing N N 231 
MET CE  HE2  sing N N 232 
MET CE  HE3  sing N N 233 
MET OXT HXT  sing N N 234 
PHE N   CA   sing N N 235 
PHE N   H    sing N N 236 
PHE N   H2   sing N N 237 
PHE CA  C    sing N N 238 
PHE CA  CB   sing N N 239 
PHE CA  HA   sing N N 240 
PHE C   O    doub N N 241 
PHE C   OXT  sing N N 242 
PHE CB  CG   sing N N 243 
PHE CB  HB2  sing N N 244 
PHE CB  HB3  sing N N 245 
PHE CG  CD1  doub Y N 246 
PHE CG  CD2  sing Y N 247 
PHE CD1 CE1  sing Y N 248 
PHE CD1 HD1  sing N N 249 
PHE CD2 CE2  doub Y N 250 
PHE CD2 HD2  sing N N 251 
PHE CE1 CZ   doub Y N 252 
PHE CE1 HE1  sing N N 253 
PHE CE2 CZ   sing Y N 254 
PHE CE2 HE2  sing N N 255 
PHE CZ  HZ   sing N N 256 
PHE OXT HXT  sing N N 257 
PRO N   CA   sing N N 258 
PRO N   CD   sing N N 259 
PRO N   H    sing N N 260 
PRO CA  C    sing N N 261 
PRO CA  CB   sing N N 262 
PRO CA  HA   sing N N 263 
PRO C   O    doub N N 264 
PRO C   OXT  sing N N 265 
PRO CB  CG   sing N N 266 
PRO CB  HB2  sing N N 267 
PRO CB  HB3  sing N N 268 
PRO CG  CD   sing N N 269 
PRO CG  HG2  sing N N 270 
PRO CG  HG3  sing N N 271 
PRO CD  HD2  sing N N 272 
PRO CD  HD3  sing N N 273 
PRO OXT HXT  sing N N 274 
SER N   CA   sing N N 275 
SER N   H    sing N N 276 
SER N   H2   sing N N 277 
SER CA  C    sing N N 278 
SER CA  CB   sing N N 279 
SER CA  HA   sing N N 280 
SER C   O    doub N N 281 
SER C   OXT  sing N N 282 
SER CB  OG   sing N N 283 
SER CB  HB2  sing N N 284 
SER CB  HB3  sing N N 285 
SER OG  HG   sing N N 286 
SER OXT HXT  sing N N 287 
THR N   CA   sing N N 288 
THR N   H    sing N N 289 
THR N   H2   sing N N 290 
THR CA  C    sing N N 291 
THR CA  CB   sing N N 292 
THR CA  HA   sing N N 293 
THR C   O    doub N N 294 
THR C   OXT  sing N N 295 
THR CB  OG1  sing N N 296 
THR CB  CG2  sing N N 297 
THR CB  HB   sing N N 298 
THR OG1 HG1  sing N N 299 
THR CG2 HG21 sing N N 300 
THR CG2 HG22 sing N N 301 
THR CG2 HG23 sing N N 302 
THR OXT HXT  sing N N 303 
TRP N   CA   sing N N 304 
TRP N   H    sing N N 305 
TRP N   H2   sing N N 306 
TRP CA  C    sing N N 307 
TRP CA  CB   sing N N 308 
TRP CA  HA   sing N N 309 
TRP C   O    doub N N 310 
TRP C   OXT  sing N N 311 
TRP CB  CG   sing N N 312 
TRP CB  HB2  sing N N 313 
TRP CB  HB3  sing N N 314 
TRP CG  CD1  doub Y N 315 
TRP CG  CD2  sing Y N 316 
TRP CD1 NE1  sing Y N 317 
TRP CD1 HD1  sing N N 318 
TRP CD2 CE2  doub Y N 319 
TRP CD2 CE3  sing Y N 320 
TRP NE1 CE2  sing Y N 321 
TRP NE1 HE1  sing N N 322 
TRP CE2 CZ2  sing Y N 323 
TRP CE3 CZ3  doub Y N 324 
TRP CE3 HE3  sing N N 325 
TRP CZ2 CH2  doub Y N 326 
TRP CZ2 HZ2  sing N N 327 
TRP CZ3 CH2  sing Y N 328 
TRP CZ3 HZ3  sing N N 329 
TRP CH2 HH2  sing N N 330 
TRP OXT HXT  sing N N 331 
TYR N   CA   sing N N 332 
TYR N   H    sing N N 333 
TYR N   H2   sing N N 334 
TYR CA  C    sing N N 335 
TYR CA  CB   sing N N 336 
TYR CA  HA   sing N N 337 
TYR C   O    doub N N 338 
TYR C   OXT  sing N N 339 
TYR CB  CG   sing N N 340 
TYR CB  HB2  sing N N 341 
TYR CB  HB3  sing N N 342 
TYR CG  CD1  doub Y N 343 
TYR CG  CD2  sing Y N 344 
TYR CD1 CE1  sing Y N 345 
TYR CD1 HD1  sing N N 346 
TYR CD2 CE2  doub Y N 347 
TYR CD2 HD2  sing N N 348 
TYR CE1 CZ   doub Y N 349 
TYR CE1 HE1  sing N N 350 
TYR CE2 CZ   sing Y N 351 
TYR CE2 HE2  sing N N 352 
TYR CZ  OH   sing N N 353 
TYR OH  HH   sing N N 354 
TYR OXT HXT  sing N N 355 
VAL N   CA   sing N N 356 
VAL N   H    sing N N 357 
VAL N   H2   sing N N 358 
VAL CA  C    sing N N 359 
VAL CA  CB   sing N N 360 
VAL CA  HA   sing N N 361 
VAL C   O    doub N N 362 
VAL C   OXT  sing N N 363 
VAL CB  CG1  sing N N 364 
VAL CB  CG2  sing N N 365 
VAL CB  HB   sing N N 366 
VAL CG1 HG11 sing N N 367 
VAL CG1 HG12 sing N N 368 
VAL CG1 HG13 sing N N 369 
VAL CG2 HG21 sing N N 370 
VAL CG2 HG22 sing N N 371 
VAL CG2 HG23 sing N N 372 
VAL OXT HXT  sing N N 373 
# 
_pdbx_initial_refinement_model.id               1 
_pdbx_initial_refinement_model.entity_id_list   ? 
_pdbx_initial_refinement_model.type             'experimental model' 
_pdbx_initial_refinement_model.source_name      PDB 
_pdbx_initial_refinement_model.accession_code   4NCP 
_pdbx_initial_refinement_model.details          ? 
# 
